data_3ID5
#
_entry.id   3ID5
#
_cell.length_a   265.485
_cell.length_b   265.485
_cell.length_c   129.434
_cell.angle_alpha   90.000
_cell.angle_beta   90.000
_cell.angle_gamma   90.000
#
_symmetry.space_group_name_H-M   'P 41 21 2'
#
loop_
_entity.id
_entity.type
_entity.pdbx_description
1 polymer 'Pre mRNA splicing protein'
2 polymer "Fibrillarin-like rRNA/tRNA 2'-O-methyltransferase"
3 polymer '50S ribosomal protein L7Ae'
4 polymer 'half C/D RNA'
5 non-polymer S-ADENOSYLMETHIONINE
#
loop_
_entity_poly.entity_id
_entity_poly.type
_entity_poly.pdbx_seq_one_letter_code
_entity_poly.pdbx_strand_id
1 'polypeptide(L)'
;MVKIYLIEHVIGAVAYDENGNIVDYITNPRDLGKITEELLNNEKGIPFSATVELLKKVNPQEVVVENEAEVPKLQALGYR
VSYEPYSKVSRIFRESLPKVAIDIKFASNEEDYYNFLHELSLEYTRRKLRSAAQKRDLLAIQAVRAMDDIDKTINLFSER
LREWYSIHFPELDKLIEDHEEYATIVSRFGDRGFLTIDSLKELGFNEQRINRILDAAKKSIGADISEDDLSAMRMIANTI
LDLYNIRRNLNNYLEGVMKEVAPNVTALVGPALGARLLSIAGSLDELAKMPASTIQVLGAEKALFRALRSGGRPPKHGII
FQYPAIHTSPRWQRGKIARALAAKLAIAARVDAFSGRFIGDQLNEQLKKRIDEIKEKFAQHHHHHHHH
;
A,E
2 'polypeptide(L)'
;MAEVITVKQTNMENIYECEFNDGSFRLCTRNLVPNFNVYGERLIKYEGVEYREWNAFRSKLAGAILKGLKTNPIRKGTKV
LYLGAASGTTISHVSDIIELNGKAYGVEFSPRVVRELLLVAQRRPNIFPLLADARFPQSYKSVVENVDVLYVDIAQPDQT
DIAIYNAKFFLKVNGDMLLVIKARSIDVTKDPKEIYKTEVEKLENSNFETIQIINLDPYDKDHAIVLSKYKG
;
B,F
3 'polypeptide(L)'
;MDAMSKASYVKFEVPQDLADKVLEAVRKAKESGKIKKGTNETTKAVERGQAKLVIIAEDVQPEEIVAHLPLLCDEKKIPY
VYVSSKKALGEACGLQVATASAAILEPGEAKDLVDEIIKRVNEIKGKTSS
;
C,G
4 'polyribonucleotide' GGGGCGCCCUCUGAGCGUUCGCGCUGUGAUGAAUU D,H
#
# COMPACT_ATOMS: atom_id res chain seq x y z
N VAL A 2 39.03 19.79 -55.35
CA VAL A 2 37.61 19.68 -54.89
C VAL A 2 37.47 18.55 -53.85
N LYS A 3 37.94 18.83 -52.64
CA LYS A 3 37.88 17.87 -51.53
C LYS A 3 36.61 18.09 -50.71
N ILE A 4 35.87 17.01 -50.49
CA ILE A 4 34.61 17.07 -49.75
C ILE A 4 34.69 16.30 -48.43
N TYR A 5 34.26 16.95 -47.35
CA TYR A 5 34.11 16.29 -46.06
C TYR A 5 32.69 15.78 -45.92
N LEU A 6 32.55 14.49 -45.64
CA LEU A 6 31.25 13.86 -45.57
C LEU A 6 30.78 13.73 -44.13
N ILE A 7 29.57 14.25 -43.89
CA ILE A 7 28.92 14.13 -42.59
C ILE A 7 27.66 13.28 -42.74
N GLU A 8 27.57 12.25 -41.90
CA GLU A 8 26.39 11.41 -41.82
C GLU A 8 25.74 11.58 -40.46
N HIS A 9 24.44 11.86 -40.47
CA HIS A 9 23.71 12.19 -39.25
C HIS A 9 22.25 11.78 -39.40
N VAL A 10 21.51 11.87 -38.30
CA VAL A 10 20.08 11.62 -38.29
C VAL A 10 19.35 12.42 -39.38
N ILE A 11 19.69 13.69 -39.54
CA ILE A 11 19.05 14.58 -40.52
C ILE A 11 19.32 14.16 -41.98
N GLY A 12 20.47 13.51 -42.20
CA GLY A 12 20.82 13.04 -43.54
C GLY A 12 22.31 13.03 -43.80
N ALA A 13 22.67 13.17 -45.08
CA ALA A 13 24.07 13.25 -45.48
C ALA A 13 24.38 14.65 -46.00
N VAL A 14 25.43 15.25 -45.45
CA VAL A 14 25.80 16.61 -45.80
C VAL A 14 27.26 16.67 -46.26
N ALA A 15 27.47 17.26 -47.42
CA ALA A 15 28.81 17.44 -47.96
C ALA A 15 29.33 18.84 -47.67
N TYR A 16 30.49 18.91 -47.03
CA TYR A 16 31.13 20.17 -46.71
C TYR A 16 32.42 20.34 -47.49
N ASP A 17 32.87 21.59 -47.62
CA ASP A 17 34.19 21.87 -48.16
C ASP A 17 35.19 21.93 -47.01
N GLU A 18 36.44 22.29 -47.30
CA GLU A 18 37.50 22.31 -46.29
C GLU A 18 37.31 23.36 -45.19
N ASN A 19 36.43 24.33 -45.43
CA ASN A 19 36.25 25.46 -44.51
C ASN A 19 34.89 25.51 -43.80
N GLY A 20 34.12 24.44 -43.91
CA GLY A 20 32.85 24.32 -43.20
C GLY A 20 31.66 24.97 -43.88
N ASN A 21 31.71 25.05 -45.20
CA ASN A 21 30.58 25.55 -45.99
C ASN A 21 29.86 24.40 -46.68
N ILE A 22 28.53 24.41 -46.63
CA ILE A 22 27.72 23.36 -47.21
C ILE A 22 27.82 23.37 -48.73
N VAL A 23 28.19 22.24 -49.31
CA VAL A 23 28.34 22.12 -50.76
C VAL A 23 27.06 21.54 -51.36
N ASP A 24 26.56 20.46 -50.77
CA ASP A 24 25.31 19.85 -51.18
C ASP A 24 24.83 18.89 -50.10
N TYR A 25 23.52 18.65 -50.04
CA TYR A 25 22.94 17.78 -49.04
C TYR A 25 21.82 16.91 -49.60
N ILE A 26 21.67 15.70 -49.06
CA ILE A 26 20.46 14.92 -49.27
C ILE A 26 19.84 14.58 -47.93
N THR A 27 18.63 15.08 -47.73
CA THR A 27 17.93 15.01 -46.46
C THR A 27 17.28 13.64 -46.25
N ASN A 28 17.49 13.07 -45.05
CA ASN A 28 16.79 11.86 -44.64
C ASN A 28 15.29 12.12 -44.44
N PRO A 29 14.45 11.16 -44.85
CA PRO A 29 13.01 11.31 -44.59
C PRO A 29 12.70 11.04 -43.11
N ARG A 30 11.66 11.68 -42.59
CA ARG A 30 11.29 11.55 -41.18
C ARG A 30 10.61 10.21 -40.88
N ASP A 31 11.28 9.12 -41.26
CA ASP A 31 10.81 7.77 -40.94
C ASP A 31 11.73 7.16 -39.89
N LEU A 32 11.15 6.78 -38.75
CA LEU A 32 11.91 6.19 -37.66
C LEU A 32 12.49 4.83 -38.04
N GLY A 33 11.69 4.03 -38.74
CA GLY A 33 12.10 2.69 -39.18
C GLY A 33 13.33 2.68 -40.06
N LYS A 34 13.38 3.58 -41.04
CA LYS A 34 14.49 3.67 -41.98
C LYS A 34 15.78 4.19 -41.33
N ILE A 35 15.68 5.31 -40.62
CA ILE A 35 16.85 5.94 -40.00
C ILE A 35 17.50 5.03 -38.96
N THR A 36 16.68 4.31 -38.20
CA THR A 36 17.20 3.36 -37.22
C THR A 36 18.03 2.28 -37.89
N GLU A 37 17.47 1.67 -38.93
CA GLU A 37 18.12 0.57 -39.63
C GLU A 37 19.42 1.00 -40.31
N GLU A 38 19.40 2.18 -40.93
CA GLU A 38 20.60 2.73 -41.58
C GLU A 38 21.67 3.11 -40.56
N LEU A 39 21.25 3.50 -39.37
CA LEU A 39 22.18 3.82 -38.28
C LEU A 39 22.92 2.59 -37.76
N LEU A 40 22.24 1.44 -37.75
CA LEU A 40 22.86 0.16 -37.36
C LEU A 40 23.88 -0.27 -38.41
N ASN A 41 23.56 0.03 -39.67
CA ASN A 41 24.45 -0.26 -40.79
C ASN A 41 25.67 0.64 -40.79
N ASN A 42 25.51 1.87 -40.32
CA ASN A 42 26.61 2.83 -40.24
C ASN A 42 27.71 2.41 -39.26
N GLU A 43 27.33 1.62 -38.25
CA GLU A 43 28.28 1.04 -37.30
C GLU A 43 29.19 0.01 -37.95
N LYS A 44 28.62 -0.77 -38.88
CA LYS A 44 29.38 -1.76 -39.64
C LYS A 44 30.15 -1.14 -40.79
N GLY A 45 29.74 0.06 -41.20
CA GLY A 45 30.44 0.80 -42.25
C GLY A 45 29.65 1.01 -43.54
N ILE A 46 28.42 0.51 -43.57
CA ILE A 46 27.54 0.72 -44.73
C ILE A 46 26.98 2.14 -44.66
N PRO A 47 27.16 2.92 -45.75
CA PRO A 47 26.73 4.31 -45.75
C PRO A 47 25.22 4.43 -45.86
N PHE A 48 24.67 5.60 -45.52
CA PHE A 48 23.27 5.89 -45.75
C PHE A 48 22.99 5.90 -47.25
N SER A 49 21.79 5.47 -47.63
CA SER A 49 21.35 5.56 -49.02
C SER A 49 21.37 7.02 -49.45
N ALA A 50 21.23 7.91 -48.46
CA ALA A 50 21.33 9.35 -48.67
C ALA A 50 22.74 9.77 -49.06
N THR A 51 23.74 9.03 -48.57
CA THR A 51 25.14 9.29 -48.90
C THR A 51 25.45 8.85 -50.33
N VAL A 52 24.99 7.65 -50.69
CA VAL A 52 25.16 7.12 -52.04
C VAL A 52 24.58 8.08 -53.08
N GLU A 53 23.38 8.59 -52.79
CA GLU A 53 22.73 9.60 -53.63
C GLU A 53 23.52 10.92 -53.66
N LEU A 54 24.01 11.34 -52.50
CA LEU A 54 24.79 12.57 -52.40
C LEU A 54 26.09 12.48 -53.20
N LEU A 55 26.81 11.37 -53.05
CA LEU A 55 28.07 11.17 -53.75
C LEU A 55 27.90 11.04 -55.25
N LYS A 56 26.73 10.54 -55.68
CA LYS A 56 26.39 10.46 -57.09
C LYS A 56 26.23 11.85 -57.70
N LYS A 57 25.59 12.76 -56.96
CA LYS A 57 25.33 14.10 -57.49
C LYS A 57 26.46 15.11 -57.24
N VAL A 58 27.64 14.61 -56.92
CA VAL A 58 28.82 15.46 -56.75
C VAL A 58 30.07 14.83 -57.41
N ASN A 59 30.15 13.50 -57.37
CA ASN A 59 31.36 12.73 -57.75
C ASN A 59 32.69 13.46 -57.51
N PRO A 60 33.05 13.64 -56.22
CA PRO A 60 34.19 14.45 -55.82
C PRO A 60 35.54 13.84 -56.17
N GLN A 61 36.59 14.64 -56.06
CA GLN A 61 37.96 14.16 -56.27
C GLN A 61 38.38 13.27 -55.11
N GLU A 62 38.16 13.76 -53.90
CA GLU A 62 38.51 13.04 -52.67
C GLU A 62 37.44 13.28 -51.62
N VAL A 63 36.99 12.20 -50.98
CA VAL A 63 36.07 12.30 -49.85
C VAL A 63 36.71 11.85 -48.55
N VAL A 64 36.36 12.53 -47.46
CA VAL A 64 36.89 12.22 -46.14
C VAL A 64 35.75 12.02 -45.14
N VAL A 65 35.68 10.81 -44.58
CA VAL A 65 34.53 10.39 -43.78
C VAL A 65 34.84 10.39 -42.28
N GLU A 66 33.78 10.57 -41.49
CA GLU A 66 33.84 10.59 -40.03
C GLU A 66 34.25 9.25 -39.43
N ASN A 67 33.74 8.17 -40.01
CA ASN A 67 33.90 6.83 -39.45
C ASN A 67 34.81 5.95 -40.31
N GLU A 68 35.79 5.33 -39.67
CA GLU A 68 36.80 4.53 -40.37
C GLU A 68 36.29 3.19 -40.91
N ALA A 69 35.13 2.76 -40.44
CA ALA A 69 34.53 1.51 -40.88
C ALA A 69 33.96 1.61 -42.29
N GLU A 70 33.75 2.85 -42.76
CA GLU A 70 33.15 3.11 -44.08
C GLU A 70 34.15 3.09 -45.21
N VAL A 71 35.38 3.53 -44.93
CA VAL A 71 36.44 3.69 -45.93
C VAL A 71 36.45 2.60 -47.04
N PRO A 72 36.51 1.30 -46.67
CA PRO A 72 36.48 0.28 -47.71
C PRO A 72 35.16 0.27 -48.51
N LYS A 73 34.04 0.38 -47.80
CA LYS A 73 32.71 0.31 -48.42
C LYS A 73 32.43 1.45 -49.40
N LEU A 74 33.12 2.57 -49.22
CA LEU A 74 32.99 3.70 -50.14
C LEU A 74 34.04 3.66 -51.25
N GLN A 75 35.15 2.97 -50.98
CA GLN A 75 36.17 2.75 -51.99
C GLN A 75 35.72 1.70 -53.00
N ALA A 76 34.76 0.87 -52.59
CA ALA A 76 34.17 -0.14 -53.46
C ALA A 76 33.36 0.47 -54.59
N LEU A 77 32.88 1.70 -54.39
CA LEU A 77 32.14 2.42 -55.43
C LEU A 77 33.08 3.17 -56.37
N GLY A 78 34.36 3.27 -55.99
CA GLY A 78 35.37 3.89 -56.84
C GLY A 78 35.69 5.34 -56.48
N TYR A 79 35.52 5.68 -55.20
CA TYR A 79 35.85 7.00 -54.71
C TYR A 79 37.19 6.97 -53.97
N ARG A 80 37.90 8.10 -54.00
CA ARG A 80 39.11 8.26 -53.21
C ARG A 80 38.70 8.65 -51.79
N VAL A 81 38.92 7.74 -50.85
CA VAL A 81 38.42 7.92 -49.47
C VAL A 81 39.55 8.05 -48.46
N SER A 82 39.39 9.00 -47.53
CA SER A 82 40.29 9.15 -46.39
C SER A 82 39.50 9.27 -45.09
N TYR A 83 40.21 9.34 -43.96
CA TYR A 83 39.57 9.30 -42.64
C TYR A 83 40.18 10.29 -41.63
N GLU A 84 39.37 11.28 -41.24
CA GLU A 84 39.68 12.16 -40.11
C GLU A 84 38.70 11.89 -38.98
N PRO A 85 39.20 11.75 -37.74
CA PRO A 85 38.34 11.38 -36.61
C PRO A 85 37.50 12.56 -36.12
N TYR A 86 38.13 13.47 -35.38
CA TYR A 86 37.46 14.68 -34.90
C TYR A 86 37.84 15.87 -35.76
N SER A 87 37.36 15.84 -37.01
CA SER A 87 37.67 16.87 -37.99
C SER A 87 37.00 18.20 -37.65
N LYS A 88 37.72 19.30 -37.93
CA LYS A 88 37.23 20.65 -37.69
C LYS A 88 35.91 20.91 -38.42
N VAL A 89 35.69 20.15 -39.49
CA VAL A 89 34.45 20.24 -40.25
C VAL A 89 33.30 19.60 -39.48
N SER A 90 33.52 18.37 -39.03
CA SER A 90 32.49 17.59 -38.33
C SER A 90 32.00 18.29 -37.06
N ARG A 91 32.90 18.95 -36.35
CA ARG A 91 32.53 19.75 -35.18
C ARG A 91 31.64 20.92 -35.58
N ILE A 92 32.09 21.71 -36.55
CA ILE A 92 31.34 22.87 -37.06
C ILE A 92 29.90 22.50 -37.42
N PHE A 93 29.72 21.31 -37.97
CA PHE A 93 28.40 20.77 -38.25
C PHE A 93 27.56 20.67 -36.98
N ARG A 94 28.13 20.05 -35.95
CA ARG A 94 27.44 19.82 -34.69
C ARG A 94 27.29 21.09 -33.84
N GLU A 95 28.15 22.08 -34.09
CA GLU A 95 28.07 23.38 -33.43
C GLU A 95 26.78 24.11 -33.81
N SER A 96 26.33 23.85 -35.04
CA SER A 96 25.14 24.51 -35.59
C SER A 96 24.03 23.50 -35.88
N LEU A 97 24.00 22.41 -35.12
CA LEU A 97 23.06 21.31 -35.35
C LEU A 97 21.57 21.65 -35.14
N PRO A 98 21.24 22.50 -34.12
CA PRO A 98 19.82 22.84 -33.99
C PRO A 98 19.29 23.57 -35.23
N LYS A 99 20.15 24.36 -35.87
CA LYS A 99 19.77 25.18 -37.01
C LYS A 99 19.77 24.43 -38.34
N VAL A 100 20.89 23.76 -38.68
CA VAL A 100 21.04 23.09 -39.97
C VAL A 100 19.96 22.03 -40.26
N ALA A 101 19.34 21.52 -39.19
CA ALA A 101 18.21 20.60 -39.30
C ALA A 101 17.03 21.27 -40.02
N ILE A 102 16.80 22.55 -39.69
CA ILE A 102 15.79 23.35 -40.35
C ILE A 102 16.29 23.83 -41.70
N ASP A 103 17.59 24.13 -41.78
CA ASP A 103 18.22 24.65 -43.00
C ASP A 103 18.21 23.65 -44.16
N ILE A 104 18.43 22.37 -43.86
CA ILE A 104 18.36 21.33 -44.90
C ILE A 104 16.93 20.80 -45.06
N LYS A 105 16.00 21.40 -44.32
CA LYS A 105 14.57 21.08 -44.38
C LYS A 105 14.24 19.66 -43.92
N PHE A 106 14.89 19.24 -42.84
CA PHE A 106 14.54 17.99 -42.17
C PHE A 106 13.36 18.23 -41.24
N ALA A 107 13.31 19.44 -40.67
CA ALA A 107 12.23 19.82 -39.76
C ALA A 107 11.84 21.29 -39.96
N SER A 108 10.63 21.63 -39.53
CA SER A 108 10.11 23.00 -39.67
C SER A 108 10.66 23.93 -38.59
N ASN A 109 10.78 23.41 -37.37
CA ASN A 109 11.31 24.18 -36.24
C ASN A 109 12.17 23.35 -35.28
N GLU A 110 12.65 23.97 -34.21
CA GLU A 110 13.50 23.28 -33.24
C GLU A 110 12.74 22.21 -32.45
N GLU A 111 11.54 22.56 -31.99
CA GLU A 111 10.74 21.70 -31.12
C GLU A 111 10.52 20.29 -31.70
N ASP A 112 9.99 20.21 -32.92
CA ASP A 112 9.65 18.92 -33.53
C ASP A 112 10.89 18.12 -33.98
N TYR A 113 12.02 18.81 -34.16
CA TYR A 113 13.29 18.13 -34.41
C TYR A 113 13.72 17.32 -33.19
N TYR A 114 13.76 18.00 -32.04
CA TYR A 114 14.09 17.33 -30.78
C TYR A 114 12.99 16.36 -30.36
N ASN A 115 11.75 16.63 -30.78
CA ASN A 115 10.64 15.68 -30.59
C ASN A 115 10.78 14.46 -31.48
N PHE A 116 11.45 14.61 -32.62
CA PHE A 116 11.79 13.48 -33.47
C PHE A 116 13.00 12.75 -32.90
N LEU A 117 14.04 13.51 -32.56
CA LEU A 117 15.30 12.95 -32.04
C LEU A 117 15.05 12.14 -30.78
N HIS A 118 14.01 12.53 -30.04
CA HIS A 118 13.61 11.84 -28.82
C HIS A 118 13.01 10.47 -29.15
N GLU A 119 12.01 10.46 -30.03
CA GLU A 119 11.40 9.22 -30.51
C GLU A 119 12.43 8.28 -31.12
N LEU A 120 13.44 8.86 -31.76
CA LEU A 120 14.51 8.10 -32.39
C LEU A 120 15.44 7.49 -31.35
N SER A 121 16.04 8.34 -30.52
CA SER A 121 16.99 7.88 -29.49
C SER A 121 16.40 6.73 -28.69
N LEU A 122 15.09 6.77 -28.46
CA LEU A 122 14.39 5.70 -27.78
C LEU A 122 14.33 4.43 -28.65
N GLU A 123 13.94 4.58 -29.91
CA GLU A 123 13.85 3.45 -30.83
C GLU A 123 15.20 2.80 -31.13
N TYR A 124 16.18 3.63 -31.50
CA TYR A 124 17.52 3.15 -31.83
C TYR A 124 18.08 2.28 -30.72
N THR A 125 17.95 2.73 -29.48
CA THR A 125 18.51 2.04 -28.33
C THR A 125 17.63 0.90 -27.84
N ARG A 126 16.51 0.68 -28.53
CA ARG A 126 15.69 -0.50 -28.28
C ARG A 126 15.97 -1.58 -29.32
N ARG A 127 16.45 -1.15 -30.49
CA ARG A 127 16.81 -2.08 -31.56
C ARG A 127 18.05 -2.87 -31.17
N LYS A 128 18.99 -2.21 -30.50
CA LYS A 128 20.20 -2.87 -30.01
C LYS A 128 19.84 -3.80 -28.85
N LEU A 129 18.66 -3.60 -28.28
CA LEU A 129 18.10 -4.48 -27.25
C LEU A 129 17.16 -5.53 -27.84
N ARG A 130 16.72 -5.32 -29.08
CA ARG A 130 15.67 -6.14 -29.68
C ARG A 130 16.05 -7.62 -29.89
N SER A 131 17.33 -7.86 -30.18
CA SER A 131 17.89 -9.21 -30.09
C SER A 131 18.09 -9.51 -28.60
N ALA A 132 16.95 -9.66 -27.90
CA ALA A 132 16.86 -9.52 -26.46
C ALA A 132 17.31 -10.70 -25.61
N ALA A 133 17.19 -10.51 -24.30
CA ALA A 133 17.28 -11.57 -23.28
C ALA A 133 15.99 -12.38 -23.28
N GLN A 134 15.51 -12.66 -24.49
CA GLN A 134 14.29 -13.42 -24.77
C GLN A 134 13.06 -12.97 -23.99
N LYS A 135 12.66 -13.77 -22.99
CA LYS A 135 11.37 -13.63 -22.31
C LYS A 135 11.12 -12.23 -21.76
N ARG A 136 10.30 -11.48 -22.49
CA ARG A 136 9.97 -10.10 -22.19
C ARG A 136 8.46 -9.91 -22.37
N ASP A 137 7.90 -10.65 -23.33
CA ASP A 137 6.47 -10.63 -23.65
C ASP A 137 5.60 -11.11 -22.49
N LEU A 138 6.04 -12.18 -21.83
CA LEU A 138 5.33 -12.76 -20.69
C LEU A 138 5.28 -11.81 -19.50
N LEU A 139 6.31 -11.00 -19.36
CA LEU A 139 6.39 -9.97 -18.32
C LEU A 139 5.35 -8.88 -18.54
N ALA A 140 5.21 -8.44 -19.79
CA ALA A 140 4.21 -7.46 -20.16
C ALA A 140 2.80 -7.98 -19.88
N ILE A 141 2.59 -9.28 -20.14
CA ILE A 141 1.31 -9.94 -19.84
C ILE A 141 1.01 -9.85 -18.35
N GLN A 142 2.01 -10.18 -17.53
CA GLN A 142 1.88 -10.09 -16.09
C GLN A 142 1.67 -8.65 -15.62
N ALA A 143 2.20 -7.71 -16.37
CA ALA A 143 2.08 -6.30 -16.03
C ALA A 143 0.66 -5.77 -16.27
N VAL A 144 0.08 -6.13 -17.41
CA VAL A 144 -1.27 -5.69 -17.78
C VAL A 144 -2.35 -6.44 -16.99
N ARG A 145 -2.05 -7.68 -16.60
CA ARG A 145 -2.97 -8.44 -15.76
C ARG A 145 -3.00 -7.88 -14.35
N ALA A 146 -1.85 -7.37 -13.89
CA ALA A 146 -1.75 -6.72 -12.58
C ALA A 146 -2.57 -5.44 -12.54
N MET A 147 -2.56 -4.70 -13.65
CA MET A 147 -3.33 -3.47 -13.79
C MET A 147 -4.83 -3.76 -13.70
N ASP A 148 -5.26 -4.86 -14.31
CA ASP A 148 -6.64 -5.34 -14.19
C ASP A 148 -6.94 -5.83 -12.78
N ASP A 149 -5.93 -6.39 -12.11
CA ASP A 149 -6.05 -6.86 -10.73
C ASP A 149 -6.08 -5.71 -9.73
N ILE A 150 -5.46 -4.58 -10.10
CA ILE A 150 -5.47 -3.39 -9.27
C ILE A 150 -6.80 -2.64 -9.40
N ASP A 151 -7.26 -2.47 -10.64
CA ASP A 151 -8.55 -1.84 -10.91
C ASP A 151 -9.71 -2.59 -10.23
N LYS A 152 -9.61 -3.91 -10.20
CA LYS A 152 -10.61 -4.78 -9.56
C LYS A 152 -10.51 -4.64 -8.04
N THR A 153 -9.32 -4.37 -7.54
CA THR A 153 -9.08 -4.18 -6.11
C THR A 153 -9.58 -2.80 -5.65
N ILE A 154 -9.27 -1.76 -6.41
CA ILE A 154 -9.69 -0.40 -6.07
C ILE A 154 -11.19 -0.32 -5.81
N ASN A 155 -11.99 -0.88 -6.72
CA ASN A 155 -13.44 -0.94 -6.57
C ASN A 155 -13.90 -1.63 -5.29
N LEU A 156 -13.16 -2.65 -4.86
CA LEU A 156 -13.49 -3.38 -3.64
C LEU A 156 -13.20 -2.56 -2.39
N PHE A 157 -12.06 -1.87 -2.38
CA PHE A 157 -11.66 -1.05 -1.23
C PHE A 157 -12.43 0.26 -1.14
N SER A 158 -12.67 0.90 -2.27
CA SER A 158 -13.42 2.15 -2.31
C SER A 158 -14.87 1.96 -1.87
N GLU A 159 -15.47 0.86 -2.29
CA GLU A 159 -16.83 0.51 -1.89
C GLU A 159 -16.91 0.32 -0.37
N ARG A 160 -15.91 -0.38 0.17
CA ARG A 160 -15.80 -0.62 1.61
C ARG A 160 -15.48 0.68 2.37
N LEU A 161 -14.67 1.54 1.76
CA LEU A 161 -14.31 2.83 2.36
C LEU A 161 -15.50 3.78 2.38
N ARG A 162 -16.29 3.74 1.30
CA ARG A 162 -17.50 4.56 1.22
C ARG A 162 -18.54 4.14 2.25
N GLU A 163 -18.75 2.83 2.36
CA GLU A 163 -19.72 2.27 3.30
C GLU A 163 -19.30 2.50 4.75
N TRP A 164 -17.99 2.49 4.99
CA TRP A 164 -17.42 2.76 6.30
C TRP A 164 -17.56 4.23 6.65
N TYR A 165 -17.12 5.11 5.74
CA TYR A 165 -17.09 6.55 5.97
C TYR A 165 -18.48 7.18 6.00
N SER A 166 -19.46 6.53 5.39
CA SER A 166 -20.84 7.00 5.39
C SER A 166 -21.42 7.07 6.81
N ILE A 167 -20.83 6.30 7.72
CA ILE A 167 -21.20 6.33 9.15
C ILE A 167 -20.94 7.70 9.75
N HIS A 168 -19.86 8.34 9.31
CA HIS A 168 -19.51 9.67 9.77
C HIS A 168 -20.07 10.76 8.85
N PHE A 169 -20.22 10.42 7.57
CA PHE A 169 -20.62 11.39 6.56
C PHE A 169 -21.36 10.68 5.41
N PRO A 170 -22.70 10.55 5.53
CA PRO A 170 -23.49 9.86 4.53
C PRO A 170 -23.66 10.67 3.25
N GLU A 171 -23.62 11.99 3.38
CA GLU A 171 -23.83 12.91 2.25
C GLU A 171 -22.72 12.84 1.20
N LEU A 172 -21.53 12.43 1.62
CA LEU A 172 -20.35 12.42 0.74
C LEU A 172 -20.38 11.32 -0.31
N ASP A 173 -21.05 10.21 0.01
CA ASP A 173 -21.10 9.03 -0.86
C ASP A 173 -21.66 9.30 -2.26
N LYS A 174 -22.69 10.14 -2.33
CA LYS A 174 -23.35 10.46 -3.59
C LYS A 174 -22.86 11.77 -4.22
N LEU A 175 -22.09 12.54 -3.46
CA LEU A 175 -21.56 13.82 -3.94
C LEU A 175 -20.40 13.69 -4.92
N ILE A 176 -19.53 12.70 -4.67
CA ILE A 176 -18.40 12.41 -5.56
C ILE A 176 -18.40 10.94 -5.97
N GLU A 177 -18.68 10.69 -7.25
CA GLU A 177 -18.68 9.32 -7.78
C GLU A 177 -17.26 8.83 -8.14
N ASP A 178 -16.29 9.73 -8.08
CA ASP A 178 -14.88 9.39 -8.29
C ASP A 178 -14.29 8.78 -7.03
N HIS A 179 -13.82 7.54 -7.15
CA HIS A 179 -13.29 6.77 -6.01
C HIS A 179 -12.01 7.38 -5.44
N GLU A 180 -11.21 8.00 -6.30
CA GLU A 180 -9.94 8.60 -5.91
C GLU A 180 -10.14 9.81 -5.01
N GLU A 181 -10.89 10.80 -5.52
CA GLU A 181 -11.15 12.04 -4.78
C GLU A 181 -11.73 11.76 -3.40
N TYR A 182 -12.60 10.75 -3.32
CA TYR A 182 -13.22 10.34 -2.06
C TYR A 182 -12.16 9.94 -1.04
N ALA A 183 -11.22 9.10 -1.45
CA ALA A 183 -10.15 8.62 -0.57
C ALA A 183 -9.16 9.72 -0.18
N THR A 184 -9.03 10.72 -1.03
CA THR A 184 -8.13 11.85 -0.78
C THR A 184 -8.64 12.71 0.38
N ILE A 185 -9.95 12.90 0.44
CA ILE A 185 -10.60 13.69 1.49
C ILE A 185 -10.46 12.99 2.84
N VAL A 186 -10.62 11.67 2.85
CA VAL A 186 -10.49 10.87 4.06
C VAL A 186 -9.04 10.86 4.56
N SER A 187 -8.09 10.96 3.63
CA SER A 187 -6.67 10.89 3.94
C SER A 187 -6.14 12.09 4.71
N ARG A 188 -6.37 13.29 4.17
CA ARG A 188 -5.76 14.51 4.72
C ARG A 188 -6.60 15.18 5.80
N PHE A 189 -7.86 14.78 5.95
CA PHE A 189 -8.78 15.47 6.86
C PHE A 189 -9.30 14.62 8.01
N GLY A 190 -10.11 13.61 7.70
CA GLY A 190 -10.71 12.75 8.71
C GLY A 190 -12.08 13.23 9.15
N ASP A 191 -12.11 14.05 10.21
CA ASP A 191 -13.36 14.59 10.74
C ASP A 191 -13.91 15.67 9.81
N ARG A 192 -15.24 15.73 9.70
CA ARG A 192 -15.92 16.68 8.82
C ARG A 192 -15.51 18.13 9.10
N GLY A 193 -15.55 18.51 10.39
CA GLY A 193 -15.27 19.88 10.82
C GLY A 193 -13.82 20.33 10.67
N PHE A 194 -13.06 19.59 9.89
CA PHE A 194 -11.66 19.94 9.56
C PHE A 194 -11.54 20.48 8.15
N LEU A 195 -12.69 20.64 7.47
CA LEU A 195 -12.74 21.09 6.09
C LEU A 195 -12.97 22.60 5.98
N THR A 196 -12.15 23.25 5.17
CA THR A 196 -12.26 24.69 4.92
C THR A 196 -12.50 24.93 3.42
N ILE A 197 -12.92 26.15 3.08
CA ILE A 197 -13.15 26.55 1.69
C ILE A 197 -11.83 26.53 0.90
N ASP A 198 -10.77 27.05 1.50
CA ASP A 198 -9.44 27.10 0.86
C ASP A 198 -8.73 25.75 0.82
N SER A 199 -9.12 24.85 1.71
CA SER A 199 -8.56 23.49 1.77
C SER A 199 -9.04 22.61 0.63
N LEU A 200 -10.23 22.94 0.10
CA LEU A 200 -10.84 22.16 -0.98
C LEU A 200 -10.39 22.61 -2.37
N LYS A 201 -10.06 23.90 -2.50
CA LYS A 201 -9.52 24.44 -3.76
C LYS A 201 -8.09 23.93 -4.02
N GLU A 202 -7.40 23.53 -2.97
CA GLU A 202 -6.05 22.98 -3.07
C GLU A 202 -6.03 21.60 -3.72
N LEU A 203 -7.21 21.12 -4.12
CA LEU A 203 -7.36 19.85 -4.81
C LEU A 203 -7.95 19.99 -6.21
N GLY A 204 -8.45 21.20 -6.50
CA GLY A 204 -8.97 21.53 -7.82
C GLY A 204 -10.47 21.33 -7.94
N PHE A 205 -11.23 22.04 -7.10
CA PHE A 205 -12.68 21.96 -7.11
C PHE A 205 -13.33 23.30 -7.43
N ASN A 206 -14.37 23.26 -8.26
CA ASN A 206 -15.16 24.45 -8.59
C ASN A 206 -16.08 24.86 -7.44
N GLU A 207 -16.42 26.14 -7.38
CA GLU A 207 -17.18 26.72 -6.27
C GLU A 207 -18.62 26.19 -6.11
N GLN A 208 -19.16 25.60 -7.17
CA GLN A 208 -20.54 25.09 -7.15
C GLN A 208 -20.70 23.79 -6.35
N ARG A 209 -19.60 23.05 -6.21
CA ARG A 209 -19.61 21.82 -5.41
C ARG A 209 -19.05 22.00 -4.00
N ILE A 210 -18.18 23.00 -3.82
CA ILE A 210 -17.63 23.32 -2.51
C ILE A 210 -18.73 23.73 -1.54
N ASN A 211 -19.67 24.54 -2.03
CA ASN A 211 -20.81 25.00 -1.24
C ASN A 211 -21.90 23.93 -1.04
N ARG A 212 -21.77 22.82 -1.77
CA ARG A 212 -22.63 21.65 -1.57
C ARG A 212 -22.08 20.75 -0.46
N ILE A 213 -20.75 20.67 -0.38
CA ILE A 213 -20.06 19.79 0.58
C ILE A 213 -20.12 20.36 2.00
N LEU A 214 -19.68 21.61 2.15
CA LEU A 214 -19.64 22.26 3.46
C LEU A 214 -21.02 22.56 4.05
N ASP A 215 -22.01 22.70 3.17
CA ASP A 215 -23.40 22.84 3.59
C ASP A 215 -23.95 21.50 4.07
N ALA A 216 -23.39 20.42 3.52
CA ALA A 216 -23.74 19.06 3.94
C ALA A 216 -22.94 18.61 5.16
N ALA A 217 -21.82 19.29 5.40
CA ALA A 217 -20.95 19.01 6.55
C ALA A 217 -21.62 19.36 7.87
N LYS A 218 -22.30 20.50 7.91
CA LYS A 218 -23.03 20.94 9.10
C LYS A 218 -24.36 20.21 9.22
N LYS A 219 -25.03 20.01 8.07
CA LYS A 219 -26.30 19.28 8.01
C LYS A 219 -26.12 17.77 7.94
N SER A 220 -25.06 17.27 8.58
CA SER A 220 -24.76 15.84 8.57
C SER A 220 -25.65 15.06 9.53
N ILE A 221 -26.27 13.99 9.04
CA ILE A 221 -27.13 13.13 9.85
C ILE A 221 -26.27 12.13 10.62
N GLY A 222 -25.08 11.87 10.10
CA GLY A 222 -24.15 10.90 10.68
C GLY A 222 -23.68 11.24 12.09
N ALA A 223 -23.22 10.21 12.81
CA ALA A 223 -22.82 10.34 14.20
C ALA A 223 -21.36 10.78 14.36
N ASP A 224 -21.05 11.33 15.54
CA ASP A 224 -19.70 11.76 15.88
C ASP A 224 -18.73 10.59 15.88
N ILE A 225 -17.53 10.83 15.35
CA ILE A 225 -16.48 9.81 15.31
C ILE A 225 -15.19 10.27 15.95
N SER A 226 -14.46 9.32 16.53
CA SER A 226 -13.21 9.59 17.22
C SER A 226 -12.01 8.92 16.54
N GLU A 227 -10.82 9.29 16.99
CA GLU A 227 -9.56 9.04 16.26
C GLU A 227 -9.13 7.58 16.09
N ASP A 228 -9.82 6.65 16.76
CA ASP A 228 -9.65 5.22 16.47
C ASP A 228 -10.13 4.96 15.06
N ASP A 229 -11.37 5.36 14.82
CA ASP A 229 -12.05 5.13 13.55
C ASP A 229 -11.36 5.89 12.42
N LEU A 230 -10.92 7.11 12.70
CA LEU A 230 -10.23 7.91 11.69
C LEU A 230 -8.92 7.27 11.24
N SER A 231 -8.09 6.86 12.20
CA SER A 231 -6.81 6.19 11.91
C SER A 231 -7.02 4.86 11.20
N ALA A 232 -8.13 4.20 11.49
CA ALA A 232 -8.49 2.94 10.86
C ALA A 232 -8.99 3.15 9.42
N MET A 233 -9.89 4.11 9.25
CA MET A 233 -10.40 4.47 7.92
C MET A 233 -9.28 4.94 7.01
N ARG A 234 -8.34 5.70 7.57
CA ARG A 234 -7.21 6.26 6.83
C ARG A 234 -6.30 5.18 6.23
N MET A 235 -6.17 4.05 6.93
CA MET A 235 -5.36 2.93 6.46
C MET A 235 -5.82 2.47 5.09
N ILE A 236 -7.12 2.31 4.93
CA ILE A 236 -7.71 1.92 3.65
C ILE A 236 -7.63 3.08 2.66
N ALA A 237 -7.99 4.27 3.14
CA ALA A 237 -7.96 5.48 2.32
C ALA A 237 -6.61 5.75 1.66
N ASN A 238 -5.53 5.59 2.43
CA ASN A 238 -4.17 5.78 1.93
C ASN A 238 -3.70 4.66 0.99
N THR A 239 -4.20 3.46 1.25
CA THR A 239 -3.92 2.30 0.41
C THR A 239 -4.58 2.45 -0.96
N ILE A 240 -5.81 2.98 -0.98
CA ILE A 240 -6.48 3.30 -2.23
C ILE A 240 -5.66 4.30 -3.02
N LEU A 241 -5.16 5.33 -2.35
CA LEU A 241 -4.30 6.33 -2.98
C LEU A 241 -2.98 5.75 -3.46
N ASP A 242 -2.47 4.75 -2.75
CA ASP A 242 -1.26 4.04 -3.16
C ASP A 242 -1.50 3.26 -4.44
N LEU A 243 -2.57 2.48 -4.45
CA LEU A 243 -2.93 1.65 -5.62
C LEU A 243 -3.19 2.50 -6.86
N TYR A 244 -3.83 3.65 -6.66
CA TYR A 244 -4.05 4.62 -7.73
C TYR A 244 -2.74 5.12 -8.35
N ASN A 245 -1.70 5.21 -7.53
CA ASN A 245 -0.36 5.55 -8.02
C ASN A 245 0.32 4.38 -8.70
N ILE A 246 0.24 3.20 -8.09
CA ILE A 246 0.86 1.98 -8.61
C ILE A 246 0.33 1.63 -10.00
N ARG A 247 -0.98 1.84 -10.20
CA ARG A 247 -1.62 1.59 -11.49
C ARG A 247 -1.08 2.52 -12.58
N ARG A 248 -1.00 3.81 -12.28
CA ARG A 248 -0.45 4.81 -13.19
C ARG A 248 1.03 4.58 -13.46
N ASN A 249 1.73 4.04 -12.45
CA ASN A 249 3.15 3.76 -12.58
C ASN A 249 3.44 2.49 -13.37
N LEU A 250 2.57 1.48 -13.22
CA LEU A 250 2.68 0.26 -14.01
C LEU A 250 2.41 0.54 -15.48
N ASN A 251 1.49 1.46 -15.74
CA ASN A 251 1.17 1.88 -17.11
C ASN A 251 2.37 2.50 -17.82
N ASN A 252 3.21 3.21 -17.06
CA ASN A 252 4.44 3.78 -17.58
C ASN A 252 5.49 2.70 -17.83
N TYR A 253 5.51 1.69 -16.96
CA TYR A 253 6.35 0.51 -17.14
C TYR A 253 5.90 -0.31 -18.34
N LEU A 254 4.58 -0.41 -18.51
CA LEU A 254 3.99 -1.16 -19.61
C LEU A 254 4.47 -0.62 -20.95
N GLU A 255 4.45 0.70 -21.11
CA GLU A 255 4.88 1.36 -22.34
C GLU A 255 6.33 1.03 -22.68
N GLY A 256 7.17 0.99 -21.65
CA GLY A 256 8.60 0.70 -21.81
C GLY A 256 8.91 -0.71 -22.25
N VAL A 257 8.05 -1.65 -21.84
CA VAL A 257 8.19 -3.04 -22.23
C VAL A 257 7.54 -3.27 -23.59
N MET A 258 6.37 -2.67 -23.78
CA MET A 258 5.59 -2.86 -25.00
C MET A 258 6.30 -2.32 -26.24
N LYS A 259 6.96 -1.17 -26.10
CA LYS A 259 7.72 -0.59 -27.20
C LYS A 259 9.05 -1.31 -27.46
N GLU A 260 9.48 -2.13 -26.52
CA GLU A 260 10.73 -2.89 -26.65
C GLU A 260 10.48 -4.27 -27.28
N VAL A 261 9.44 -4.96 -26.81
CA VAL A 261 9.19 -6.34 -27.23
C VAL A 261 8.40 -6.47 -28.54
N ALA A 262 7.36 -5.64 -28.70
CA ALA A 262 6.53 -5.65 -29.90
C ALA A 262 6.12 -4.23 -30.30
N PRO A 263 7.07 -3.44 -30.83
CA PRO A 263 6.86 -2.01 -31.08
C PRO A 263 5.88 -1.72 -32.22
N ASN A 264 5.76 -2.66 -33.15
CA ASN A 264 4.88 -2.48 -34.31
C ASN A 264 3.40 -2.68 -33.96
N VAL A 265 3.12 -3.58 -33.02
CA VAL A 265 1.76 -3.78 -32.52
C VAL A 265 1.34 -2.55 -31.71
N THR A 266 2.27 -2.04 -30.90
CA THR A 266 2.05 -0.89 -30.03
C THR A 266 1.68 0.38 -30.79
N ALA A 267 2.38 0.62 -31.91
CA ALA A 267 2.15 1.81 -32.72
C ALA A 267 0.75 1.86 -33.33
N LEU A 268 0.15 0.68 -33.52
CA LEU A 268 -1.20 0.59 -34.08
C LEU A 268 -2.29 0.83 -33.05
N VAL A 269 -2.33 0.00 -32.01
CA VAL A 269 -3.44 0.00 -31.04
C VAL A 269 -3.18 0.82 -29.78
N GLY A 270 -1.90 0.94 -29.42
CA GLY A 270 -1.51 1.54 -28.14
C GLY A 270 -0.82 0.52 -27.25
N PRO A 271 -0.30 0.98 -26.10
CA PRO A 271 0.40 0.05 -25.20
C PRO A 271 -0.57 -0.90 -24.51
N ALA A 272 -1.64 -0.35 -23.93
CA ALA A 272 -2.58 -1.12 -23.12
C ALA A 272 -3.37 -2.16 -23.92
N LEU A 273 -3.89 -1.77 -25.08
CA LEU A 273 -4.68 -2.66 -25.93
C LEU A 273 -3.82 -3.79 -26.49
N GLY A 274 -2.59 -3.46 -26.88
CA GLY A 274 -1.63 -4.43 -27.39
C GLY A 274 -1.19 -5.42 -26.33
N ALA A 275 -1.03 -4.95 -25.11
CA ALA A 275 -0.71 -5.80 -23.97
C ALA A 275 -1.83 -6.79 -23.70
N ARG A 276 -3.05 -6.28 -23.70
CA ARG A 276 -4.22 -7.08 -23.37
C ARG A 276 -4.49 -8.15 -24.42
N LEU A 277 -4.01 -7.92 -25.64
CA LEU A 277 -4.10 -8.90 -26.72
C LEU A 277 -3.16 -10.09 -26.46
N LEU A 278 -1.96 -9.79 -25.96
CA LEU A 278 -0.98 -10.80 -25.64
C LEU A 278 -1.42 -11.69 -24.48
N SER A 279 -2.21 -11.11 -23.57
CA SER A 279 -2.75 -11.83 -22.42
C SER A 279 -3.64 -13.00 -22.81
N ILE A 280 -4.46 -12.79 -23.85
CA ILE A 280 -5.38 -13.82 -24.33
C ILE A 280 -4.65 -14.90 -25.11
N ALA A 281 -3.64 -14.50 -25.88
CA ALA A 281 -2.86 -15.41 -26.71
C ALA A 281 -1.98 -16.36 -25.88
N GLY A 282 -1.21 -15.79 -24.98
CA GLY A 282 -0.29 -16.56 -24.13
C GLY A 282 1.15 -16.11 -24.25
N SER A 283 1.55 -15.77 -25.48
CA SER A 283 2.89 -15.25 -25.77
C SER A 283 2.86 -14.42 -27.05
N LEU A 284 4.01 -13.85 -27.41
CA LEU A 284 4.13 -13.08 -28.65
C LEU A 284 4.08 -14.01 -29.87
N ASP A 285 4.79 -15.12 -29.79
CA ASP A 285 4.83 -16.11 -30.87
C ASP A 285 3.45 -16.66 -31.21
N GLU A 286 2.62 -16.84 -30.18
CA GLU A 286 1.26 -17.35 -30.35
C GLU A 286 0.30 -16.33 -30.94
N LEU A 287 0.69 -15.06 -30.94
CA LEU A 287 -0.09 -14.03 -31.61
C LEU A 287 0.23 -13.99 -33.11
N ALA A 288 1.48 -14.32 -33.45
CA ALA A 288 1.93 -14.37 -34.84
C ALA A 288 1.31 -15.57 -35.58
N LYS A 289 1.12 -16.66 -34.86
CA LYS A 289 0.52 -17.88 -35.41
C LYS A 289 -0.99 -17.76 -35.58
N MET A 290 -1.59 -16.81 -34.86
CA MET A 290 -2.99 -16.49 -35.02
C MET A 290 -3.19 -15.62 -36.26
N PRO A 291 -3.97 -16.12 -37.24
CA PRO A 291 -4.21 -15.36 -38.47
C PRO A 291 -5.13 -14.15 -38.24
N ALA A 292 -5.24 -13.30 -39.25
CA ALA A 292 -5.99 -12.04 -39.17
C ALA A 292 -7.43 -12.21 -38.66
N SER A 293 -8.07 -13.31 -39.02
CA SER A 293 -9.45 -13.59 -38.64
C SER A 293 -9.61 -13.92 -37.16
N THR A 294 -8.58 -14.56 -36.59
CA THR A 294 -8.59 -14.96 -35.18
C THR A 294 -8.38 -13.78 -34.23
N ILE A 295 -7.51 -12.85 -34.64
CA ILE A 295 -7.22 -11.65 -33.85
C ILE A 295 -8.49 -10.81 -33.66
N GLN A 296 -9.25 -10.65 -34.74
CA GLN A 296 -10.47 -9.85 -34.74
C GLN A 296 -11.52 -10.34 -33.75
N VAL A 297 -11.49 -11.63 -33.43
CA VAL A 297 -12.51 -12.25 -32.58
C VAL A 297 -11.96 -12.72 -31.24
N LEU A 298 -10.98 -12.01 -30.70
CA LEU A 298 -10.39 -12.39 -29.42
C LEU A 298 -11.22 -11.98 -28.20
N GLY A 299 -12.53 -12.22 -28.31
CA GLY A 299 -13.45 -12.15 -27.18
C GLY A 299 -13.78 -13.55 -26.72
N ALA A 300 -13.73 -14.49 -27.68
CA ALA A 300 -13.88 -15.94 -27.43
C ALA A 300 -15.25 -16.41 -26.94
N GLU A 301 -16.05 -15.50 -26.38
CA GLU A 301 -17.36 -15.85 -25.84
C GLU A 301 -18.48 -15.70 -26.87
N LYS A 302 -18.32 -14.74 -27.78
CA LYS A 302 -19.31 -14.45 -28.82
C LYS A 302 -19.30 -15.49 -29.94
N ALA A 303 -18.11 -15.96 -30.30
CA ALA A 303 -17.95 -16.94 -31.39
C ALA A 303 -18.37 -18.36 -30.99
N LEU A 304 -18.20 -18.69 -29.71
CA LEU A 304 -18.50 -20.02 -29.20
C LEU A 304 -20.00 -20.28 -29.01
N PHE A 305 -20.82 -19.28 -29.32
CA PHE A 305 -22.27 -19.37 -29.14
C PHE A 305 -23.01 -19.76 -30.42
N ARG A 306 -22.54 -19.27 -31.57
CA ARG A 306 -23.19 -19.52 -32.85
C ARG A 306 -23.03 -20.96 -33.31
N ARG A 313 -18.85 -11.83 -25.23
CA ARG A 313 -18.27 -11.17 -24.05
C ARG A 313 -18.64 -9.69 -24.04
N PRO A 314 -18.47 -9.03 -22.86
CA PRO A 314 -18.68 -7.61 -22.61
C PRO A 314 -17.90 -6.78 -23.63
N PRO A 315 -18.62 -5.89 -24.38
CA PRO A 315 -18.23 -5.17 -25.59
C PRO A 315 -17.85 -6.17 -26.68
N LYS A 316 -18.87 -6.76 -27.29
CA LYS A 316 -18.77 -8.00 -28.08
C LYS A 316 -17.80 -7.96 -29.28
N HIS A 317 -18.36 -7.88 -30.49
CA HIS A 317 -17.65 -8.08 -31.78
C HIS A 317 -16.19 -7.60 -31.84
N GLY A 318 -15.29 -8.41 -31.26
CA GLY A 318 -13.89 -8.08 -31.14
C GLY A 318 -13.56 -7.30 -29.88
N ILE A 319 -12.51 -7.72 -29.18
CA ILE A 319 -11.97 -6.98 -28.03
C ILE A 319 -11.20 -5.76 -28.53
N ILE A 320 -10.87 -5.77 -29.82
CA ILE A 320 -10.05 -4.75 -30.45
C ILE A 320 -10.78 -3.41 -30.69
N PHE A 321 -12.09 -3.38 -30.46
CA PHE A 321 -12.91 -2.22 -30.83
C PHE A 321 -12.71 -0.98 -29.94
N GLN A 322 -12.02 -1.18 -28.83
CA GLN A 322 -11.62 -0.08 -27.93
C GLN A 322 -10.77 0.97 -28.66
N TYR A 323 -10.29 0.61 -29.86
CA TYR A 323 -9.56 1.50 -30.76
C TYR A 323 -10.45 2.69 -31.16
N PRO A 324 -9.97 3.92 -30.93
CA PRO A 324 -10.69 5.18 -31.14
C PRO A 324 -11.41 5.33 -32.49
N ALA A 325 -10.99 4.56 -33.49
CA ALA A 325 -11.62 4.64 -34.82
C ALA A 325 -12.85 3.73 -34.94
N ILE A 326 -12.96 2.75 -34.05
CA ILE A 326 -14.13 1.86 -34.01
C ILE A 326 -15.11 2.31 -32.92
N HIS A 327 -14.64 3.20 -32.05
CA HIS A 327 -15.43 3.70 -30.92
C HIS A 327 -16.14 5.03 -31.23
N THR A 328 -15.44 5.92 -31.93
CA THR A 328 -15.99 7.23 -32.31
C THR A 328 -16.96 7.10 -33.49
N SER A 329 -16.56 6.31 -34.48
CA SER A 329 -17.38 6.07 -35.68
C SER A 329 -18.63 5.25 -35.36
N PRO A 330 -19.75 5.55 -36.06
CA PRO A 330 -21.06 4.92 -35.85
C PRO A 330 -21.08 3.39 -36.00
N ARG A 331 -22.23 2.78 -35.68
CA ARG A 331 -22.38 1.33 -35.52
C ARG A 331 -22.22 0.49 -36.78
N TRP A 332 -22.50 1.08 -37.94
CA TRP A 332 -22.49 0.32 -39.20
C TRP A 332 -21.11 0.17 -39.84
N GLN A 333 -20.19 1.07 -39.51
CA GLN A 333 -18.83 1.04 -40.05
C GLN A 333 -17.93 0.05 -39.31
N ARG A 334 -18.37 -0.39 -38.13
CA ARG A 334 -17.55 -1.16 -37.20
C ARG A 334 -17.06 -2.51 -37.73
N GLY A 335 -17.88 -3.16 -38.55
CA GLY A 335 -17.53 -4.44 -39.15
C GLY A 335 -16.36 -4.36 -40.11
N LYS A 336 -16.37 -3.31 -40.94
CA LYS A 336 -15.37 -3.13 -41.99
C LYS A 336 -14.02 -2.63 -41.46
N ILE A 337 -14.05 -1.88 -40.36
CA ILE A 337 -12.82 -1.37 -39.74
C ILE A 337 -12.11 -2.46 -38.94
N ALA A 338 -12.89 -3.28 -38.24
CA ALA A 338 -12.36 -4.36 -37.41
C ALA A 338 -11.48 -5.33 -38.20
N ARG A 339 -11.84 -5.59 -39.45
CA ARG A 339 -11.06 -6.43 -40.34
C ARG A 339 -9.72 -5.77 -40.66
N ALA A 340 -9.78 -4.50 -41.07
CA ALA A 340 -8.60 -3.74 -41.45
C ALA A 340 -7.57 -3.65 -40.33
N LEU A 341 -8.04 -3.45 -39.10
CA LEU A 341 -7.16 -3.39 -37.93
C LEU A 341 -6.52 -4.74 -37.67
N ALA A 342 -7.33 -5.79 -37.70
CA ALA A 342 -6.87 -7.15 -37.43
C ALA A 342 -5.90 -7.67 -38.49
N ALA A 343 -6.08 -7.22 -39.72
CA ALA A 343 -5.18 -7.56 -40.81
C ALA A 343 -3.80 -6.95 -40.60
N LYS A 344 -3.77 -5.67 -40.19
CA LYS A 344 -2.52 -4.96 -39.91
C LYS A 344 -1.90 -5.40 -38.60
N LEU A 345 -2.74 -5.86 -37.67
CA LEU A 345 -2.27 -6.43 -36.41
C LEU A 345 -1.56 -7.75 -36.66
N ALA A 346 -2.07 -8.53 -37.61
CA ALA A 346 -1.47 -9.81 -37.99
C ALA A 346 -0.02 -9.59 -38.43
N ILE A 347 0.18 -8.65 -39.35
CA ILE A 347 1.52 -8.30 -39.84
C ILE A 347 2.40 -7.84 -38.68
N ALA A 348 1.86 -6.94 -37.86
CA ALA A 348 2.58 -6.36 -36.73
C ALA A 348 3.07 -7.42 -35.73
N ALA A 349 2.27 -8.47 -35.56
CA ALA A 349 2.63 -9.57 -34.68
C ALA A 349 3.81 -10.35 -35.25
N ARG A 350 3.70 -10.75 -36.51
CA ARG A 350 4.71 -11.59 -37.18
C ARG A 350 6.03 -10.85 -37.37
N VAL A 351 5.96 -9.54 -37.58
CA VAL A 351 7.14 -8.73 -37.81
C VAL A 351 7.91 -8.49 -36.50
N ASP A 352 7.21 -8.57 -35.38
CA ASP A 352 7.82 -8.45 -34.07
C ASP A 352 8.25 -9.80 -33.51
N ALA A 353 7.67 -10.87 -34.06
CA ALA A 353 8.03 -12.24 -33.70
C ALA A 353 9.37 -12.64 -34.30
N PHE A 354 9.64 -12.16 -35.50
CA PHE A 354 10.97 -12.26 -36.12
C PHE A 354 11.95 -11.30 -35.44
N SER A 355 11.40 -10.32 -34.72
CA SER A 355 12.16 -9.22 -34.10
C SER A 355 12.75 -8.32 -35.18
N GLY A 356 11.87 -7.89 -36.09
CA GLY A 356 12.26 -7.05 -37.22
C GLY A 356 12.25 -5.58 -36.90
N ARG A 357 12.24 -4.77 -37.97
CA ARG A 357 12.35 -3.32 -37.87
C ARG A 357 11.07 -2.64 -37.37
N PHE A 358 10.99 -1.33 -37.57
CA PHE A 358 9.80 -0.56 -37.25
C PHE A 358 9.07 -0.19 -38.54
N ILE A 359 7.81 -0.64 -38.64
CA ILE A 359 6.96 -0.34 -39.79
C ILE A 359 5.63 0.30 -39.36
N GLY A 360 5.62 0.88 -38.16
CA GLY A 360 4.44 1.53 -37.61
C GLY A 360 4.04 2.81 -38.32
N ASP A 361 5.06 3.55 -38.79
CA ASP A 361 4.83 4.81 -39.51
C ASP A 361 4.16 4.62 -40.87
N GLN A 362 4.36 3.46 -41.50
CA GLN A 362 3.65 3.13 -42.74
C GLN A 362 2.32 2.40 -42.50
N LEU A 363 2.30 1.51 -41.51
CA LEU A 363 1.09 0.75 -41.19
C LEU A 363 -0.06 1.63 -40.70
N ASN A 364 0.25 2.62 -39.88
CA ASN A 364 -0.74 3.61 -39.45
C ASN A 364 -1.25 4.47 -40.60
N GLU A 365 -0.37 4.74 -41.55
CA GLU A 365 -0.73 5.51 -42.75
C GLU A 365 -1.51 4.64 -43.74
N GLN A 366 -1.25 3.33 -43.70
CA GLN A 366 -1.98 2.36 -44.52
C GLN A 366 -3.39 2.12 -43.99
N LEU A 367 -3.52 2.15 -42.66
CA LEU A 367 -4.82 2.00 -42.01
C LEU A 367 -5.64 3.28 -42.12
N LYS A 368 -4.95 4.42 -42.00
CA LYS A 368 -5.58 5.74 -42.10
C LYS A 368 -6.21 5.97 -43.47
N LYS A 369 -5.53 5.53 -44.52
CA LYS A 369 -6.03 5.62 -45.89
C LYS A 369 -7.29 4.78 -46.11
N ARG A 370 -7.34 3.62 -45.46
CA ARG A 370 -8.47 2.70 -45.62
C ARG A 370 -9.65 3.06 -44.72
N ILE A 371 -9.37 3.66 -43.56
CA ILE A 371 -10.42 4.19 -42.69
C ILE A 371 -11.09 5.40 -43.36
N ASP A 372 -10.29 6.22 -44.04
CA ASP A 372 -10.79 7.37 -44.79
C ASP A 372 -11.54 6.96 -46.06
N GLU A 373 -11.23 5.77 -46.58
CA GLU A 373 -11.92 5.22 -47.75
C GLU A 373 -13.23 4.51 -47.38
N ILE A 374 -13.42 4.26 -46.09
CA ILE A 374 -14.67 3.69 -45.57
C ILE A 374 -15.64 4.82 -45.19
N LYS A 375 -15.10 5.91 -44.63
CA LYS A 375 -15.90 7.08 -44.25
C LYS A 375 -16.45 7.87 -45.44
N GLU A 376 -15.77 7.79 -46.58
CA GLU A 376 -16.18 8.53 -47.79
C GLU A 376 -17.09 7.73 -48.72
N LYS A 377 -17.50 6.54 -48.29
CA LYS A 377 -18.47 5.72 -49.01
C LYS A 377 -19.84 5.77 -48.32
N PHE A 378 -20.25 6.99 -47.98
CA PHE A 378 -21.50 7.27 -47.25
C PHE A 378 -21.61 6.49 -45.94
N ILE B 5 8.17 23.40 6.23
CA ILE B 5 8.58 23.27 4.81
C ILE B 5 8.76 24.66 4.18
N THR B 6 9.88 24.84 3.46
CA THR B 6 10.20 26.09 2.74
C THR B 6 11.19 25.80 1.61
N VAL B 7 11.05 26.51 0.50
CA VAL B 7 11.95 26.34 -0.65
C VAL B 7 12.67 27.65 -0.99
N LYS B 8 14.01 27.61 -0.94
CA LYS B 8 14.85 28.81 -1.12
C LYS B 8 15.82 28.64 -2.28
N GLN B 9 15.93 29.67 -3.11
CA GLN B 9 16.85 29.70 -4.25
C GLN B 9 18.32 29.77 -3.79
N THR B 10 19.16 28.92 -4.39
CA THR B 10 20.59 28.89 -4.06
C THR B 10 21.44 29.61 -5.11
N ASN B 11 22.75 29.60 -4.91
CA ASN B 11 23.70 30.26 -5.81
C ASN B 11 23.54 29.82 -7.26
N MET B 12 23.45 28.51 -7.46
CA MET B 12 23.37 27.91 -8.79
C MET B 12 21.94 27.97 -9.35
N GLU B 13 21.85 28.24 -10.64
CA GLU B 13 20.56 28.43 -11.32
C GLU B 13 19.73 27.13 -11.31
N ASN B 14 18.42 27.29 -11.17
CA ASN B 14 17.46 26.17 -11.17
C ASN B 14 17.72 25.10 -10.11
N ILE B 15 18.55 25.43 -9.12
CA ILE B 15 18.84 24.53 -8.01
C ILE B 15 18.42 25.20 -6.70
N TYR B 16 17.66 24.48 -5.88
CA TYR B 16 17.09 25.03 -4.67
C TYR B 16 17.49 24.21 -3.44
N GLU B 17 17.21 24.77 -2.25
CA GLU B 17 17.37 24.04 -1.00
C GLU B 17 16.02 23.90 -0.29
N CYS B 18 15.85 22.79 0.43
CA CYS B 18 14.58 22.52 1.11
C CYS B 18 14.71 22.49 2.62
N GLU B 19 14.19 23.54 3.26
CA GLU B 19 14.07 23.59 4.72
C GLU B 19 12.94 22.67 5.12
N PHE B 20 13.14 21.91 6.18
CA PHE B 20 12.14 20.97 6.68
C PHE B 20 11.67 21.31 8.08
N ASN B 21 10.58 20.66 8.51
CA ASN B 21 10.08 20.79 9.88
C ASN B 21 11.05 20.22 10.92
N ASP B 22 11.85 19.22 10.51
CA ASP B 22 12.87 18.64 11.38
C ASP B 22 14.24 19.29 11.23
N GLY B 23 14.33 20.30 10.36
CA GLY B 23 15.54 21.13 10.24
C GLY B 23 16.52 20.73 9.16
N SER B 24 16.41 19.49 8.67
CA SER B 24 17.35 18.95 7.68
C SER B 24 17.22 19.62 6.31
N PHE B 25 18.34 19.75 5.61
CA PHE B 25 18.38 20.34 4.28
C PHE B 25 18.69 19.30 3.23
N ARG B 26 17.80 19.17 2.26
CA ARG B 26 18.01 18.31 1.11
C ARG B 26 17.96 19.17 -0.15
N LEU B 27 18.90 18.93 -1.07
CA LEU B 27 18.97 19.68 -2.32
C LEU B 27 17.69 19.51 -3.14
N CYS B 28 17.39 20.50 -3.97
CA CYS B 28 16.09 20.57 -4.62
C CYS B 28 16.18 20.99 -6.08
N THR B 29 15.39 20.33 -6.93
CA THR B 29 15.29 20.67 -8.35
C THR B 29 13.85 20.92 -8.75
N ARG B 30 13.66 21.83 -9.69
CA ARG B 30 12.33 22.15 -10.21
C ARG B 30 11.83 21.02 -11.10
N ASN B 31 10.83 20.30 -10.62
CA ASN B 31 10.24 19.20 -11.36
C ASN B 31 9.69 19.66 -12.71
N LEU B 32 10.38 19.27 -13.78
CA LEU B 32 10.01 19.69 -15.13
C LEU B 32 8.73 19.02 -15.61
N VAL B 33 8.49 17.79 -15.16
CA VAL B 33 7.25 17.08 -15.48
C VAL B 33 6.49 16.76 -14.18
N PRO B 34 5.34 17.42 -13.96
CA PRO B 34 4.53 17.21 -12.77
C PRO B 34 3.70 15.92 -12.86
N ASN B 35 2.99 15.61 -11.76
CA ASN B 35 2.10 14.43 -11.66
C ASN B 35 2.81 13.09 -11.44
N PHE B 36 3.98 12.92 -12.05
CA PHE B 36 4.67 11.62 -12.07
C PHE B 36 5.75 11.44 -11.00
N ASN B 37 6.85 10.80 -11.39
CA ASN B 37 7.92 10.33 -10.49
C ASN B 37 7.43 9.24 -9.53
N VAL B 38 6.25 9.48 -8.95
CA VAL B 38 5.47 8.48 -8.21
C VAL B 38 6.20 7.85 -7.02
N TYR B 39 6.63 6.59 -7.18
CA TYR B 39 7.12 5.77 -6.09
C TYR B 39 8.64 5.75 -6.08
N GLY B 40 9.22 6.27 -5.00
CA GLY B 40 10.67 6.38 -4.85
C GLY B 40 11.04 7.66 -4.14
N GLU B 41 11.33 8.71 -4.93
CA GLU B 41 11.64 10.02 -4.38
C GLU B 41 10.39 10.70 -3.83
N ARG B 42 10.58 11.63 -2.89
CA ARG B 42 9.49 12.31 -2.21
C ARG B 42 9.05 13.57 -2.97
N LEU B 43 7.74 13.72 -3.15
CA LEU B 43 7.17 14.86 -3.86
C LEU B 43 6.66 15.93 -2.90
N ILE B 44 6.99 17.19 -3.20
CA ILE B 44 6.65 18.32 -2.33
C ILE B 44 6.19 19.55 -3.09
N LYS B 45 5.19 20.24 -2.54
CA LYS B 45 4.67 21.48 -3.12
C LYS B 45 4.93 22.68 -2.22
N TYR B 46 5.28 23.80 -2.85
CA TYR B 46 5.51 25.07 -2.14
C TYR B 46 5.18 26.25 -3.04
N GLU B 47 4.09 26.95 -2.69
CA GLU B 47 3.59 28.10 -3.45
C GLU B 47 3.35 27.79 -4.93
N GLY B 48 2.58 26.73 -5.19
CA GLY B 48 2.17 26.36 -6.54
C GLY B 48 3.09 25.40 -7.26
N VAL B 49 4.40 25.64 -7.15
CA VAL B 49 5.41 24.88 -7.88
C VAL B 49 5.74 23.55 -7.21
N GLU B 50 5.97 22.51 -8.03
CA GLU B 50 6.31 21.19 -7.53
C GLU B 50 7.81 20.95 -7.62
N TYR B 51 8.38 20.38 -6.56
CA TYR B 51 9.84 20.18 -6.45
C TYR B 51 10.19 18.72 -6.17
N ARG B 52 11.40 18.32 -6.59
CA ARG B 52 11.88 16.96 -6.35
C ARG B 52 13.12 16.91 -5.45
N GLU B 53 13.09 16.00 -4.48
CA GLU B 53 14.18 15.81 -3.53
C GLU B 53 15.40 15.24 -4.23
N TRP B 54 16.54 15.90 -4.04
CA TRP B 54 17.80 15.46 -4.62
C TRP B 54 18.77 15.02 -3.52
N ASN B 55 18.84 13.70 -3.33
CA ASN B 55 19.70 13.11 -2.30
C ASN B 55 21.17 13.19 -2.68
N ALA B 56 21.97 13.68 -1.73
CA ALA B 56 23.38 13.95 -1.98
C ALA B 56 24.29 12.73 -1.84
N PHE B 57 23.72 11.63 -1.36
CA PHE B 57 24.48 10.40 -1.14
C PHE B 57 24.39 9.43 -2.30
N ARG B 58 23.28 9.49 -3.03
CA ARG B 58 23.11 8.68 -4.24
C ARG B 58 23.74 9.37 -5.44
N SER B 59 23.58 10.68 -5.53
CA SER B 59 24.15 11.44 -6.62
C SER B 59 25.54 11.97 -6.29
N LYS B 60 26.50 11.66 -7.15
CA LYS B 60 27.85 12.17 -7.01
C LYS B 60 27.88 13.69 -7.23
N LEU B 61 27.07 14.15 -8.18
CA LEU B 61 26.96 15.58 -8.49
C LEU B 61 26.44 16.35 -7.28
N ALA B 62 25.35 15.86 -6.71
CA ALA B 62 24.75 16.47 -5.52
C ALA B 62 25.72 16.47 -4.34
N GLY B 63 26.54 15.44 -4.27
CA GLY B 63 27.64 15.40 -3.31
C GLY B 63 28.58 16.56 -3.52
N ALA B 64 28.99 16.76 -4.77
CA ALA B 64 29.94 17.81 -5.13
C ALA B 64 29.43 19.21 -4.79
N ILE B 65 28.13 19.43 -4.95
CA ILE B 65 27.51 20.72 -4.65
C ILE B 65 27.57 21.01 -3.15
N LEU B 66 27.18 20.03 -2.34
CA LEU B 66 27.27 20.15 -0.89
C LEU B 66 28.71 20.20 -0.43
N LYS B 67 29.60 19.59 -1.22
CA LYS B 67 31.02 19.57 -0.94
C LYS B 67 31.69 20.90 -1.28
N GLY B 68 30.91 21.82 -1.83
CA GLY B 68 31.37 23.18 -2.09
C GLY B 68 31.95 23.39 -3.48
N LEU B 69 31.21 22.97 -4.49
CA LEU B 69 31.57 23.25 -5.88
C LEU B 69 31.29 24.71 -6.16
N LYS B 70 32.34 25.47 -6.46
CA LYS B 70 32.25 26.93 -6.62
C LYS B 70 31.42 27.37 -7.82
N THR B 71 31.70 26.78 -8.99
CA THR B 71 30.97 27.13 -10.20
C THR B 71 30.43 25.90 -10.91
N ASN B 72 29.10 25.87 -11.09
CA ASN B 72 28.43 24.79 -11.79
C ASN B 72 28.11 25.18 -13.24
N PRO B 73 28.70 24.47 -14.22
CA PRO B 73 28.47 24.76 -15.62
C PRO B 73 27.07 24.37 -16.11
N ILE B 74 26.43 23.43 -15.41
CA ILE B 74 25.07 23.01 -15.76
C ILE B 74 24.05 24.02 -15.21
N ARG B 75 23.39 24.72 -16.13
CA ARG B 75 22.37 25.71 -15.79
C ARG B 75 21.22 25.63 -16.79
N LYS B 76 20.43 26.70 -16.90
CA LYS B 76 19.32 26.74 -17.86
C LYS B 76 19.84 26.81 -19.29
N GLY B 77 19.38 25.88 -20.12
CA GLY B 77 19.72 25.85 -21.54
C GLY B 77 21.04 25.18 -21.87
N THR B 78 21.56 24.42 -20.90
CA THR B 78 22.83 23.72 -21.09
C THR B 78 22.60 22.41 -21.84
N LYS B 79 23.45 22.15 -22.84
CA LYS B 79 23.45 20.88 -23.53
C LYS B 79 24.58 20.03 -22.97
N VAL B 80 24.25 18.83 -22.48
CA VAL B 80 25.27 17.96 -21.88
C VAL B 80 25.41 16.58 -22.53
N LEU B 81 26.63 16.07 -22.53
CA LEU B 81 26.90 14.68 -22.86
C LEU B 81 27.22 13.96 -21.55
N TYR B 82 26.34 13.03 -21.17
CA TYR B 82 26.44 12.33 -19.89
C TYR B 82 26.90 10.88 -20.11
N LEU B 83 28.19 10.65 -19.87
CA LEU B 83 28.80 9.32 -20.05
C LEU B 83 28.75 8.52 -18.76
N GLY B 84 27.80 7.59 -18.71
CA GLY B 84 27.54 6.82 -17.50
C GLY B 84 26.15 7.11 -16.96
N ALA B 85 25.19 7.17 -17.88
CA ALA B 85 23.82 7.56 -17.56
C ALA B 85 23.17 6.71 -16.47
N ALA B 86 23.42 5.41 -16.50
CA ALA B 86 22.88 4.44 -15.53
C ALA B 86 21.34 4.47 -15.42
N SER B 87 20.83 4.27 -14.21
CA SER B 87 19.39 4.12 -13.96
C SER B 87 18.58 5.41 -14.05
N GLY B 88 19.28 6.52 -14.29
CA GLY B 88 18.61 7.79 -14.59
C GLY B 88 18.41 8.77 -13.46
N THR B 89 18.66 8.33 -12.23
CA THR B 89 18.44 9.16 -11.04
C THR B 89 19.06 10.55 -11.20
N THR B 90 20.38 10.57 -11.43
CA THR B 90 21.14 11.82 -11.39
C THR B 90 20.89 12.72 -12.59
N ILE B 91 20.65 12.12 -13.76
CA ILE B 91 20.37 12.90 -14.98
C ILE B 91 19.00 13.55 -14.94
N SER B 92 18.06 12.91 -14.25
CA SER B 92 16.71 13.45 -14.11
C SER B 92 16.77 14.82 -13.44
N HIS B 93 17.72 14.97 -12.51
CA HIS B 93 17.94 16.24 -11.83
C HIS B 93 18.62 17.27 -12.73
N VAL B 94 19.55 16.83 -13.59
CA VAL B 94 20.14 17.74 -14.58
C VAL B 94 19.11 18.06 -15.68
N SER B 95 18.25 17.09 -15.96
CA SER B 95 17.09 17.31 -16.82
C SER B 95 16.28 18.47 -16.28
N ASP B 96 16.06 18.46 -14.96
CA ASP B 96 15.34 19.53 -14.26
C ASP B 96 16.07 20.87 -14.33
N ILE B 97 17.38 20.84 -14.07
CA ILE B 97 18.22 22.05 -14.06
C ILE B 97 18.31 22.63 -15.47
N ILE B 98 18.53 21.76 -16.43
CA ILE B 98 18.71 22.13 -17.84
C ILE B 98 17.47 22.83 -18.41
N GLU B 99 16.29 22.36 -18.01
CA GLU B 99 15.00 22.80 -18.55
C GLU B 99 14.79 22.42 -20.02
N LEU B 100 13.62 22.74 -20.57
CA LEU B 100 13.25 22.28 -21.91
C LEU B 100 14.13 22.83 -23.04
N ASN B 101 14.73 24.00 -22.83
CA ASN B 101 15.56 24.63 -23.86
C ASN B 101 16.96 24.05 -24.02
N GLY B 102 17.42 23.34 -22.99
CA GLY B 102 18.69 22.61 -23.06
C GLY B 102 18.43 21.13 -23.23
N LYS B 103 19.49 20.37 -23.48
CA LYS B 103 19.33 18.94 -23.76
C LYS B 103 20.37 18.06 -23.04
N ALA B 104 19.95 16.83 -22.77
CA ALA B 104 20.80 15.85 -22.10
C ALA B 104 20.92 14.56 -22.92
N TYR B 105 22.06 14.36 -23.56
CA TYR B 105 22.36 13.11 -24.25
C TYR B 105 23.04 12.15 -23.29
N GLY B 106 22.38 11.03 -22.99
CA GLY B 106 22.87 10.07 -22.01
C GLY B 106 23.32 8.77 -22.62
N VAL B 107 24.55 8.37 -22.30
CA VAL B 107 25.13 7.15 -22.84
C VAL B 107 25.42 6.16 -21.71
N GLU B 108 24.71 5.03 -21.75
CA GLU B 108 24.89 3.96 -20.76
C GLU B 108 25.14 2.63 -21.46
N PHE B 109 25.99 1.80 -20.86
CA PHE B 109 26.49 0.59 -21.50
C PHE B 109 25.65 -0.67 -21.26
N SER B 110 25.48 -1.04 -20.00
CA SER B 110 24.80 -2.28 -19.66
C SER B 110 23.28 -2.18 -19.86
N PRO B 111 22.72 -3.11 -20.66
CA PRO B 111 21.29 -3.15 -20.98
C PRO B 111 20.41 -3.21 -19.74
N ARG B 112 20.85 -4.01 -18.76
CA ARG B 112 20.13 -4.20 -17.50
C ARG B 112 19.73 -2.87 -16.84
N VAL B 113 20.49 -1.82 -17.13
CA VAL B 113 20.27 -0.52 -16.52
C VAL B 113 19.62 0.47 -17.48
N VAL B 114 19.95 0.35 -18.78
CA VAL B 114 19.42 1.26 -19.81
C VAL B 114 17.90 1.25 -19.86
N ARG B 115 17.31 0.06 -19.74
CA ARG B 115 15.86 -0.08 -19.78
C ARG B 115 15.19 0.82 -18.73
N GLU B 116 15.83 0.99 -17.58
CA GLU B 116 15.38 1.91 -16.54
C GLU B 116 15.55 3.36 -16.97
N LEU B 117 16.69 3.65 -17.61
CA LEU B 117 16.98 4.99 -18.13
C LEU B 117 15.91 5.40 -19.14
N LEU B 118 15.47 4.45 -19.96
CA LEU B 118 14.42 4.67 -20.95
C LEU B 118 13.15 5.23 -20.31
N LEU B 119 12.65 4.54 -19.28
CA LEU B 119 11.45 4.97 -18.55
C LEU B 119 11.58 6.42 -18.07
N VAL B 120 12.77 6.76 -17.55
CA VAL B 120 13.04 8.12 -17.10
C VAL B 120 13.07 9.08 -18.29
N ALA B 121 13.75 8.66 -19.35
CA ALA B 121 13.89 9.48 -20.55
C ALA B 121 12.61 9.52 -21.39
N GLN B 122 11.66 8.66 -21.09
CA GLN B 122 10.37 8.65 -21.78
C GLN B 122 9.61 9.93 -21.51
N ARG B 123 9.36 10.20 -20.23
CA ARG B 123 8.53 11.32 -19.81
C ARG B 123 9.21 12.67 -19.94
N ARG B 124 10.53 12.66 -19.95
CA ARG B 124 11.31 13.88 -20.06
C ARG B 124 11.85 14.04 -21.48
N PRO B 125 11.33 15.05 -22.22
CA PRO B 125 11.64 15.21 -23.64
C PRO B 125 12.97 15.93 -23.90
N ASN B 126 13.77 16.13 -22.85
CA ASN B 126 15.09 16.72 -23.01
C ASN B 126 16.23 15.70 -22.82
N ILE B 127 15.87 14.49 -22.40
CA ILE B 127 16.85 13.40 -22.24
C ILE B 127 16.82 12.48 -23.44
N PHE B 128 17.98 12.27 -24.05
CA PHE B 128 18.09 11.41 -25.22
C PHE B 128 19.00 10.24 -24.88
N PRO B 129 18.39 9.09 -24.53
CA PRO B 129 19.13 7.91 -24.07
C PRO B 129 19.82 7.17 -25.20
N LEU B 130 20.95 6.57 -24.89
CA LEU B 130 21.74 5.84 -25.87
C LEU B 130 22.46 4.65 -25.25
N LEU B 131 22.14 3.44 -25.71
CA LEU B 131 22.89 2.26 -25.35
C LEU B 131 24.15 2.25 -26.22
N ALA B 132 25.31 2.51 -25.61
CA ALA B 132 26.59 2.57 -26.32
C ALA B 132 27.80 2.48 -25.40
N ASP B 133 28.92 2.03 -25.97
CA ASP B 133 30.20 2.01 -25.27
C ASP B 133 30.86 3.38 -25.43
N ALA B 134 31.23 3.99 -24.32
CA ALA B 134 31.85 5.33 -24.33
C ALA B 134 33.25 5.34 -24.96
N ARG B 135 33.85 4.17 -25.10
CA ARG B 135 35.14 4.02 -25.77
C ARG B 135 35.05 4.22 -27.28
N PHE B 136 33.83 4.18 -27.81
CA PHE B 136 33.62 4.32 -29.26
C PHE B 136 32.61 5.42 -29.57
N PRO B 137 33.04 6.70 -29.48
CA PRO B 137 32.14 7.82 -29.75
C PRO B 137 31.64 7.85 -31.19
N GLN B 138 32.27 7.07 -32.07
CA GLN B 138 31.80 6.92 -33.44
C GLN B 138 30.38 6.35 -33.48
N SER B 139 30.08 5.49 -32.51
CA SER B 139 28.79 4.78 -32.48
C SER B 139 27.58 5.69 -32.25
N TYR B 140 27.80 6.85 -31.64
CA TYR B 140 26.73 7.82 -31.43
C TYR B 140 27.00 9.20 -32.05
N LYS B 141 28.14 9.32 -32.73
CA LYS B 141 28.50 10.51 -33.51
C LYS B 141 27.35 10.95 -34.40
N SER B 142 26.56 9.97 -34.82
CA SER B 142 25.50 10.17 -35.79
C SER B 142 24.19 10.63 -35.14
N VAL B 143 24.09 10.49 -33.82
CA VAL B 143 22.86 10.80 -33.09
C VAL B 143 22.96 12.11 -32.30
N VAL B 144 24.05 12.27 -31.56
CA VAL B 144 24.22 13.41 -30.65
C VAL B 144 24.55 14.73 -31.35
N GLU B 145 24.91 15.71 -30.52
CA GLU B 145 25.17 17.08 -30.94
C GLU B 145 26.36 17.57 -30.14
N ASN B 146 26.98 18.66 -30.56
CA ASN B 146 28.05 19.28 -29.77
C ASN B 146 27.50 19.96 -28.51
N VAL B 147 28.06 19.57 -27.38
CA VAL B 147 27.52 19.94 -26.06
C VAL B 147 28.33 21.04 -25.35
N ASP B 148 27.83 21.46 -24.19
CA ASP B 148 28.47 22.51 -23.40
C ASP B 148 29.19 21.98 -22.16
N VAL B 149 28.73 20.83 -21.66
CA VAL B 149 29.34 20.20 -20.48
C VAL B 149 29.46 18.70 -20.68
N LEU B 150 30.63 18.16 -20.34
CA LEU B 150 30.90 16.73 -20.44
C LEU B 150 30.96 16.11 -19.05
N TYR B 151 29.92 15.36 -18.68
CA TYR B 151 29.91 14.62 -17.42
C TYR B 151 30.31 13.18 -17.69
N VAL B 152 31.37 12.74 -17.02
CA VAL B 152 31.93 11.41 -17.24
C VAL B 152 32.03 10.62 -15.93
N ASP B 153 31.26 9.54 -15.84
CA ASP B 153 31.19 8.72 -14.64
C ASP B 153 31.11 7.24 -15.03
N ILE B 154 32.23 6.72 -15.51
CA ILE B 154 32.29 5.35 -16.02
C ILE B 154 33.05 4.44 -15.06
N ALA B 155 32.64 3.18 -14.99
CA ALA B 155 33.30 2.20 -14.13
C ALA B 155 34.51 1.58 -14.85
N GLN B 156 35.45 2.42 -15.26
CA GLN B 156 36.64 1.97 -15.99
C GLN B 156 37.95 2.46 -15.34
N PRO B 157 39.07 1.73 -15.57
CA PRO B 157 40.36 2.18 -15.06
C PRO B 157 40.96 3.34 -15.87
N ASP B 158 40.47 3.52 -17.09
CA ASP B 158 41.04 4.50 -18.01
C ASP B 158 40.07 5.63 -18.37
N GLN B 159 39.19 5.97 -17.44
CA GLN B 159 38.19 7.04 -17.62
C GLN B 159 38.80 8.31 -18.19
N THR B 160 39.92 8.73 -17.60
CA THR B 160 40.53 10.02 -17.87
C THR B 160 40.69 10.32 -19.36
N ASP B 161 41.29 9.38 -20.11
CA ASP B 161 41.46 9.57 -21.55
C ASP B 161 40.33 8.99 -22.42
N ILE B 162 39.36 8.34 -21.79
CA ILE B 162 38.10 7.98 -22.46
C ILE B 162 37.27 9.26 -22.62
N ALA B 163 37.30 10.08 -21.57
CA ALA B 163 36.62 11.37 -21.56
C ALA B 163 37.30 12.34 -22.52
N ILE B 164 38.63 12.41 -22.44
CA ILE B 164 39.40 13.28 -23.33
C ILE B 164 39.09 12.99 -24.79
N TYR B 165 39.07 11.70 -25.14
CA TYR B 165 38.70 11.26 -26.49
C TYR B 165 37.30 11.77 -26.87
N ASN B 166 36.34 11.56 -25.96
CA ASN B 166 34.99 12.06 -26.15
C ASN B 166 34.89 13.57 -26.24
N ALA B 167 35.77 14.26 -25.53
CA ALA B 167 35.74 15.72 -25.46
C ALA B 167 36.10 16.34 -26.79
N LYS B 168 37.20 15.91 -27.41
CA LYS B 168 37.62 16.45 -28.70
C LYS B 168 36.65 16.12 -29.84
N PHE B 169 35.70 15.22 -29.55
CA PHE B 169 34.60 14.93 -30.46
C PHE B 169 33.46 15.95 -30.32
N PHE B 170 32.90 16.06 -29.11
CA PHE B 170 31.62 16.75 -28.91
C PHE B 170 31.66 18.01 -28.05
N LEU B 171 32.64 18.12 -27.16
CA LEU B 171 32.71 19.26 -26.24
C LEU B 171 33.15 20.54 -26.93
N LYS B 172 32.32 21.58 -26.82
CA LYS B 172 32.61 22.88 -27.42
C LYS B 172 33.89 23.50 -26.86
N VAL B 173 34.53 24.35 -27.66
CA VAL B 173 35.69 25.12 -27.22
C VAL B 173 35.23 26.08 -26.13
N ASN B 174 36.05 26.25 -25.09
CA ASN B 174 35.70 27.02 -23.89
C ASN B 174 34.63 26.34 -23.03
N GLY B 175 34.37 25.06 -23.31
CA GLY B 175 33.38 24.29 -22.56
C GLY B 175 33.93 23.73 -21.27
N ASP B 176 33.10 22.94 -20.58
CA ASP B 176 33.47 22.38 -19.28
C ASP B 176 33.31 20.86 -19.20
N MET B 177 34.00 20.26 -18.23
CA MET B 177 34.02 18.81 -18.08
C MET B 177 34.06 18.40 -16.61
N LEU B 178 33.10 17.56 -16.23
CA LEU B 178 33.07 16.95 -14.91
C LEU B 178 33.49 15.47 -15.01
N LEU B 179 34.67 15.16 -14.49
CA LEU B 179 35.17 13.79 -14.50
C LEU B 179 35.04 13.17 -13.12
N VAL B 180 34.80 11.85 -13.08
CA VAL B 180 34.70 11.13 -11.82
C VAL B 180 35.86 10.13 -11.70
N ILE B 181 36.66 10.26 -10.65
CA ILE B 181 37.88 9.49 -10.46
C ILE B 181 37.86 8.75 -9.13
N LYS B 182 38.24 7.47 -9.16
CA LYS B 182 38.31 6.62 -7.97
C LYS B 182 39.52 7.00 -7.11
N ALA B 183 39.43 8.15 -6.45
CA ALA B 183 40.54 8.70 -5.67
C ALA B 183 40.53 8.22 -4.22
N VAL B 188 43.69 9.60 2.08
CA VAL B 188 43.77 10.24 0.78
C VAL B 188 43.74 11.77 0.91
N THR B 189 43.12 12.27 2.00
CA THR B 189 43.02 13.71 2.23
C THR B 189 44.06 14.17 3.25
N LYS B 190 44.93 15.08 2.81
CA LYS B 190 45.92 15.71 3.69
C LYS B 190 45.93 17.23 3.49
N ASP B 191 47.12 17.85 3.53
CA ASP B 191 47.23 19.31 3.40
C ASP B 191 48.04 19.88 2.22
N PRO B 192 48.37 19.05 1.21
CA PRO B 192 48.62 19.66 -0.10
C PRO B 192 47.30 20.17 -0.72
N LYS B 193 47.22 20.25 -2.05
CA LYS B 193 46.00 20.72 -2.72
C LYS B 193 45.57 19.83 -3.88
N GLU B 194 46.50 19.53 -4.78
CA GLU B 194 46.23 18.72 -5.96
C GLU B 194 47.48 17.97 -6.44
N ILE B 195 48.50 17.97 -5.58
CA ILE B 195 49.71 17.17 -5.80
C ILE B 195 49.35 15.69 -5.68
N TYR B 196 48.33 15.39 -4.88
CA TYR B 196 47.85 14.02 -4.67
C TYR B 196 47.20 13.47 -5.94
N LYS B 197 46.51 14.33 -6.68
CA LYS B 197 45.80 13.93 -7.90
C LYS B 197 46.55 14.28 -9.19
N THR B 198 47.88 14.36 -9.11
CA THR B 198 48.72 14.73 -10.26
C THR B 198 48.66 13.76 -11.45
N GLU B 199 48.49 12.47 -11.16
CA GLU B 199 48.40 11.44 -12.21
C GLU B 199 47.32 11.74 -13.23
N VAL B 200 46.14 12.10 -12.74
CA VAL B 200 44.99 12.44 -13.58
C VAL B 200 44.94 13.93 -13.91
N GLU B 201 45.59 14.75 -13.10
CA GLU B 201 45.65 16.21 -13.31
C GLU B 201 46.55 16.57 -14.50
N LYS B 202 47.75 16.01 -14.51
CA LYS B 202 48.74 16.28 -15.57
C LYS B 202 48.34 15.67 -16.91
N LEU B 203 47.63 14.55 -16.86
CA LEU B 203 47.15 13.88 -18.07
C LEU B 203 46.19 14.77 -18.85
N GLU B 204 45.43 15.60 -18.12
CA GLU B 204 44.54 16.57 -18.73
C GLU B 204 45.27 17.82 -19.18
N ASN B 205 46.23 18.27 -18.35
CA ASN B 205 46.98 19.50 -18.62
C ASN B 205 47.70 19.53 -19.98
N SER B 206 47.65 18.41 -20.70
CA SER B 206 48.15 18.33 -22.07
C SER B 206 47.23 19.08 -23.04
N ASN B 207 45.95 19.19 -22.70
CA ASN B 207 44.97 19.89 -23.53
C ASN B 207 43.74 20.44 -22.78
N PHE B 208 43.77 20.38 -21.45
CA PHE B 208 42.68 20.86 -20.60
C PHE B 208 43.16 21.87 -19.56
N GLU B 209 42.22 22.45 -18.83
CA GLU B 209 42.54 23.37 -17.74
C GLU B 209 41.78 22.99 -16.47
N THR B 210 42.52 22.69 -15.41
CA THR B 210 41.94 22.31 -14.13
C THR B 210 41.39 23.53 -13.39
N ILE B 211 40.18 23.39 -12.86
CA ILE B 211 39.56 24.44 -12.05
C ILE B 211 39.40 23.99 -10.60
N GLN B 212 38.73 22.86 -10.38
CA GLN B 212 38.50 22.32 -9.05
C GLN B 212 38.63 20.81 -8.99
N ILE B 213 39.27 20.32 -7.92
CA ILE B 213 39.26 18.91 -7.60
C ILE B 213 38.57 18.76 -6.25
N ILE B 214 37.53 17.93 -6.22
CA ILE B 214 36.66 17.81 -5.05
C ILE B 214 36.53 16.36 -4.59
N ASN B 215 37.00 16.10 -3.37
CA ASN B 215 36.89 14.77 -2.76
C ASN B 215 35.50 14.62 -2.14
N LEU B 216 34.76 13.62 -2.61
CA LEU B 216 33.34 13.48 -2.26
C LEU B 216 33.03 12.91 -0.88
N ASP B 217 34.06 12.66 -0.07
CA ASP B 217 33.87 12.16 1.31
C ASP B 217 33.11 13.17 2.18
N PRO B 218 32.12 12.70 2.97
CA PRO B 218 31.68 11.31 3.11
C PRO B 218 30.44 10.95 2.30
N TYR B 219 30.09 11.77 1.31
CA TYR B 219 28.93 11.51 0.46
C TYR B 219 29.16 10.31 -0.46
N ASP B 220 30.38 10.19 -0.96
CA ASP B 220 30.83 9.01 -1.69
C ASP B 220 32.28 8.74 -1.28
N LYS B 221 32.46 7.72 -0.43
CA LYS B 221 33.77 7.47 0.20
C LYS B 221 34.83 6.87 -0.72
N ASP B 222 34.62 6.98 -2.03
CA ASP B 222 35.53 6.41 -3.01
C ASP B 222 35.97 7.44 -4.06
N HIS B 223 35.00 8.15 -4.63
CA HIS B 223 35.23 8.95 -5.82
C HIS B 223 35.50 10.43 -5.54
N ALA B 224 36.05 11.10 -6.56
CA ALA B 224 36.28 12.53 -6.52
C ALA B 224 36.02 13.12 -7.90
N ILE B 225 35.64 14.40 -7.95
CA ILE B 225 35.30 15.04 -9.22
C ILE B 225 36.31 16.12 -9.61
N VAL B 226 36.66 16.16 -10.89
CA VAL B 226 37.55 17.19 -11.42
C VAL B 226 36.82 18.02 -12.49
N LEU B 227 36.54 19.28 -12.14
CA LEU B 227 35.95 20.23 -13.07
C LEU B 227 37.04 20.81 -13.97
N SER B 228 36.81 20.76 -15.27
CA SER B 228 37.82 21.14 -16.25
C SER B 228 37.28 21.98 -17.40
N LYS B 229 38.07 22.95 -17.84
CA LYS B 229 37.76 23.77 -19.01
C LYS B 229 38.57 23.32 -20.22
N TYR B 230 37.90 23.19 -21.36
CA TYR B 230 38.55 22.75 -22.59
C TYR B 230 39.06 23.95 -23.40
N LYS B 231 40.35 23.91 -23.76
CA LYS B 231 41.01 25.01 -24.47
C LYS B 231 40.60 25.10 -25.96
N ALA C 7 16.35 -13.57 -50.05
CA ALA C 7 15.38 -13.80 -48.94
C ALA C 7 15.99 -14.69 -47.85
N SER C 8 15.77 -14.31 -46.60
CA SER C 8 16.35 -15.01 -45.44
C SER C 8 15.42 -16.07 -44.83
N TYR C 9 14.13 -16.02 -45.16
CA TYR C 9 13.16 -17.00 -44.66
C TYR C 9 13.10 -18.27 -45.52
N VAL C 10 13.88 -18.28 -46.61
CA VAL C 10 14.01 -19.45 -47.47
C VAL C 10 15.07 -20.38 -46.88
N LYS C 11 14.62 -21.52 -46.37
CA LYS C 11 15.50 -22.49 -45.71
C LYS C 11 16.40 -23.27 -46.67
N PHE C 12 15.85 -23.62 -47.84
CA PHE C 12 16.57 -24.45 -48.80
C PHE C 12 16.41 -23.97 -50.25
N GLU C 13 17.42 -24.27 -51.08
CA GLU C 13 17.40 -23.93 -52.50
C GLU C 13 16.42 -24.83 -53.26
N VAL C 14 15.55 -24.20 -54.05
CA VAL C 14 14.54 -24.92 -54.82
C VAL C 14 14.80 -24.81 -56.32
N PRO C 15 15.01 -25.97 -57.00
CA PRO C 15 15.17 -26.00 -58.45
C PRO C 15 13.89 -25.58 -59.19
N GLN C 16 14.05 -25.08 -60.40
CA GLN C 16 12.93 -24.56 -61.19
C GLN C 16 12.00 -25.65 -61.74
N ASP C 17 12.53 -26.86 -61.89
CA ASP C 17 11.75 -28.02 -62.35
C ASP C 17 10.72 -28.45 -61.32
N LEU C 18 11.13 -28.51 -60.05
CA LEU C 18 10.23 -28.86 -58.95
C LEU C 18 9.29 -27.69 -58.62
N ALA C 19 9.74 -26.48 -58.93
CA ALA C 19 8.94 -25.26 -58.72
C ALA C 19 7.70 -25.23 -59.62
N ASP C 20 7.87 -25.67 -60.87
CA ASP C 20 6.75 -25.72 -61.82
C ASP C 20 5.89 -26.96 -61.62
N LYS C 21 6.49 -28.03 -61.09
CA LYS C 21 5.76 -29.26 -60.77
C LYS C 21 4.90 -29.10 -59.51
N VAL C 22 5.28 -28.14 -58.66
CA VAL C 22 4.47 -27.77 -57.50
C VAL C 22 3.25 -26.96 -57.95
N LEU C 23 3.47 -26.00 -58.84
CA LEU C 23 2.39 -25.17 -59.40
C LEU C 23 1.30 -26.00 -60.08
N GLU C 24 1.71 -27.03 -60.82
CA GLU C 24 0.79 -27.93 -61.53
C GLU C 24 -0.01 -28.81 -60.57
N ALA C 25 0.58 -29.12 -59.41
CA ALA C 25 -0.07 -29.94 -58.39
C ALA C 25 -1.21 -29.22 -57.69
N VAL C 26 -1.10 -27.90 -57.60
CA VAL C 26 -2.16 -27.08 -56.99
C VAL C 26 -3.29 -26.84 -57.99
N ARG C 27 -2.93 -26.57 -59.25
CA ARG C 27 -3.90 -26.32 -60.33
C ARG C 27 -4.89 -27.48 -60.51
N LYS C 28 -4.37 -28.71 -60.40
CA LYS C 28 -5.19 -29.92 -60.53
C LYS C 28 -6.17 -30.09 -59.38
N ALA C 29 -5.79 -29.57 -58.20
CA ALA C 29 -6.61 -29.70 -56.99
C ALA C 29 -7.72 -28.66 -56.87
N LYS C 30 -7.79 -27.75 -57.84
CA LYS C 30 -8.80 -26.69 -57.85
C LYS C 30 -10.12 -27.11 -58.48
N GLU C 31 -10.11 -28.24 -59.18
CA GLU C 31 -11.30 -28.75 -59.86
C GLU C 31 -11.52 -30.25 -59.62
N SER C 32 -10.66 -30.84 -58.79
CA SER C 32 -10.78 -32.26 -58.41
C SER C 32 -10.73 -32.47 -56.90
N GLY C 33 -10.11 -31.52 -56.19
CA GLY C 33 -10.01 -31.56 -54.74
C GLY C 33 -10.40 -30.26 -54.08
N LYS C 34 -9.76 -29.95 -52.95
CA LYS C 34 -10.04 -28.71 -52.21
C LYS C 34 -8.74 -28.10 -51.66
N ILE C 35 -8.53 -26.82 -51.97
CA ILE C 35 -7.35 -26.09 -51.49
C ILE C 35 -7.73 -24.79 -50.80
N LYS C 36 -6.81 -24.26 -49.99
CA LYS C 36 -7.01 -22.97 -49.33
C LYS C 36 -5.99 -21.94 -49.83
N LYS C 37 -6.50 -20.74 -50.12
CA LYS C 37 -5.72 -19.68 -50.75
C LYS C 37 -5.57 -18.46 -49.83
N GLY C 38 -4.34 -18.00 -49.66
CA GLY C 38 -4.05 -16.83 -48.83
C GLY C 38 -3.40 -17.18 -47.49
N THR C 39 -2.58 -16.25 -46.99
CA THR C 39 -1.80 -16.46 -45.76
C THR C 39 -2.64 -16.82 -44.54
N ASN C 40 -3.75 -16.10 -44.38
CA ASN C 40 -4.68 -16.34 -43.27
C ASN C 40 -5.20 -17.79 -43.23
N GLU C 41 -5.79 -18.23 -44.33
CA GLU C 41 -6.37 -19.58 -44.44
C GLU C 41 -5.29 -20.67 -44.37
N THR C 42 -4.15 -20.41 -45.00
CA THR C 42 -3.03 -21.34 -45.02
C THR C 42 -2.55 -21.65 -43.59
N THR C 43 -2.46 -20.62 -42.76
CA THR C 43 -2.07 -20.76 -41.37
C THR C 43 -3.15 -21.51 -40.57
N LYS C 44 -4.41 -21.30 -40.93
CA LYS C 44 -5.53 -22.00 -40.31
C LYS C 44 -5.57 -23.48 -40.64
N ALA C 45 -4.99 -23.85 -41.79
CA ALA C 45 -4.94 -25.24 -42.23
C ALA C 45 -3.90 -26.05 -41.46
N VAL C 46 -2.74 -25.44 -41.21
CA VAL C 46 -1.62 -26.11 -40.54
C VAL C 46 -1.90 -26.32 -39.05
N GLU C 47 -2.59 -25.36 -38.43
CA GLU C 47 -2.94 -25.44 -37.01
C GLU C 47 -3.93 -26.57 -36.75
N ARG C 48 -4.90 -26.73 -37.64
CA ARG C 48 -5.94 -27.75 -37.50
C ARG C 48 -5.44 -29.15 -37.85
N GLY C 49 -4.42 -29.22 -38.71
CA GLY C 49 -3.83 -30.49 -39.12
C GLY C 49 -4.42 -31.05 -40.41
N GLN C 50 -5.22 -30.22 -41.10
CA GLN C 50 -5.87 -30.61 -42.34
C GLN C 50 -4.94 -30.48 -43.54
N ALA C 51 -3.89 -29.67 -43.39
CA ALA C 51 -2.95 -29.40 -44.48
C ALA C 51 -2.02 -30.58 -44.78
N LYS C 52 -1.75 -30.78 -46.06
CA LYS C 52 -0.85 -31.85 -46.52
C LYS C 52 0.45 -31.27 -47.07
N LEU C 53 0.33 -30.17 -47.81
CA LEU C 53 1.48 -29.47 -48.38
C LEU C 53 1.26 -27.96 -48.39
N VAL C 54 2.30 -27.21 -48.01
CA VAL C 54 2.24 -25.75 -47.96
C VAL C 54 3.14 -25.13 -49.02
N ILE C 55 2.59 -24.19 -49.78
CA ILE C 55 3.33 -23.51 -50.83
C ILE C 55 3.54 -22.04 -50.45
N ILE C 56 4.80 -21.60 -50.47
CA ILE C 56 5.18 -20.26 -50.02
C ILE C 56 5.84 -19.47 -51.14
N ALA C 57 5.41 -18.22 -51.33
CA ALA C 57 6.01 -17.33 -52.33
C ALA C 57 7.33 -16.75 -51.82
N GLU C 58 8.29 -16.61 -52.73
CA GLU C 58 9.64 -16.13 -52.38
C GLU C 58 9.77 -14.61 -52.39
N ASP C 59 8.97 -13.94 -53.23
CA ASP C 59 9.06 -12.50 -53.41
C ASP C 59 7.96 -11.72 -52.68
N VAL C 60 7.88 -11.92 -51.36
CA VAL C 60 6.90 -11.22 -50.52
C VAL C 60 7.59 -10.08 -49.78
N GLN C 61 6.99 -8.89 -49.82
CA GLN C 61 7.51 -7.72 -49.13
C GLN C 61 6.42 -6.96 -48.36
N PRO C 62 6.62 -6.76 -47.04
CA PRO C 62 7.76 -7.22 -46.24
C PRO C 62 7.74 -8.74 -45.97
N GLU C 63 8.93 -9.34 -45.95
CA GLU C 63 9.11 -10.79 -45.85
C GLU C 63 8.43 -11.44 -44.64
N GLU C 64 8.19 -10.65 -43.60
CA GLU C 64 7.77 -11.15 -42.29
C GLU C 64 6.36 -11.76 -42.24
N ILE C 65 5.55 -11.51 -43.26
CA ILE C 65 4.14 -11.95 -43.28
C ILE C 65 3.98 -13.48 -43.30
N VAL C 66 4.96 -14.17 -43.90
CA VAL C 66 4.88 -15.62 -44.05
C VAL C 66 6.00 -16.38 -43.32
N ALA C 67 6.91 -15.64 -42.68
CA ALA C 67 8.10 -16.21 -42.03
C ALA C 67 7.81 -17.14 -40.85
N HIS C 68 6.57 -17.14 -40.38
CA HIS C 68 6.14 -17.96 -39.26
C HIS C 68 5.78 -19.39 -39.69
N LEU C 69 5.39 -19.55 -40.95
CA LEU C 69 4.93 -20.83 -41.50
C LEU C 69 5.97 -21.96 -41.46
N PRO C 70 7.21 -21.72 -41.93
CA PRO C 70 8.22 -22.78 -41.93
C PRO C 70 8.52 -23.38 -40.55
N LEU C 71 8.50 -22.55 -39.51
CA LEU C 71 8.73 -23.02 -38.15
C LEU C 71 7.46 -23.51 -37.46
N LEU C 72 6.32 -23.31 -38.12
CA LEU C 72 5.04 -23.84 -37.66
C LEU C 72 4.80 -25.23 -38.26
N CYS C 73 5.16 -25.36 -39.53
CA CYS C 73 4.99 -26.61 -40.28
C CYS C 73 5.93 -27.72 -39.81
N ASP C 74 7.06 -27.33 -39.23
CA ASP C 74 8.02 -28.28 -38.64
C ASP C 74 7.48 -28.89 -37.35
N GLU C 75 6.63 -28.12 -36.66
CA GLU C 75 6.07 -28.52 -35.37
C GLU C 75 4.94 -29.54 -35.54
N LYS C 76 4.13 -29.36 -36.58
CA LYS C 76 3.01 -30.27 -36.85
C LYS C 76 3.35 -31.30 -37.95
N LYS C 77 4.64 -31.41 -38.26
CA LYS C 77 5.17 -32.41 -39.20
C LYS C 77 4.53 -32.40 -40.59
N ILE C 78 4.45 -31.22 -41.20
CA ILE C 78 3.93 -31.05 -42.55
C ILE C 78 4.96 -30.34 -43.42
N PRO C 79 5.35 -30.98 -44.55
CA PRO C 79 6.34 -30.39 -45.47
C PRO C 79 5.84 -29.13 -46.18
N TYR C 80 6.78 -28.35 -46.71
CA TYR C 80 6.48 -27.08 -47.37
C TYR C 80 7.47 -26.78 -48.49
N VAL C 81 6.99 -26.16 -49.57
CA VAL C 81 7.81 -25.84 -50.75
C VAL C 81 7.68 -24.36 -51.14
N TYR C 82 8.77 -23.80 -51.67
CA TYR C 82 8.79 -22.42 -52.13
C TYR C 82 8.58 -22.29 -53.63
N VAL C 83 7.86 -21.25 -54.04
CA VAL C 83 7.72 -20.88 -55.46
C VAL C 83 8.37 -19.52 -55.72
N SER C 84 9.00 -19.39 -56.90
CA SER C 84 9.81 -18.21 -57.22
C SER C 84 9.04 -16.91 -57.41
N SER C 85 7.73 -16.99 -57.65
CA SER C 85 6.92 -15.81 -57.91
C SER C 85 5.56 -15.87 -57.21
N LYS C 86 5.06 -14.71 -56.79
CA LYS C 86 3.74 -14.60 -56.16
C LYS C 86 2.63 -14.35 -57.20
N LYS C 87 3.01 -13.70 -58.31
CA LYS C 87 2.10 -13.45 -59.43
C LYS C 87 1.78 -14.74 -60.19
N ALA C 88 2.76 -15.63 -60.23
CA ALA C 88 2.61 -16.94 -60.88
C ALA C 88 1.84 -17.93 -60.00
N LEU C 89 1.78 -17.64 -58.69
CA LEU C 89 1.02 -18.46 -57.75
C LEU C 89 -0.42 -17.96 -57.61
N GLY C 90 -0.62 -16.67 -57.83
CA GLY C 90 -1.94 -16.04 -57.75
C GLY C 90 -2.86 -16.46 -58.88
N GLU C 91 -2.38 -16.33 -60.12
CA GLU C 91 -3.15 -16.70 -61.31
C GLU C 91 -3.34 -18.21 -61.44
N ALA C 92 -2.41 -18.98 -60.86
CA ALA C 92 -2.52 -20.44 -60.82
C ALA C 92 -3.66 -20.89 -59.91
N CYS C 93 -3.92 -20.11 -58.86
CA CYS C 93 -4.99 -20.40 -57.90
C CYS C 93 -6.36 -19.87 -58.33
N GLY C 94 -6.49 -19.52 -59.61
CA GLY C 94 -7.75 -19.02 -60.16
C GLY C 94 -8.12 -17.64 -59.64
N LEU C 95 -7.11 -16.79 -59.43
CA LEU C 95 -7.32 -15.45 -58.90
C LEU C 95 -6.73 -14.39 -59.82
N GLN C 96 -7.18 -13.15 -59.65
CA GLN C 96 -6.70 -12.02 -60.44
C GLN C 96 -5.63 -11.22 -59.70
N VAL C 97 -5.44 -11.53 -58.42
CA VAL C 97 -4.42 -10.90 -57.59
C VAL C 97 -3.42 -11.97 -57.11
N ALA C 98 -2.28 -11.51 -56.57
CA ALA C 98 -1.21 -12.40 -56.11
C ALA C 98 -1.45 -12.92 -54.69
N THR C 99 -1.04 -14.17 -54.46
CA THR C 99 -1.12 -14.80 -53.14
C THR C 99 0.27 -15.10 -52.57
N ALA C 100 0.40 -15.02 -51.25
CA ALA C 100 1.68 -15.23 -50.56
C ALA C 100 1.91 -16.70 -50.20
N SER C 101 0.83 -17.38 -49.82
CA SER C 101 0.91 -18.81 -49.47
C SER C 101 -0.37 -19.57 -49.77
N ALA C 102 -0.21 -20.85 -50.09
CA ALA C 102 -1.33 -21.74 -50.39
C ALA C 102 -1.16 -23.08 -49.68
N ALA C 103 -2.29 -23.71 -49.33
CA ALA C 103 -2.29 -24.99 -48.64
C ALA C 103 -3.21 -26.00 -49.32
N ILE C 104 -2.82 -27.27 -49.31
CA ILE C 104 -3.59 -28.34 -49.93
C ILE C 104 -4.19 -29.26 -48.86
N LEU C 105 -5.49 -29.49 -48.95
CA LEU C 105 -6.20 -30.38 -48.01
C LEU C 105 -6.59 -31.69 -48.71
N GLU C 106 -7.16 -31.56 -49.91
CA GLU C 106 -7.52 -32.72 -50.73
C GLU C 106 -6.80 -32.61 -52.08
N PRO C 107 -5.89 -33.56 -52.37
CA PRO C 107 -5.07 -33.52 -53.59
C PRO C 107 -5.87 -33.75 -54.88
N GLY C 108 -6.86 -34.65 -54.83
CA GLY C 108 -7.71 -34.92 -55.98
C GLY C 108 -7.03 -35.73 -57.06
N GLU C 109 -6.77 -35.10 -58.20
CA GLU C 109 -6.10 -35.75 -59.33
C GLU C 109 -4.57 -35.59 -59.28
N ALA C 110 -4.10 -34.91 -58.23
CA ALA C 110 -2.67 -34.70 -58.03
C ALA C 110 -2.16 -35.44 -56.79
N LYS C 111 -2.69 -36.63 -56.55
CA LYS C 111 -2.28 -37.47 -55.42
C LYS C 111 -0.88 -38.04 -55.61
N ASP C 112 -0.60 -38.51 -56.82
CA ASP C 112 0.73 -39.04 -57.17
C ASP C 112 1.74 -37.93 -57.43
N LEU C 113 1.25 -36.75 -57.80
CA LEU C 113 2.10 -35.60 -58.06
C LEU C 113 2.59 -34.95 -56.77
N VAL C 114 1.75 -34.97 -55.74
CA VAL C 114 2.11 -34.44 -54.42
C VAL C 114 3.07 -35.37 -53.68
N ASP C 115 2.80 -36.68 -53.76
CA ASP C 115 3.65 -37.70 -53.12
C ASP C 115 5.08 -37.73 -53.66
N GLU C 116 5.26 -37.24 -54.88
CA GLU C 116 6.58 -37.11 -55.50
C GLU C 116 7.29 -35.86 -54.97
N ILE C 117 6.52 -34.80 -54.75
CA ILE C 117 7.04 -33.51 -54.26
C ILE C 117 7.54 -33.61 -52.82
N ILE C 118 6.74 -34.25 -51.96
CA ILE C 118 7.06 -34.38 -50.53
C ILE C 118 8.32 -35.21 -50.26
N LYS C 119 8.65 -36.10 -51.20
CA LYS C 119 9.82 -36.99 -51.06
C LYS C 119 11.06 -36.44 -51.76
N ARG C 120 10.89 -35.37 -52.52
CA ARG C 120 12.01 -34.68 -53.19
C ARG C 120 12.56 -33.52 -52.36
N VAL C 121 11.71 -32.96 -51.50
CA VAL C 121 12.10 -31.84 -50.65
C VAL C 121 12.78 -32.28 -49.35
N ASN C 122 12.51 -33.52 -48.94
CA ASN C 122 13.11 -34.09 -47.73
C ASN C 122 14.61 -34.40 -47.89
N GLU C 123 15.06 -34.47 -49.13
CA GLU C 123 16.46 -34.78 -49.44
C GLU C 123 17.33 -33.54 -49.40
N ILE C 124 16.80 -32.41 -49.86
CA ILE C 124 17.52 -31.13 -49.87
C ILE C 124 17.45 -30.40 -48.52
N LYS C 125 16.64 -30.92 -47.59
CA LYS C 125 16.56 -30.39 -46.23
C LYS C 125 17.77 -30.81 -45.40
N GLY C 126 17.98 -32.11 -45.27
CA GLY C 126 19.08 -32.66 -44.49
C GLY C 126 20.31 -32.93 -45.32
N VAL E 2 -10.22 5.42 69.39
CA VAL E 2 -10.14 4.39 68.32
C VAL E 2 -10.56 4.99 66.97
N LYS E 3 -9.66 5.77 66.39
CA LYS E 3 -9.90 6.43 65.10
C LYS E 3 -9.36 5.58 63.96
N ILE E 4 -10.19 5.34 62.96
CA ILE E 4 -9.83 4.50 61.82
C ILE E 4 -9.78 5.29 60.53
N TYR E 5 -8.68 5.13 59.77
CA TYR E 5 -8.58 5.70 58.43
C TYR E 5 -8.99 4.64 57.41
N LEU E 6 -9.96 5.00 56.58
CA LEU E 6 -10.54 4.07 55.63
C LEU E 6 -9.91 4.25 54.26
N ILE E 7 -9.41 3.15 53.72
CA ILE E 7 -8.86 3.10 52.37
C ILE E 7 -9.71 2.19 51.51
N GLU E 8 -10.16 2.74 50.38
CA GLU E 8 -10.89 1.97 49.37
C GLU E 8 -10.06 1.89 48.11
N HIS E 9 -9.90 0.67 47.61
CA HIS E 9 -9.01 0.39 46.49
C HIS E 9 -9.50 -0.83 45.73
N VAL E 10 -8.89 -1.09 44.57
CA VAL E 10 -9.17 -2.28 43.76
C VAL E 10 -9.09 -3.57 44.58
N ILE E 11 -8.08 -3.68 45.43
CA ILE E 11 -7.88 -4.88 46.27
C ILE E 11 -8.98 -5.09 47.31
N GLY E 12 -9.60 -4.00 47.77
CA GLY E 12 -10.68 -4.06 48.74
C GLY E 12 -10.76 -2.85 49.65
N ALA E 13 -11.28 -3.07 50.84
CA ALA E 13 -11.36 -2.02 51.85
C ALA E 13 -10.41 -2.35 53.00
N VAL E 14 -9.58 -1.38 53.35
CA VAL E 14 -8.58 -1.58 54.39
C VAL E 14 -8.71 -0.50 55.46
N ALA E 15 -8.82 -0.93 56.72
CA ALA E 15 -8.89 -0.01 57.85
C ALA E 15 -7.52 0.16 58.50
N TYR E 16 -7.06 1.39 58.59
CA TYR E 16 -5.78 1.71 59.20
C TYR E 16 -5.96 2.50 60.48
N ASP E 17 -4.96 2.46 61.36
CA ASP E 17 -4.92 3.33 62.53
C ASP E 17 -4.23 4.64 62.15
N GLU E 18 -4.01 5.52 63.13
CA GLU E 18 -3.42 6.83 62.88
C GLU E 18 -1.95 6.80 62.42
N ASN E 19 -1.30 5.65 62.60
CA ASN E 19 0.14 5.52 62.31
C ASN E 19 0.49 4.59 61.15
N GLY E 20 -0.54 4.17 60.39
CA GLY E 20 -0.32 3.37 59.18
C GLY E 20 -0.19 1.87 59.41
N ASN E 21 -0.81 1.39 60.48
CA ASN E 21 -0.84 -0.05 60.78
C ASN E 21 -2.22 -0.62 60.45
N ILE E 22 -2.24 -1.76 59.76
CA ILE E 22 -3.50 -2.40 59.35
C ILE E 22 -4.27 -2.89 60.57
N VAL E 23 -5.51 -2.47 60.70
CA VAL E 23 -6.37 -2.86 61.81
C VAL E 23 -7.25 -4.05 61.42
N ASP E 24 -7.88 -3.95 60.25
CA ASP E 24 -8.69 -5.03 59.68
C ASP E 24 -8.97 -4.75 58.21
N TYR E 25 -9.19 -5.81 57.44
CA TYR E 25 -9.44 -5.68 56.01
C TYR E 25 -10.52 -6.64 55.52
N ILE E 26 -11.27 -6.22 54.51
CA ILE E 26 -12.12 -7.12 53.74
C ILE E 26 -11.73 -7.05 52.27
N THR E 27 -11.27 -8.18 51.76
CA THR E 27 -10.69 -8.28 50.42
C THR E 27 -11.76 -8.38 49.34
N ASN E 28 -11.61 -7.57 48.30
CA ASN E 28 -12.46 -7.66 47.11
C ASN E 28 -12.21 -8.96 46.35
N PRO E 29 -13.29 -9.60 45.84
CA PRO E 29 -13.10 -10.79 45.02
C PRO E 29 -12.57 -10.42 43.64
N ARG E 30 -11.80 -11.32 43.02
CA ARG E 30 -11.19 -11.06 41.71
C ARG E 30 -12.20 -11.15 40.56
N ASP E 31 -13.30 -10.41 40.69
CA ASP E 31 -14.30 -10.31 39.62
C ASP E 31 -14.23 -8.92 39.01
N LEU E 32 -13.98 -8.87 37.70
CA LEU E 32 -13.88 -7.61 36.98
C LEU E 32 -15.21 -6.87 36.94
N GLY E 33 -16.30 -7.61 36.75
CA GLY E 33 -17.64 -7.03 36.69
C GLY E 33 -18.06 -6.28 37.94
N LYS E 34 -17.79 -6.88 39.10
CA LYS E 34 -18.15 -6.28 40.39
C LYS E 34 -17.31 -5.06 40.74
N ILE E 35 -15.99 -5.20 40.65
CA ILE E 35 -15.08 -4.12 41.02
C ILE E 35 -15.28 -2.90 40.14
N THR E 36 -15.53 -3.11 38.85
CA THR E 36 -15.78 -2.00 37.94
C THR E 36 -17.02 -1.22 38.38
N GLU E 37 -18.11 -1.94 38.63
CA GLU E 37 -19.38 -1.31 38.98
C GLU E 37 -19.30 -0.56 40.32
N GLU E 38 -18.63 -1.15 41.30
CA GLU E 38 -18.42 -0.52 42.60
C GLU E 38 -17.52 0.72 42.51
N LEU E 39 -16.60 0.71 41.57
CA LEU E 39 -15.71 1.84 41.33
C LEU E 39 -16.44 3.05 40.73
N LEU E 40 -17.45 2.78 39.91
CA LEU E 40 -18.30 3.83 39.36
C LEU E 40 -19.17 4.44 40.45
N ASN E 41 -19.59 3.59 41.39
CA ASN E 41 -20.37 4.01 42.53
C ASN E 41 -19.54 4.84 43.52
N ASN E 42 -18.26 4.52 43.63
CA ASN E 42 -17.36 5.24 44.52
C ASN E 42 -17.16 6.71 44.11
N GLU E 43 -17.32 6.98 42.82
CA GLU E 43 -17.25 8.35 42.30
C GLU E 43 -18.44 9.19 42.77
N LYS E 44 -19.61 8.56 42.85
CA LYS E 44 -20.80 9.23 43.36
C LYS E 44 -20.83 9.28 44.88
N GLY E 45 -20.05 8.41 45.52
CA GLY E 45 -19.92 8.40 46.98
C GLY E 45 -20.46 7.16 47.66
N ILE E 46 -20.98 6.21 46.89
CA ILE E 46 -21.45 4.94 47.43
C ILE E 46 -20.25 4.06 47.75
N PRO E 47 -20.15 3.57 49.00
CA PRO E 47 -18.98 2.79 49.40
C PRO E 47 -19.02 1.38 48.83
N PHE E 48 -17.87 0.71 48.82
CA PHE E 48 -17.81 -0.69 48.44
C PHE E 48 -18.62 -1.51 49.44
N SER E 49 -19.22 -2.58 48.96
CA SER E 49 -19.89 -3.54 49.85
C SER E 49 -18.87 -4.10 50.84
N ALA E 50 -17.61 -4.13 50.41
CA ALA E 50 -16.49 -4.53 51.26
C ALA E 50 -16.25 -3.55 52.42
N THR E 51 -16.58 -2.27 52.19
CA THR E 51 -16.46 -1.25 53.23
C THR E 51 -17.57 -1.41 54.27
N VAL E 52 -18.80 -1.60 53.80
CA VAL E 52 -19.95 -1.82 54.66
C VAL E 52 -19.70 -3.01 55.59
N GLU E 53 -19.19 -4.10 55.03
CA GLU E 53 -18.80 -5.28 55.81
C GLU E 53 -17.66 -4.98 56.78
N LEU E 54 -16.67 -4.21 56.32
CA LEU E 54 -15.53 -3.84 57.15
C LEU E 54 -15.96 -2.99 58.34
N LEU E 55 -16.78 -1.98 58.09
CA LEU E 55 -17.25 -1.09 59.14
C LEU E 55 -18.16 -1.80 60.15
N LYS E 56 -18.86 -2.83 59.70
CA LYS E 56 -19.70 -3.64 60.58
C LYS E 56 -18.85 -4.43 61.58
N LYS E 57 -17.73 -4.98 61.13
CA LYS E 57 -16.88 -5.81 62.00
C LYS E 57 -15.84 -5.01 62.80
N VAL E 58 -16.02 -3.69 62.86
CA VAL E 58 -15.15 -2.82 63.67
C VAL E 58 -15.95 -1.81 64.49
N ASN E 59 -17.07 -1.35 63.91
CA ASN E 59 -17.85 -0.20 64.44
C ASN E 59 -17.06 0.86 65.21
N PRO E 60 -16.21 1.62 64.49
CA PRO E 60 -15.24 2.54 65.09
C PRO E 60 -15.88 3.77 65.71
N GLN E 61 -15.11 4.50 66.50
CA GLN E 61 -15.55 5.76 67.11
C GLN E 61 -15.69 6.82 66.04
N GLU E 62 -14.65 6.95 65.21
CA GLU E 62 -14.59 7.93 64.13
C GLU E 62 -13.89 7.34 62.92
N VAL E 63 -14.50 7.49 61.75
CA VAL E 63 -13.87 7.08 60.49
C VAL E 63 -13.54 8.29 59.61
N VAL E 64 -12.40 8.21 58.92
CA VAL E 64 -11.95 9.27 58.04
C VAL E 64 -11.66 8.72 56.65
N VAL E 65 -12.38 9.23 55.66
CA VAL E 65 -12.39 8.66 54.31
C VAL E 65 -11.58 9.50 53.33
N GLU E 66 -11.05 8.83 52.30
CA GLU E 66 -10.26 9.44 51.23
C GLU E 66 -11.07 10.40 50.37
N ASN E 67 -12.33 10.04 50.09
CA ASN E 67 -13.16 10.78 49.16
C ASN E 67 -14.31 11.50 49.85
N GLU E 68 -14.47 12.79 49.54
CA GLU E 68 -15.45 13.64 50.22
C GLU E 68 -16.90 13.37 49.80
N ALA E 69 -17.08 12.66 48.69
CA ALA E 69 -18.41 12.32 48.19
C ALA E 69 -19.08 11.24 49.04
N GLU E 70 -18.29 10.53 49.85
CA GLU E 70 -18.79 9.44 50.67
C GLU E 70 -19.35 9.88 52.01
N VAL E 71 -18.78 10.96 52.55
CA VAL E 71 -19.12 11.45 53.90
C VAL E 71 -20.60 11.34 54.28
N PRO E 72 -21.52 11.90 53.45
CA PRO E 72 -22.94 11.76 53.79
C PRO E 72 -23.44 10.31 53.75
N LYS E 73 -23.02 9.55 52.73
CA LYS E 73 -23.46 8.17 52.54
C LYS E 73 -23.03 7.21 53.64
N LEU E 74 -21.94 7.55 54.33
CA LEU E 74 -21.47 6.76 55.47
C LEU E 74 -22.03 7.27 56.79
N GLN E 75 -22.43 8.54 56.82
CA GLN E 75 -23.10 9.11 57.97
C GLN E 75 -24.55 8.63 58.06
N ALA E 76 -25.08 8.18 56.92
CA ALA E 76 -26.43 7.63 56.85
C ALA E 76 -26.53 6.29 57.59
N LEU E 77 -25.41 5.61 57.74
CA LEU E 77 -25.37 4.36 58.51
C LEU E 77 -25.19 4.60 60.01
N GLY E 78 -24.84 5.83 60.37
CA GLY E 78 -24.70 6.22 61.77
C GLY E 78 -23.27 6.23 62.29
N TYR E 79 -22.32 6.46 61.38
CA TYR E 79 -20.91 6.57 61.75
C TYR E 79 -20.48 8.03 61.81
N ARG E 80 -19.51 8.33 62.67
CA ARG E 80 -18.92 9.64 62.72
C ARG E 80 -17.86 9.72 61.63
N VAL E 81 -18.13 10.53 60.61
CA VAL E 81 -17.29 10.57 59.42
C VAL E 81 -16.57 11.91 59.24
N SER E 82 -15.29 11.85 58.87
CA SER E 82 -14.51 13.03 58.50
C SER E 82 -13.75 12.80 57.19
N TYR E 83 -13.07 13.84 56.71
CA TYR E 83 -12.44 13.80 55.38
C TYR E 83 -11.04 14.44 55.35
N GLU E 84 -10.03 13.61 55.09
CA GLU E 84 -8.68 14.08 54.78
C GLU E 84 -8.37 13.72 53.34
N PRO E 85 -7.82 14.66 52.56
CA PRO E 85 -7.58 14.44 51.14
C PRO E 85 -6.35 13.56 50.87
N TYR E 86 -5.17 14.14 51.03
CA TYR E 86 -3.92 13.39 50.86
C TYR E 86 -3.34 13.04 52.21
N SER E 87 -4.05 12.16 52.93
CA SER E 87 -3.66 11.76 54.27
C SER E 87 -2.40 10.93 54.29
N LYS E 88 -1.58 11.12 55.32
CA LYS E 88 -0.33 10.39 55.50
C LYS E 88 -0.55 8.88 55.54
N VAL E 89 -1.76 8.48 55.92
CA VAL E 89 -2.15 7.07 55.95
C VAL E 89 -2.36 6.54 54.52
N SER E 90 -3.15 7.27 53.73
CA SER E 90 -3.50 6.86 52.37
C SER E 90 -2.27 6.72 51.47
N ARG E 91 -1.29 7.59 51.66
CA ARG E 91 -0.01 7.49 50.93
C ARG E 91 0.73 6.21 51.32
N ILE E 92 0.93 6.00 52.62
CA ILE E 92 1.61 4.81 53.15
C ILE E 92 1.04 3.52 52.58
N PHE E 93 -0.29 3.49 52.41
CA PHE E 93 -0.97 2.39 51.75
C PHE E 93 -0.43 2.17 50.34
N ARG E 94 -0.39 3.25 49.56
CA ARG E 94 0.06 3.20 48.17
C ARG E 94 1.57 3.03 48.01
N GLU E 95 2.32 3.40 49.03
CA GLU E 95 3.78 3.21 49.07
C GLU E 95 4.14 1.73 49.05
N SER E 96 3.26 0.92 49.67
CA SER E 96 3.45 -0.52 49.80
C SER E 96 2.39 -1.30 49.04
N LEU E 97 1.86 -0.72 47.96
CA LEU E 97 0.75 -1.32 47.21
C LEU E 97 1.08 -2.64 46.48
N PRO E 98 2.30 -2.79 45.93
CA PRO E 98 2.60 -4.08 45.31
C PRO E 98 2.54 -5.23 46.32
N LYS E 99 2.92 -4.94 47.56
CA LYS E 99 3.01 -5.95 48.61
C LYS E 99 1.66 -6.24 49.28
N VAL E 100 0.98 -5.21 49.79
CA VAL E 100 -0.27 -5.39 50.54
C VAL E 100 -1.36 -6.14 49.78
N ALA E 101 -1.27 -6.14 48.45
CA ALA E 101 -2.18 -6.89 47.59
C ALA E 101 -2.03 -8.39 47.86
N ILE E 102 -0.79 -8.82 48.05
CA ILE E 102 -0.51 -10.21 48.42
C ILE E 102 -0.79 -10.42 49.91
N ASP E 103 -0.50 -9.40 50.72
CA ASP E 103 -0.66 -9.48 52.18
C ASP E 103 -2.12 -9.64 52.63
N ILE E 104 -3.04 -8.97 51.94
CA ILE E 104 -4.48 -9.13 52.23
C ILE E 104 -5.09 -10.28 51.42
N LYS E 105 -4.24 -10.99 50.69
CA LYS E 105 -4.61 -12.17 49.91
C LYS E 105 -5.60 -11.87 48.78
N PHE E 106 -5.35 -10.76 48.08
CA PHE E 106 -6.07 -10.45 46.86
C PHE E 106 -5.44 -11.19 45.68
N ALA E 107 -4.12 -11.36 45.75
CA ALA E 107 -3.36 -12.06 44.72
C ALA E 107 -2.25 -12.92 45.33
N SER E 108 -1.80 -13.93 44.57
CA SER E 108 -0.74 -14.81 45.02
C SER E 108 0.66 -14.18 44.88
N ASN E 109 0.87 -13.47 43.78
CA ASN E 109 2.14 -12.78 43.52
C ASN E 109 1.96 -11.41 42.86
N GLU E 110 3.07 -10.77 42.53
CA GLU E 110 3.04 -9.45 41.90
C GLU E 110 2.51 -9.50 40.46
N GLU E 111 3.00 -10.47 39.69
CA GLU E 111 2.67 -10.58 38.26
C GLU E 111 1.16 -10.59 37.99
N ASP E 112 0.44 -11.51 38.62
CA ASP E 112 -1.00 -11.67 38.36
C ASP E 112 -1.84 -10.54 38.94
N TYR E 113 -1.29 -9.81 39.91
CA TYR E 113 -1.95 -8.61 40.42
C TYR E 113 -1.97 -7.52 39.35
N TYR E 114 -0.80 -7.25 38.78
CA TYR E 114 -0.69 -6.27 37.69
C TYR E 114 -1.35 -6.79 36.41
N ASN E 115 -1.40 -8.11 36.26
CA ASN E 115 -2.16 -8.73 35.17
C ASN E 115 -3.67 -8.58 35.37
N PHE E 116 -4.10 -8.48 36.63
CA PHE E 116 -5.49 -8.20 36.94
C PHE E 116 -5.77 -6.71 36.77
N LEU E 117 -4.88 -5.89 37.34
CA LEU E 117 -5.02 -4.44 37.30
C LEU E 117 -5.06 -3.93 35.86
N HIS E 118 -4.38 -4.65 34.97
CA HIS E 118 -4.36 -4.34 33.56
C HIS E 118 -5.73 -4.60 32.92
N GLU E 119 -6.25 -5.81 33.12
CA GLU E 119 -7.59 -6.18 32.63
C GLU E 119 -8.64 -5.23 33.17
N LEU E 120 -8.44 -4.76 34.41
CA LEU E 120 -9.36 -3.85 35.06
C LEU E 120 -9.29 -2.45 34.45
N SER E 121 -8.11 -1.85 34.48
CA SER E 121 -7.90 -0.50 33.95
C SER E 121 -8.48 -0.35 32.55
N LEU E 122 -8.41 -1.44 31.78
CA LEU E 122 -9.01 -1.48 30.45
C LEU E 122 -10.54 -1.51 30.52
N GLU E 123 -11.09 -2.37 31.36
CA GLU E 123 -12.54 -2.47 31.52
C GLU E 123 -13.17 -1.22 32.10
N TYR E 124 -12.63 -0.75 33.22
CA TYR E 124 -13.14 0.42 33.91
C TYR E 124 -13.28 1.61 32.96
N THR E 125 -12.24 1.84 32.15
CA THR E 125 -12.21 2.99 31.24
C THR E 125 -12.96 2.74 29.95
N ARG E 126 -13.55 1.56 29.83
CA ARG E 126 -14.46 1.27 28.73
C ARG E 126 -15.91 1.40 29.18
N ARG E 127 -16.14 1.26 30.49
CA ARG E 127 -17.46 1.43 31.07
C ARG E 127 -17.88 2.89 31.01
N LYS E 128 -16.93 3.78 31.26
CA LYS E 128 -17.18 5.22 31.17
C LYS E 128 -17.38 5.62 29.70
N LEU E 129 -16.95 4.76 28.80
CA LEU E 129 -17.19 4.91 27.37
C LEU E 129 -18.44 4.17 26.89
N ARG E 130 -18.94 3.25 27.71
CA ARG E 130 -19.99 2.32 27.31
C ARG E 130 -21.33 3.01 27.00
N SER E 131 -21.64 4.08 27.73
CA SER E 131 -22.71 4.99 27.34
C SER E 131 -22.18 5.82 26.17
N ALA E 132 -21.95 5.13 25.06
CA ALA E 132 -21.14 5.62 23.96
C ALA E 132 -21.80 6.73 23.16
N ALA E 133 -21.01 7.42 22.35
CA ALA E 133 -21.54 8.29 21.31
C ALA E 133 -22.32 7.44 20.30
N GLN E 134 -23.21 6.61 20.85
CA GLN E 134 -24.05 5.65 20.12
C GLN E 134 -23.30 4.78 19.11
N LYS E 135 -23.49 5.10 17.82
CA LYS E 135 -23.07 4.24 16.71
C LYS E 135 -21.59 3.85 16.77
N ARG E 136 -21.35 2.63 17.22
CA ARG E 136 -20.02 2.08 17.43
C ARG E 136 -19.99 0.66 16.87
N ASP E 137 -21.13 -0.02 16.98
CA ASP E 137 -21.32 -1.38 16.50
C ASP E 137 -21.16 -1.50 14.99
N LEU E 138 -21.72 -0.54 14.26
CA LEU E 138 -21.66 -0.50 12.80
C LEU E 138 -20.23 -0.32 12.30
N LEU E 139 -19.42 0.41 13.07
CA LEU E 139 -18.02 0.62 12.76
C LEU E 139 -17.24 -0.68 12.87
N ALA E 140 -17.51 -1.45 13.92
CA ALA E 140 -16.89 -2.76 14.12
C ALA E 140 -17.21 -3.70 12.96
N ILE E 141 -18.46 -3.62 12.49
CA ILE E 141 -18.91 -4.41 11.33
C ILE E 141 -18.08 -4.05 10.10
N GLN E 142 -17.91 -2.75 9.86
CA GLN E 142 -17.09 -2.27 8.75
C GLN E 142 -15.63 -2.65 8.91
N ALA E 143 -15.18 -2.79 10.16
CA ALA E 143 -13.80 -3.16 10.45
C ALA E 143 -13.52 -4.63 10.14
N VAL E 144 -14.44 -5.50 10.54
CA VAL E 144 -14.29 -6.94 10.32
C VAL E 144 -14.55 -7.33 8.85
N ARG E 145 -15.40 -6.56 8.17
CA ARG E 145 -15.65 -6.75 6.74
C ARG E 145 -14.44 -6.35 5.92
N ALA E 146 -13.73 -5.32 6.37
CA ALA E 146 -12.51 -4.87 5.74
C ALA E 146 -11.42 -5.93 5.84
N MET E 147 -11.35 -6.58 6.99
CA MET E 147 -10.40 -7.66 7.22
C MET E 147 -10.64 -8.83 6.27
N ASP E 148 -11.91 -9.14 6.02
CA ASP E 148 -12.30 -10.14 5.03
C ASP E 148 -12.01 -9.66 3.61
N ASP E 149 -12.10 -8.34 3.40
CA ASP E 149 -11.79 -7.73 2.10
C ASP E 149 -10.30 -7.66 1.84
N ILE E 150 -9.51 -7.61 2.91
CA ILE E 150 -8.05 -7.60 2.81
C ILE E 150 -7.52 -9.00 2.54
N ASP E 151 -8.02 -9.98 3.30
CA ASP E 151 -7.66 -11.39 3.11
C ASP E 151 -7.99 -11.87 1.70
N LYS E 152 -9.09 -11.38 1.15
CA LYS E 152 -9.53 -11.73 -0.20
C LYS E 152 -8.65 -11.04 -1.22
N THR E 153 -8.12 -9.88 -0.87
CA THR E 153 -7.20 -9.13 -1.72
C THR E 153 -5.80 -9.76 -1.75
N ILE E 154 -5.29 -10.10 -0.57
CA ILE E 154 -3.96 -10.71 -0.46
C ILE E 154 -3.80 -11.92 -1.37
N ASN E 155 -4.78 -12.82 -1.35
CA ASN E 155 -4.81 -14.00 -2.23
C ASN E 155 -4.74 -13.65 -3.71
N LEU E 156 -5.37 -12.53 -4.10
CA LEU E 156 -5.38 -12.08 -5.48
C LEU E 156 -4.03 -11.55 -5.91
N PHE E 157 -3.41 -10.75 -5.05
CA PHE E 157 -2.09 -10.17 -5.34
C PHE E 157 -0.96 -11.18 -5.25
N SER E 158 -1.00 -12.04 -4.24
CA SER E 158 0.03 -13.06 -4.05
C SER E 158 0.06 -14.06 -5.21
N GLU E 159 -1.11 -14.44 -5.68
CA GLU E 159 -1.24 -15.34 -6.83
C GLU E 159 -0.62 -14.70 -8.07
N ARG E 160 -0.92 -13.41 -8.27
CA ARG E 160 -0.38 -12.62 -9.37
C ARG E 160 1.14 -12.40 -9.22
N LEU E 161 1.58 -12.21 -7.98
CA LEU E 161 3.00 -12.00 -7.69
C LEU E 161 3.78 -13.30 -7.91
N ARG E 162 3.18 -14.43 -7.53
CA ARG E 162 3.78 -15.74 -7.73
C ARG E 162 3.93 -16.08 -9.20
N GLU E 163 2.87 -15.82 -9.97
CA GLU E 163 2.84 -16.11 -11.41
C GLU E 163 3.80 -15.19 -12.17
N TRP E 164 3.95 -13.96 -11.68
CA TRP E 164 4.88 -12.99 -12.24
C TRP E 164 6.32 -13.38 -11.94
N TYR E 165 6.61 -13.63 -10.67
CA TYR E 165 7.97 -13.92 -10.20
C TYR E 165 8.49 -15.29 -10.66
N SER E 166 7.57 -16.20 -10.98
CA SER E 166 7.94 -17.53 -11.50
C SER E 166 8.72 -17.44 -12.81
N ILE E 167 8.55 -16.33 -13.53
CA ILE E 167 9.28 -16.06 -14.77
C ILE E 167 10.79 -15.96 -14.49
N HIS E 168 11.14 -15.40 -13.34
CA HIS E 168 12.53 -15.28 -12.92
C HIS E 168 12.97 -16.47 -12.07
N PHE E 169 12.01 -17.05 -11.33
CA PHE E 169 12.31 -18.11 -10.37
C PHE E 169 11.09 -19.02 -10.20
N PRO E 170 11.00 -20.08 -11.03
CA PRO E 170 9.86 -20.99 -10.98
C PRO E 170 9.90 -21.92 -9.77
N GLU E 171 11.10 -22.20 -9.27
CA GLU E 171 11.30 -23.12 -8.15
C GLU E 171 10.74 -22.59 -6.83
N LEU E 172 10.64 -21.27 -6.70
CA LEU E 172 10.22 -20.63 -5.47
C LEU E 172 8.72 -20.80 -5.17
N ASP E 173 7.92 -20.91 -6.22
CA ASP E 173 6.46 -20.99 -6.11
C ASP E 173 5.96 -22.15 -5.24
N LYS E 174 6.62 -23.30 -5.34
CA LYS E 174 6.21 -24.49 -4.60
C LYS E 174 7.02 -24.71 -3.32
N LEU E 175 8.10 -23.94 -3.16
CA LEU E 175 8.97 -24.05 -1.99
C LEU E 175 8.38 -23.44 -0.72
N ILE E 176 7.67 -22.31 -0.88
CA ILE E 176 7.02 -21.64 0.23
C ILE E 176 5.54 -21.40 -0.09
N GLU E 177 4.65 -22.10 0.61
CA GLU E 177 3.21 -21.94 0.42
C GLU E 177 2.65 -20.73 1.19
N ASP E 178 3.48 -20.13 2.03
CA ASP E 178 3.11 -18.91 2.76
C ASP E 178 3.26 -17.69 1.85
N HIS E 179 2.15 -16.97 1.65
CA HIS E 179 2.10 -15.83 0.75
C HIS E 179 2.95 -14.66 1.24
N GLU E 180 3.06 -14.52 2.56
CA GLU E 180 3.81 -13.42 3.17
C GLU E 180 5.30 -13.57 2.92
N GLU E 181 5.87 -14.70 3.34
CA GLU E 181 7.30 -14.97 3.19
C GLU E 181 7.76 -14.80 1.74
N TYR E 182 6.91 -15.23 0.81
CA TYR E 182 7.18 -15.11 -0.62
C TYR E 182 7.41 -13.65 -1.02
N ALA E 183 6.51 -12.77 -0.58
CA ALA E 183 6.59 -11.34 -0.91
C ALA E 183 7.75 -10.64 -0.23
N THR E 184 8.18 -11.17 0.92
CA THR E 184 9.30 -10.61 1.67
C THR E 184 10.62 -10.81 0.92
N ILE E 185 10.77 -11.97 0.29
CA ILE E 185 11.97 -12.30 -0.49
C ILE E 185 12.07 -11.40 -1.73
N VAL E 186 10.94 -11.15 -2.37
CA VAL E 186 10.87 -10.30 -3.55
C VAL E 186 11.18 -8.84 -3.19
N SER E 187 10.80 -8.45 -1.97
CA SER E 187 10.95 -7.07 -1.52
C SER E 187 12.39 -6.63 -1.29
N ARG E 188 13.14 -7.39 -0.49
CA ARG E 188 14.47 -6.99 -0.07
C ARG E 188 15.59 -7.44 -1.01
N PHE E 189 15.27 -8.35 -1.93
CA PHE E 189 16.31 -8.95 -2.79
C PHE E 189 16.16 -8.66 -4.28
N GLY E 190 15.11 -9.20 -4.89
CA GLY E 190 14.88 -9.04 -6.33
C GLY E 190 15.48 -10.17 -7.14
N ASP E 191 16.72 -9.98 -7.59
CA ASP E 191 17.42 -10.99 -8.39
C ASP E 191 17.85 -12.16 -7.52
N ARG E 192 17.80 -13.37 -8.08
CA ARG E 192 18.14 -14.60 -7.36
C ARG E 192 19.53 -14.54 -6.74
N GLY E 193 20.53 -14.13 -7.55
CA GLY E 193 21.93 -14.10 -7.15
C GLY E 193 22.29 -13.05 -6.11
N PHE E 194 21.27 -12.51 -5.44
CA PHE E 194 21.45 -11.56 -4.35
C PHE E 194 21.18 -12.21 -3.01
N LEU E 195 20.93 -13.52 -3.02
CA LEU E 195 20.61 -14.27 -1.81
C LEU E 195 21.84 -14.95 -1.21
N THR E 196 21.99 -14.77 0.10
CA THR E 196 23.10 -15.39 0.85
C THR E 196 22.54 -16.30 1.94
N ILE E 197 23.40 -17.15 2.50
CA ILE E 197 23.02 -18.06 3.59
C ILE E 197 22.63 -17.27 4.84
N ASP E 198 23.42 -16.24 5.17
CA ASP E 198 23.18 -15.39 6.34
C ASP E 198 22.02 -14.41 6.15
N SER E 199 21.68 -14.11 4.89
CA SER E 199 20.58 -13.21 4.57
C SER E 199 19.22 -13.87 4.79
N LEU E 200 19.19 -15.19 4.72
CA LEU E 200 17.95 -15.97 4.88
C LEU E 200 17.63 -16.30 6.33
N LYS E 201 18.67 -16.44 7.15
CA LYS E 201 18.49 -16.66 8.60
C LYS E 201 17.97 -15.41 9.31
N GLU E 202 18.18 -14.25 8.70
CA GLU E 202 17.71 -12.96 9.22
C GLU E 202 16.18 -12.83 9.13
N LEU E 203 15.54 -13.88 8.62
CA LEU E 203 14.09 -13.93 8.50
C LEU E 203 13.49 -15.09 9.31
N GLY E 204 14.35 -15.98 9.80
CA GLY E 204 13.94 -17.09 10.65
C GLY E 204 13.66 -18.37 9.89
N PHE E 205 14.68 -18.86 9.18
CA PHE E 205 14.56 -20.09 8.41
C PHE E 205 15.53 -21.17 8.89
N ASN E 206 15.03 -22.41 8.95
CA ASN E 206 15.86 -23.56 9.30
C ASN E 206 16.77 -23.98 8.16
N GLU E 207 17.89 -24.62 8.49
CA GLU E 207 18.95 -24.97 7.53
C GLU E 207 18.54 -25.98 6.45
N GLN E 208 17.46 -26.73 6.70
CA GLN E 208 16.99 -27.76 5.78
C GLN E 208 16.29 -27.20 4.54
N ARG E 209 15.76 -25.98 4.67
CA ARG E 209 15.11 -25.29 3.54
C ARG E 209 16.01 -24.26 2.86
N ILE E 210 16.98 -23.71 3.60
CA ILE E 210 17.95 -22.77 3.05
C ILE E 210 18.77 -23.43 1.93
N ASN E 211 19.18 -24.67 2.16
CA ASN E 211 19.95 -25.46 1.19
C ASN E 211 19.10 -26.00 0.03
N ARG E 212 17.78 -25.87 0.15
CA ARG E 212 16.86 -26.19 -0.94
C ARG E 212 16.67 -25.00 -1.87
N ILE E 213 16.67 -23.79 -1.28
CA ILE E 213 16.44 -22.55 -2.01
C ILE E 213 17.67 -22.15 -2.86
N LEU E 214 18.83 -22.06 -2.22
CA LEU E 214 20.06 -21.66 -2.89
C LEU E 214 20.57 -22.68 -3.90
N ASP E 215 20.22 -23.95 -3.69
CA ASP E 215 20.51 -25.01 -4.66
C ASP E 215 19.59 -24.89 -5.87
N ALA E 216 18.40 -24.33 -5.65
CA ALA E 216 17.44 -24.08 -6.72
C ALA E 216 17.72 -22.74 -7.41
N ALA E 217 18.45 -21.86 -6.72
CA ALA E 217 18.83 -20.55 -7.25
C ALA E 217 19.79 -20.66 -8.43
N LYS E 218 20.78 -21.56 -8.31
CA LYS E 218 21.75 -21.80 -9.37
C LYS E 218 21.14 -22.68 -10.46
N LYS E 219 20.35 -23.68 -10.05
CA LYS E 219 19.67 -24.60 -10.96
C LYS E 219 18.34 -24.04 -11.47
N SER E 220 18.26 -22.72 -11.61
CA SER E 220 17.03 -22.06 -12.07
C SER E 220 16.85 -22.18 -13.58
N ILE E 221 15.66 -22.64 -13.97
CA ILE E 221 15.31 -22.78 -15.40
C ILE E 221 14.86 -21.43 -15.97
N GLY E 222 14.41 -20.55 -15.08
CA GLY E 222 13.91 -19.23 -15.46
C GLY E 222 14.94 -18.33 -16.11
N ALA E 223 14.43 -17.33 -16.84
CA ALA E 223 15.28 -16.42 -17.62
C ALA E 223 15.77 -15.23 -16.81
N ASP E 224 16.87 -14.64 -17.28
CA ASP E 224 17.46 -13.44 -16.67
C ASP E 224 16.48 -12.27 -16.68
N ILE E 225 16.45 -11.54 -15.57
CA ILE E 225 15.59 -10.37 -15.45
C ILE E 225 16.35 -9.11 -15.07
N SER E 226 15.85 -7.97 -15.53
CA SER E 226 16.48 -6.68 -15.28
C SER E 226 15.60 -5.75 -14.45
N GLU E 227 16.18 -4.63 -14.02
CA GLU E 227 15.62 -3.80 -12.95
C GLU E 227 14.30 -3.08 -13.24
N ASP E 228 13.83 -3.12 -14.49
CA ASP E 228 12.47 -2.70 -14.80
C ASP E 228 11.49 -3.63 -14.11
N ASP E 229 11.68 -4.92 -14.37
CA ASP E 229 10.81 -5.98 -13.88
C ASP E 229 10.88 -6.08 -12.36
N LEU E 230 12.09 -5.94 -11.81
CA LEU E 230 12.29 -5.99 -10.36
C LEU E 230 11.54 -4.88 -9.64
N SER E 231 11.71 -3.64 -10.12
CA SER E 231 11.02 -2.47 -9.53
C SER E 231 9.50 -2.57 -9.69
N ALA E 232 9.05 -3.21 -10.76
CA ALA E 232 7.64 -3.43 -11.00
C ALA E 232 7.08 -4.52 -10.09
N MET E 233 7.78 -5.66 -10.01
CA MET E 233 7.39 -6.76 -9.12
C MET E 233 7.36 -6.32 -7.67
N ARG E 234 8.33 -5.50 -7.29
CA ARG E 234 8.44 -4.99 -5.92
C ARG E 234 7.25 -4.15 -5.47
N MET E 235 6.64 -3.43 -6.41
CA MET E 235 5.46 -2.61 -6.13
C MET E 235 4.35 -3.46 -5.53
N ILE E 236 4.09 -4.61 -6.16
CA ILE E 236 3.07 -5.54 -5.67
C ILE E 236 3.57 -6.22 -4.40
N ALA E 237 4.82 -6.65 -4.42
CA ALA E 237 5.43 -7.35 -3.28
C ALA E 237 5.37 -6.53 -1.99
N ASN E 238 5.66 -5.23 -2.09
CA ASN E 238 5.60 -4.32 -0.93
C ASN E 238 4.18 -4.01 -0.48
N THR E 239 3.26 -3.99 -1.44
CA THR E 239 1.84 -3.77 -1.17
C THR E 239 1.24 -4.98 -0.42
N ILE E 240 1.66 -6.18 -0.80
CA ILE E 240 1.27 -7.39 -0.08
C ILE E 240 1.75 -7.30 1.38
N LEU E 241 3.00 -6.87 1.56
CA LEU E 241 3.55 -6.69 2.90
C LEU E 241 2.84 -5.59 3.69
N ASP E 242 2.36 -4.56 3.00
CA ASP E 242 1.57 -3.50 3.61
C ASP E 242 0.24 -4.03 4.11
N LEU E 243 -0.48 -4.74 3.23
CA LEU E 243 -1.79 -5.30 3.56
C LEU E 243 -1.71 -6.29 4.71
N TYR E 244 -0.64 -7.08 4.72
CA TYR E 244 -0.37 -8.02 5.82
C TYR E 244 -0.21 -7.30 7.16
N ASN E 245 0.30 -6.08 7.11
CA ASN E 245 0.39 -5.24 8.30
C ASN E 245 -0.96 -4.62 8.67
N ILE E 246 -1.64 -4.07 7.66
CA ILE E 246 -2.93 -3.42 7.85
C ILE E 246 -3.97 -4.37 8.47
N ARG E 247 -3.93 -5.62 8.04
CA ARG E 247 -4.82 -6.65 8.56
C ARG E 247 -4.57 -6.91 10.05
N ARG E 248 -3.30 -7.08 10.41
CA ARG E 248 -2.91 -7.29 11.81
C ARG E 248 -3.20 -6.07 12.66
N ASN E 249 -3.12 -4.89 12.04
CA ASN E 249 -3.39 -3.64 12.73
C ASN E 249 -4.88 -3.37 12.93
N LEU E 250 -5.69 -3.75 11.95
CA LEU E 250 -7.15 -3.65 12.07
C LEU E 250 -7.68 -4.59 13.14
N ASN E 251 -7.05 -5.76 13.26
CA ASN E 251 -7.38 -6.73 14.29
C ASN E 251 -7.18 -6.18 15.70
N ASN E 252 -6.15 -5.33 15.87
CA ASN E 252 -5.90 -4.66 17.14
C ASN E 252 -6.94 -3.57 17.40
N TYR E 253 -7.36 -2.90 16.32
CA TYR E 253 -8.43 -1.90 16.39
C TYR E 253 -9.78 -2.57 16.69
N LEU E 254 -9.98 -3.74 16.10
CA LEU E 254 -11.21 -4.51 16.29
C LEU E 254 -11.42 -4.82 17.77
N GLU E 255 -10.37 -5.30 18.44
CA GLU E 255 -10.42 -5.64 19.86
C GLU E 255 -10.84 -4.43 20.71
N GLY E 256 -10.32 -3.25 20.37
CA GLY E 256 -10.60 -2.02 21.09
C GLY E 256 -12.03 -1.53 20.97
N VAL E 257 -12.64 -1.82 19.83
CA VAL E 257 -14.03 -1.47 19.58
C VAL E 257 -14.94 -2.55 20.17
N MET E 258 -14.57 -3.81 19.97
CA MET E 258 -15.39 -4.94 20.40
C MET E 258 -15.53 -5.02 21.92
N LYS E 259 -14.46 -4.72 22.65
CA LYS E 259 -14.51 -4.70 24.10
C LYS E 259 -15.23 -3.48 24.66
N GLU E 260 -15.44 -2.47 23.83
CA GLU E 260 -16.12 -1.23 24.23
C GLU E 260 -17.63 -1.31 23.98
N VAL E 261 -18.01 -1.81 22.81
CA VAL E 261 -19.42 -1.80 22.40
C VAL E 261 -20.21 -3.01 22.90
N ALA E 262 -19.61 -4.19 22.86
CA ALA E 262 -20.27 -5.41 23.34
C ALA E 262 -19.28 -6.36 24.03
N PRO E 263 -18.84 -5.99 25.25
CA PRO E 263 -17.75 -6.68 25.94
C PRO E 263 -18.11 -8.09 26.42
N ASN E 264 -19.40 -8.33 26.65
CA ASN E 264 -19.87 -9.62 27.12
C ASN E 264 -19.89 -10.68 26.03
N VAL E 265 -20.19 -10.26 24.80
CA VAL E 265 -20.15 -11.15 23.64
C VAL E 265 -18.69 -11.52 23.35
N THR E 266 -17.82 -10.53 23.45
CA THR E 266 -16.39 -10.67 23.17
C THR E 266 -15.71 -11.68 24.11
N ALA E 267 -16.06 -11.63 25.39
CA ALA E 267 -15.47 -12.51 26.39
C ALA E 267 -15.77 -13.99 26.15
N LEU E 268 -16.89 -14.25 25.47
CA LEU E 268 -17.30 -15.62 25.16
C LEU E 268 -16.60 -16.20 23.94
N VAL E 269 -16.77 -15.55 22.79
CA VAL E 269 -16.30 -16.09 21.51
C VAL E 269 -14.95 -15.55 21.05
N GLY E 270 -14.61 -14.34 21.50
CA GLY E 270 -13.43 -13.64 21.02
C GLY E 270 -13.82 -12.37 20.27
N PRO E 271 -12.83 -11.56 19.86
CA PRO E 271 -13.13 -10.33 19.15
C PRO E 271 -13.62 -10.59 17.71
N ALA E 272 -12.89 -11.42 16.98
CA ALA E 272 -13.16 -11.67 15.57
C ALA E 272 -14.49 -12.37 15.31
N LEU E 273 -14.75 -13.43 16.07
CA LEU E 273 -15.99 -14.22 15.92
C LEU E 273 -17.22 -13.40 16.31
N GLY E 274 -17.09 -12.59 17.36
CA GLY E 274 -18.16 -11.70 17.81
C GLY E 274 -18.46 -10.60 16.82
N ALA E 275 -17.41 -10.09 16.19
CA ALA E 275 -17.54 -9.07 15.15
C ALA E 275 -18.28 -9.63 13.94
N ARG E 276 -17.88 -10.83 13.53
CA ARG E 276 -18.43 -11.48 12.35
C ARG E 276 -19.92 -11.84 12.53
N LEU E 277 -20.33 -12.03 13.79
CA LEU E 277 -21.74 -12.28 14.12
C LEU E 277 -22.59 -11.04 13.89
N LEU E 278 -22.04 -9.88 14.26
CA LEU E 278 -22.72 -8.59 14.09
C LEU E 278 -22.89 -8.23 12.63
N SER E 279 -21.96 -8.69 11.80
CA SER E 279 -21.98 -8.45 10.35
C SER E 279 -23.22 -9.05 9.69
N ILE E 280 -23.60 -10.24 10.13
CA ILE E 280 -24.75 -10.95 9.57
C ILE E 280 -26.06 -10.35 10.05
N ALA E 281 -26.08 -9.93 11.32
CA ALA E 281 -27.27 -9.35 11.95
C ALA E 281 -27.63 -7.98 11.37
N GLY E 282 -26.64 -7.09 11.34
CA GLY E 282 -26.84 -5.72 10.84
C GLY E 282 -26.48 -4.67 11.86
N SER E 283 -26.82 -4.93 13.12
CA SER E 283 -26.49 -4.05 14.26
C SER E 283 -26.44 -4.85 15.56
N LEU E 284 -26.09 -4.18 16.66
CA LEU E 284 -26.06 -4.82 17.98
C LEU E 284 -27.48 -5.13 18.45
N ASP E 285 -28.38 -4.17 18.26
CA ASP E 285 -29.78 -4.31 18.67
C ASP E 285 -30.46 -5.49 17.99
N GLU E 286 -30.12 -5.72 16.72
CA GLU E 286 -30.69 -6.80 15.94
C GLU E 286 -30.14 -8.17 16.32
N LEU E 287 -29.04 -8.20 17.08
CA LEU E 287 -28.51 -9.44 17.63
C LEU E 287 -29.24 -9.81 18.91
N ALA E 288 -29.66 -8.79 19.67
CA ALA E 288 -30.42 -8.99 20.90
C ALA E 288 -31.84 -9.48 20.64
N LYS E 289 -32.42 -9.04 19.52
CA LYS E 289 -33.76 -9.44 19.11
C LYS E 289 -33.79 -10.85 18.51
N MET E 290 -32.63 -11.31 18.07
CA MET E 290 -32.47 -12.69 17.61
C MET E 290 -32.37 -13.63 18.81
N PRO E 291 -33.31 -14.59 18.93
CA PRO E 291 -33.31 -15.54 20.04
C PRO E 291 -32.19 -16.57 19.92
N ALA E 292 -31.96 -17.33 20.99
CA ALA E 292 -30.88 -18.30 21.07
C ALA E 292 -30.79 -19.27 19.89
N SER E 293 -31.95 -19.66 19.37
CA SER E 293 -32.04 -20.61 18.24
C SER E 293 -31.57 -20.02 16.92
N THR E 294 -31.78 -18.71 16.74
CA THR E 294 -31.41 -18.01 15.51
C THR E 294 -29.90 -17.75 15.42
N ILE E 295 -29.28 -17.45 16.57
CA ILE E 295 -27.84 -17.20 16.65
C ILE E 295 -27.05 -18.45 16.22
N GLN E 296 -27.49 -19.61 16.72
CA GLN E 296 -26.86 -20.90 16.44
C GLN E 296 -26.80 -21.24 14.94
N VAL E 297 -27.75 -20.70 14.17
CA VAL E 297 -27.87 -21.04 12.75
C VAL E 297 -27.56 -19.86 11.82
N LEU E 298 -26.63 -19.00 12.23
CA LEU E 298 -26.29 -17.83 11.42
C LEU E 298 -25.34 -18.16 10.26
N GLY E 299 -25.64 -19.25 9.56
CA GLY E 299 -25.02 -19.58 8.29
C GLY E 299 -26.00 -19.27 7.18
N ALA E 300 -27.29 -19.37 7.51
CA ALA E 300 -28.41 -18.97 6.63
C ALA E 300 -28.59 -19.81 5.36
N GLU E 301 -27.54 -20.51 4.94
CA GLU E 301 -27.59 -21.32 3.72
C GLU E 301 -28.03 -22.76 3.98
N LYS E 302 -27.68 -23.28 5.15
CA LYS E 302 -28.01 -24.66 5.53
C LYS E 302 -29.47 -24.83 5.92
N ALA E 303 -30.03 -23.82 6.59
CA ALA E 303 -31.41 -23.87 7.06
C ALA E 303 -32.43 -23.65 5.94
N LEU E 304 -32.05 -22.87 4.94
CA LEU E 304 -32.95 -22.53 3.82
C LEU E 304 -33.12 -23.67 2.81
N PHE E 305 -32.45 -24.79 3.05
CA PHE E 305 -32.48 -25.93 2.14
C PHE E 305 -33.51 -27.00 2.55
N ARG E 306 -33.64 -27.23 3.85
CA ARG E 306 -34.53 -28.26 4.38
C ARG E 306 -36.00 -27.90 4.20
N ARG E 313 -23.87 -23.48 4.20
CA ARG E 313 -22.69 -22.66 3.96
C ARG E 313 -21.40 -23.38 4.38
N PRO E 314 -20.24 -22.90 3.88
CA PRO E 314 -18.89 -23.37 4.20
C PRO E 314 -18.68 -23.40 5.71
N PRO E 315 -18.35 -24.58 6.27
CA PRO E 315 -18.35 -24.99 7.67
C PRO E 315 -19.76 -24.84 8.25
N LYS E 316 -20.61 -25.82 7.94
CA LYS E 316 -22.07 -25.71 8.06
C LYS E 316 -22.63 -25.40 9.46
N HIS E 317 -23.18 -26.42 10.13
CA HIS E 317 -24.00 -26.29 11.34
C HIS E 317 -23.58 -25.18 12.32
N GLY E 318 -23.96 -23.95 11.99
CA GLY E 318 -23.59 -22.76 12.75
C GLY E 318 -22.25 -22.19 12.33
N ILE E 319 -22.21 -20.86 12.17
CA ILE E 319 -20.96 -20.14 11.91
C ILE E 319 -20.14 -20.03 13.20
N ILE E 320 -20.82 -20.28 14.32
CA ILE E 320 -20.26 -20.15 15.66
C ILE E 320 -19.26 -21.26 16.04
N PHE E 321 -19.15 -22.29 15.20
CA PHE E 321 -18.38 -23.49 15.56
C PHE E 321 -16.85 -23.29 15.53
N GLN E 322 -16.42 -22.16 14.97
CA GLN E 322 -15.02 -21.76 14.98
C GLN E 322 -14.46 -21.64 16.41
N TYR E 323 -15.37 -21.63 17.39
CA TYR E 323 -15.05 -21.65 18.81
C TYR E 323 -14.26 -22.92 19.17
N PRO E 324 -13.07 -22.74 19.79
CA PRO E 324 -12.12 -23.82 20.11
C PRO E 324 -12.71 -25.06 20.81
N ALA E 325 -13.87 -24.92 21.43
CA ALA E 325 -14.51 -26.04 22.13
C ALA E 325 -15.38 -26.90 21.20
N ILE E 326 -15.78 -26.34 20.06
CA ILE E 326 -16.55 -27.07 19.05
C ILE E 326 -15.63 -27.57 17.93
N HIS E 327 -14.41 -27.06 17.91
CA HIS E 327 -13.42 -27.40 16.87
C HIS E 327 -12.46 -28.50 17.32
N THR E 328 -12.04 -28.46 18.59
CA THR E 328 -11.13 -29.46 19.15
C THR E 328 -11.87 -30.75 19.48
N SER E 329 -13.05 -30.61 20.08
CA SER E 329 -13.89 -31.75 20.45
C SER E 329 -14.47 -32.46 19.22
N PRO E 330 -14.59 -33.80 19.30
CA PRO E 330 -15.08 -34.65 18.19
C PRO E 330 -16.46 -34.30 17.64
N ARG E 331 -16.85 -34.97 16.55
CA ARG E 331 -18.01 -34.61 15.73
C ARG E 331 -19.39 -34.79 16.39
N TRP E 332 -19.48 -35.69 17.36
CA TRP E 332 -20.77 -36.00 17.98
C TRP E 332 -21.20 -35.05 19.10
N GLN E 333 -20.23 -34.38 19.72
CA GLN E 333 -20.50 -33.44 20.80
C GLN E 333 -20.94 -32.06 20.28
N ARG E 334 -20.72 -31.82 18.98
CA ARG E 334 -20.88 -30.49 18.38
C ARG E 334 -22.30 -29.92 18.43
N GLY E 335 -23.29 -30.78 18.35
CA GLY E 335 -24.70 -30.37 18.43
C GLY E 335 -25.08 -29.80 19.78
N LYS E 336 -24.61 -30.45 20.84
CA LYS E 336 -24.97 -30.09 22.22
C LYS E 336 -24.23 -28.85 22.73
N ILE E 337 -23.02 -28.62 22.22
CA ILE E 337 -22.22 -27.45 22.61
C ILE E 337 -22.73 -26.18 21.90
N ALA E 338 -23.08 -26.32 20.63
CA ALA E 338 -23.56 -25.21 19.81
C ALA E 338 -24.78 -24.51 20.42
N ARG E 339 -25.66 -25.29 21.06
CA ARG E 339 -26.82 -24.75 21.78
C ARG E 339 -26.39 -23.93 22.98
N ALA E 340 -25.50 -24.51 23.79
CA ALA E 340 -25.01 -23.88 25.01
C ALA E 340 -24.32 -22.53 24.75
N LEU E 341 -23.54 -22.47 23.67
CA LEU E 341 -22.85 -21.25 23.29
C LEU E 341 -23.87 -20.19 22.83
N ALA E 342 -24.80 -20.61 21.97
CA ALA E 342 -25.83 -19.71 21.43
C ALA E 342 -26.79 -19.18 22.49
N ALA E 343 -27.02 -19.99 23.52
CA ALA E 343 -27.84 -19.59 24.65
C ALA E 343 -27.17 -18.49 25.45
N LYS E 344 -25.87 -18.65 25.70
CA LYS E 344 -25.09 -17.66 26.45
C LYS E 344 -24.77 -16.43 25.59
N LEU E 345 -24.72 -16.63 24.27
CA LEU E 345 -24.55 -15.53 23.33
C LEU E 345 -25.79 -14.65 23.30
N ALA E 346 -26.96 -15.28 23.43
CA ALA E 346 -28.23 -14.55 23.48
C ALA E 346 -28.24 -13.56 24.64
N ILE E 347 -27.90 -14.04 25.83
CA ILE E 347 -27.80 -13.20 27.03
C ILE E 347 -26.79 -12.07 26.81
N ALA E 348 -25.60 -12.45 26.33
CA ALA E 348 -24.51 -11.50 26.09
C ALA E 348 -24.89 -10.37 25.14
N ALA E 349 -25.72 -10.68 24.15
CA ALA E 349 -26.21 -9.68 23.20
C ALA E 349 -27.15 -8.68 23.89
N ARG E 350 -28.14 -9.20 24.60
CA ARG E 350 -29.16 -8.39 25.26
C ARG E 350 -28.60 -7.54 26.39
N VAL E 351 -27.59 -8.07 27.08
CA VAL E 351 -26.96 -7.38 28.20
C VAL E 351 -26.05 -6.24 27.72
N ASP E 352 -25.57 -6.35 26.49
CA ASP E 352 -24.77 -5.29 25.87
C ASP E 352 -25.64 -4.30 25.09
N ALA E 353 -26.86 -4.74 24.75
CA ALA E 353 -27.83 -3.88 24.08
C ALA E 353 -28.43 -2.86 25.04
N PHE E 354 -28.63 -3.27 26.29
CA PHE E 354 -29.00 -2.35 27.36
C PHE E 354 -27.80 -1.50 27.78
N SER E 355 -26.60 -1.96 27.39
CA SER E 355 -25.33 -1.36 27.78
C SER E 355 -25.08 -1.57 29.29
N GLY E 356 -25.21 -2.84 29.69
CA GLY E 356 -25.07 -3.24 31.08
C GLY E 356 -23.64 -3.53 31.49
N ARG E 357 -23.51 -4.21 32.62
CA ARG E 357 -22.21 -4.48 33.23
C ARG E 357 -21.39 -5.57 32.50
N PHE E 358 -20.39 -6.10 33.18
CA PHE E 358 -19.58 -7.19 32.66
C PHE E 358 -19.95 -8.48 33.40
N ILE E 359 -20.42 -9.47 32.64
CA ILE E 359 -20.79 -10.78 33.19
C ILE E 359 -20.06 -11.92 32.47
N GLY E 360 -18.96 -11.59 31.80
CA GLY E 360 -18.16 -12.56 31.07
C GLY E 360 -17.43 -13.55 31.96
N ASP E 361 -17.01 -13.09 33.14
CA ASP E 361 -16.31 -13.94 34.10
C ASP E 361 -17.18 -15.05 34.68
N GLN E 362 -18.50 -14.82 34.77
CA GLN E 362 -19.43 -15.87 35.18
C GLN E 362 -19.97 -16.69 34.01
N LEU E 363 -20.23 -16.04 32.88
CA LEU E 363 -20.76 -16.73 31.71
C LEU E 363 -19.80 -17.76 31.14
N ASN E 364 -18.51 -17.43 31.11
CA ASN E 364 -17.46 -18.37 30.69
C ASN E 364 -17.34 -19.54 31.66
N GLU E 365 -17.56 -19.27 32.94
CA GLU E 365 -17.53 -20.30 33.98
C GLU E 365 -18.80 -21.14 33.94
N GLN E 366 -19.90 -20.54 33.47
CA GLN E 366 -21.17 -21.24 33.30
C GLN E 366 -21.14 -22.15 32.07
N LEU E 367 -20.44 -21.71 31.03
CA LEU E 367 -20.28 -22.50 29.82
C LEU E 367 -19.25 -23.61 30.04
N LYS E 368 -18.21 -23.30 30.80
CA LYS E 368 -17.14 -24.26 31.11
C LYS E 368 -17.67 -25.45 31.91
N LYS E 369 -18.57 -25.18 32.85
CA LYS E 369 -19.21 -26.23 33.66
C LYS E 369 -20.06 -27.17 32.81
N ARG E 370 -20.73 -26.60 31.81
CA ARG E 370 -21.63 -27.37 30.94
C ARG E 370 -20.90 -28.11 29.82
N ILE E 371 -19.78 -27.54 29.37
CA ILE E 371 -18.90 -28.23 28.41
C ILE E 371 -18.23 -29.44 29.09
N ASP E 372 -17.85 -29.27 30.35
CA ASP E 372 -17.28 -30.35 31.15
C ASP E 372 -18.31 -31.42 31.53
N GLU E 373 -19.58 -31.03 31.57
CA GLU E 373 -20.67 -31.96 31.85
C GLU E 373 -21.14 -32.72 30.61
N ILE E 374 -20.68 -32.27 29.44
CA ILE E 374 -20.95 -32.96 28.17
C ILE E 374 -19.81 -33.95 27.87
N LYS E 375 -18.58 -33.56 28.21
CA LYS E 375 -17.40 -34.42 28.02
C LYS E 375 -17.36 -35.62 28.96
N GLU E 376 -17.99 -35.50 30.13
CA GLU E 376 -17.99 -36.57 31.13
C GLU E 376 -19.18 -37.53 31.01
N LYS E 377 -19.99 -37.35 29.97
CA LYS E 377 -21.10 -38.27 29.66
C LYS E 377 -20.73 -39.17 28.48
N PHE E 378 -19.53 -39.73 28.54
CA PHE E 378 -18.95 -40.57 27.46
C PHE E 378 -18.94 -39.87 26.11
N ILE F 5 22.82 1.71 8.64
CA ILE F 5 22.03 1.55 9.89
C ILE F 5 22.91 1.01 11.02
N THR F 6 22.78 1.63 12.20
CA THR F 6 23.51 1.23 13.42
C THR F 6 22.75 1.71 14.66
N VAL F 7 22.78 0.93 15.73
CA VAL F 7 22.13 1.30 17.00
C VAL F 7 23.14 1.39 18.15
N LYS F 8 23.23 2.57 18.75
CA LYS F 8 24.23 2.86 19.79
C LYS F 8 23.56 3.28 21.11
N GLN F 9 24.05 2.72 22.22
CA GLN F 9 23.56 3.04 23.56
C GLN F 9 23.94 4.48 23.96
N THR F 10 22.98 5.21 24.50
CA THR F 10 23.21 6.59 24.95
C THR F 10 23.36 6.68 26.47
N ASN F 11 23.55 7.90 26.98
CA ASN F 11 23.71 8.16 28.41
C ASN F 11 22.59 7.55 29.25
N MET F 12 21.36 7.80 28.83
CA MET F 12 20.17 7.37 29.56
C MET F 12 19.83 5.91 29.30
N GLU F 13 19.41 5.21 30.35
CA GLU F 13 19.14 3.77 30.30
C GLU F 13 17.98 3.46 29.37
N ASN F 14 18.09 2.34 28.65
CA ASN F 14 17.06 1.85 27.71
C ASN F 14 16.69 2.83 26.59
N ILE F 15 17.53 3.84 26.39
CA ILE F 15 17.35 4.81 25.32
C ILE F 15 18.56 4.77 24.39
N TYR F 16 18.30 4.67 23.09
CA TYR F 16 19.35 4.50 22.09
C TYR F 16 19.29 5.58 21.02
N GLU F 17 20.33 5.66 20.20
CA GLU F 17 20.36 6.52 19.02
C GLU F 17 20.49 5.69 17.75
N CYS F 18 19.90 6.17 16.68
CA CYS F 18 19.92 5.45 15.41
C CYS F 18 20.67 6.18 14.29
N GLU F 19 21.86 5.68 13.99
CA GLU F 19 22.63 6.13 12.84
C GLU F 19 21.96 5.60 11.58
N PHE F 20 21.84 6.45 10.56
CA PHE F 20 21.22 6.05 9.29
C PHE F 20 22.19 6.11 8.13
N ASN F 21 21.78 5.56 6.99
CA ASN F 21 22.55 5.63 5.75
C ASN F 21 22.65 7.06 5.19
N ASP F 22 21.66 7.89 5.50
CA ASP F 22 21.66 9.30 5.10
C ASP F 22 22.23 10.24 6.19
N GLY F 23 22.66 9.64 7.30
CA GLY F 23 23.38 10.38 8.35
C GLY F 23 22.55 10.90 9.52
N SER F 24 21.25 11.01 9.32
CA SER F 24 20.34 11.57 10.33
C SER F 24 20.23 10.70 11.57
N PHE F 25 20.05 11.35 12.73
CA PHE F 25 19.90 10.66 14.00
C PHE F 25 18.49 10.83 14.54
N ARG F 26 17.84 9.70 14.78
CA ARG F 26 16.53 9.69 15.41
C ARG F 26 16.62 8.87 16.70
N LEU F 27 16.03 9.39 17.78
CA LEU F 27 16.05 8.70 19.07
C LEU F 27 15.40 7.32 18.99
N CYS F 28 15.81 6.43 19.88
CA CYS F 28 15.46 5.02 19.76
C CYS F 28 15.07 4.38 21.09
N THR F 29 14.03 3.56 21.06
CA THR F 29 13.60 2.80 22.23
C THR F 29 13.53 1.31 21.91
N ARG F 30 13.83 0.48 22.91
CA ARG F 30 13.74 -0.97 22.77
C ARG F 30 12.29 -1.41 22.75
N ASN F 31 11.84 -1.88 21.58
CA ASN F 31 10.48 -2.33 21.40
C ASN F 31 10.15 -3.50 22.34
N LEU F 32 9.33 -3.21 23.35
CA LEU F 32 8.98 -4.20 24.36
C LEU F 32 8.08 -5.30 23.82
N VAL F 33 7.23 -4.95 22.85
CA VAL F 33 6.37 -5.92 22.17
C VAL F 33 6.71 -5.95 20.68
N PRO F 34 7.31 -7.06 20.21
CA PRO F 34 7.66 -7.21 18.80
C PRO F 34 6.46 -7.57 17.92
N ASN F 35 6.69 -7.65 16.61
CA ASN F 35 5.68 -8.01 15.61
C ASN F 35 4.66 -6.91 15.26
N PHE F 36 4.30 -6.08 16.23
CA PHE F 36 3.22 -5.11 16.07
C PHE F 36 3.68 -3.69 15.73
N ASN F 37 3.00 -2.70 16.32
CA ASN F 37 3.12 -1.27 15.97
C ASN F 37 2.65 -0.97 14.54
N VAL F 38 3.08 -1.82 13.61
CA VAL F 38 2.52 -1.90 12.26
C VAL F 38 2.64 -0.59 11.45
N TYR F 39 1.51 0.09 11.28
CA TYR F 39 1.39 1.21 10.35
C TYR F 39 1.46 2.54 11.09
N GLY F 40 2.49 3.32 10.77
CA GLY F 40 2.75 4.59 11.43
C GLY F 40 4.24 4.81 11.60
N GLU F 41 4.76 4.41 12.76
CA GLU F 41 6.20 4.50 13.05
C GLU F 41 6.97 3.43 12.27
N ARG F 42 8.26 3.70 12.04
CA ARG F 42 9.11 2.82 11.24
C ARG F 42 9.79 1.75 12.11
N LEU F 43 9.73 0.51 11.65
CA LEU F 43 10.31 -0.62 12.37
C LEU F 43 11.68 -1.01 11.82
N ILE F 44 12.64 -1.21 12.72
CA ILE F 44 14.03 -1.50 12.35
C ILE F 44 14.68 -2.59 13.21
N LYS F 45 15.47 -3.44 12.57
CA LYS F 45 16.21 -4.50 13.25
C LYS F 45 17.71 -4.27 13.19
N TYR F 46 18.39 -4.58 14.29
CA TYR F 46 19.84 -4.47 14.38
C TYR F 46 20.39 -5.49 15.37
N GLU F 47 21.10 -6.49 14.85
CA GLU F 47 21.68 -7.59 15.65
C GLU F 47 20.64 -8.30 16.54
N GLY F 48 19.55 -8.73 15.91
CA GLY F 48 18.52 -9.52 16.59
C GLY F 48 17.39 -8.73 17.21
N VAL F 49 17.74 -7.63 17.88
CA VAL F 49 16.79 -6.81 18.64
C VAL F 49 16.01 -5.85 17.74
N GLU F 50 14.72 -5.68 18.05
CA GLU F 50 13.84 -4.77 17.31
C GLU F 50 13.70 -3.44 18.04
N TYR F 51 13.78 -2.35 17.28
CA TYR F 51 13.76 -1.00 17.84
C TYR F 51 12.68 -0.12 17.21
N ARG F 52 12.20 0.87 17.97
CA ARG F 52 11.18 1.79 17.47
C ARG F 52 11.68 3.23 17.39
N GLU F 53 11.38 3.88 16.27
CA GLU F 53 11.76 5.26 16.02
C GLU F 53 11.00 6.21 16.93
N TRP F 54 11.74 7.07 17.63
CA TRP F 54 11.16 8.05 18.54
C TRP F 54 11.39 9.47 18.01
N ASN F 55 10.36 10.01 17.37
CA ASN F 55 10.43 11.33 16.77
C ASN F 55 10.42 12.44 17.82
N ALA F 56 11.38 13.36 17.70
CA ALA F 56 11.59 14.41 18.70
C ALA F 56 10.68 15.61 18.54
N PHE F 57 9.92 15.64 17.44
CA PHE F 57 9.04 16.75 17.16
C PHE F 57 7.60 16.50 17.60
N ARG F 58 7.21 15.23 17.62
CA ARG F 58 5.90 14.84 18.13
C ARG F 58 5.92 14.68 19.65
N SER F 59 6.99 14.12 20.18
CA SER F 59 7.13 13.94 21.62
C SER F 59 7.87 15.10 22.27
N LYS F 60 7.22 15.69 23.28
CA LYS F 60 7.83 16.76 24.05
C LYS F 60 9.02 16.24 24.85
N LEU F 61 8.90 15.01 25.35
CA LEU F 61 9.96 14.36 26.12
C LEU F 61 11.20 14.17 25.25
N ALA F 62 10.98 13.61 24.05
CA ALA F 62 12.08 13.38 23.10
C ALA F 62 12.74 14.68 22.69
N GLY F 63 11.94 15.75 22.63
CA GLY F 63 12.47 17.09 22.43
C GLY F 63 13.42 17.46 23.54
N ALA F 64 12.99 17.26 24.78
CA ALA F 64 13.79 17.60 25.96
C ALA F 64 15.13 16.87 26.01
N ILE F 65 15.13 15.62 25.57
CA ILE F 65 16.35 14.81 25.55
C ILE F 65 17.36 15.39 24.56
N LEU F 66 16.90 15.67 23.35
CA LEU F 66 17.75 16.29 22.33
C LEU F 66 18.12 17.71 22.73
N LYS F 67 17.25 18.34 23.51
CA LYS F 67 17.47 19.69 24.01
C LYS F 67 18.47 19.72 25.15
N GLY F 68 18.95 18.54 25.54
CA GLY F 68 20.01 18.41 26.53
C GLY F 68 19.53 18.29 27.96
N LEU F 69 18.61 17.36 28.19
CA LEU F 69 18.18 17.04 29.55
C LEU F 69 19.28 16.24 30.23
N LYS F 70 19.86 16.82 31.28
CA LYS F 70 21.02 16.22 31.95
C LYS F 70 20.74 14.88 32.62
N THR F 71 19.67 14.83 33.41
CA THR F 71 19.30 13.61 34.14
C THR F 71 17.86 13.22 33.91
N ASN F 72 17.65 12.02 33.36
CA ASN F 72 16.32 11.49 33.13
C ASN F 72 15.92 10.51 34.23
N PRO F 73 14.84 10.84 34.98
CA PRO F 73 14.36 9.98 36.06
C PRO F 73 13.69 8.69 35.56
N ILE F 74 13.18 8.71 34.32
CA ILE F 74 12.57 7.51 33.75
C ILE F 74 13.64 6.57 33.23
N ARG F 75 13.75 5.41 33.88
CA ARG F 75 14.70 4.37 33.50
C ARG F 75 14.04 2.99 33.66
N LYS F 76 14.85 1.93 33.80
CA LYS F 76 14.32 0.57 33.99
C LYS F 76 13.68 0.42 35.37
N GLY F 77 12.43 -0.03 35.39
CA GLY F 77 11.71 -0.30 36.63
C GLY F 77 11.06 0.91 37.27
N THR F 78 10.93 2.00 36.50
CA THR F 78 10.33 3.23 37.00
C THR F 78 8.81 3.13 36.93
N LYS F 79 8.15 3.53 38.00
CA LYS F 79 6.69 3.64 38.00
C LYS F 79 6.34 5.11 37.80
N VAL F 80 5.52 5.40 36.78
CA VAL F 80 5.16 6.79 36.46
C VAL F 80 3.66 7.05 36.47
N LEU F 81 3.29 8.27 36.88
CA LEU F 81 1.95 8.77 36.69
C LEU F 81 2.01 9.79 35.56
N TYR F 82 1.33 9.47 34.45
CA TYR F 82 1.37 10.29 33.24
C TYR F 82 0.05 11.04 33.04
N LEU F 83 0.05 12.32 33.42
CA LEU F 83 -1.13 13.17 33.33
C LEU F 83 -1.17 13.89 31.98
N GLY F 84 -2.01 13.39 31.09
CA GLY F 84 -2.08 13.90 29.71
C GLY F 84 -1.65 12.83 28.74
N ALA F 85 -2.11 11.60 28.98
CA ALA F 85 -1.73 10.43 28.21
C ALA F 85 -1.95 10.57 26.70
N ALA F 86 -3.09 11.16 26.32
CA ALA F 86 -3.47 11.38 24.91
C ALA F 86 -3.51 10.10 24.07
N SER F 87 -3.11 10.21 22.80
CA SER F 87 -3.22 9.11 21.83
C SER F 87 -2.20 7.98 22.03
N GLY F 88 -1.31 8.13 23.00
CA GLY F 88 -0.42 7.05 23.41
C GLY F 88 0.98 7.05 22.84
N THR F 89 1.24 7.90 21.85
CA THR F 89 2.54 7.94 21.18
C THR F 89 3.70 7.99 22.18
N THR F 90 3.72 9.02 23.01
CA THR F 90 4.85 9.32 23.88
C THR F 90 5.01 8.33 25.04
N ILE F 91 3.90 7.84 25.57
CA ILE F 91 3.93 6.86 26.68
C ILE F 91 4.41 5.49 26.23
N SER F 92 4.14 5.15 24.96
CA SER F 92 4.59 3.89 24.41
C SER F 92 6.10 3.80 24.48
N HIS F 93 6.76 4.94 24.30
CA HIS F 93 8.23 5.02 24.42
C HIS F 93 8.71 4.94 25.87
N VAL F 94 7.96 5.52 26.81
CA VAL F 94 8.28 5.35 28.23
C VAL F 94 7.92 3.93 28.68
N SER F 95 6.89 3.36 28.07
CA SER F 95 6.57 1.95 28.24
C SER F 95 7.79 1.11 27.90
N ASP F 96 8.43 1.45 26.78
CA ASP F 96 9.65 0.78 26.31
C ASP F 96 10.83 0.98 27.26
N ILE F 97 11.02 2.22 27.71
CA ILE F 97 12.12 2.58 28.63
C ILE F 97 11.92 1.94 29.99
N ILE F 98 10.69 2.01 30.49
CA ILE F 98 10.31 1.47 31.79
C ILE F 98 10.54 -0.04 31.90
N GLU F 99 10.26 -0.76 30.81
CA GLU F 99 10.28 -2.23 30.76
C GLU F 99 9.18 -2.88 31.62
N LEU F 100 9.09 -4.21 31.57
CA LEU F 100 8.00 -4.92 32.22
C LEU F 100 7.97 -4.80 33.75
N ASN F 101 9.12 -4.55 34.36
CA ASN F 101 9.23 -4.44 35.82
C ASN F 101 8.72 -3.12 36.40
N GLY F 102 8.68 -2.09 35.56
CA GLY F 102 8.11 -0.81 35.95
C GLY F 102 6.72 -0.64 35.35
N LYS F 103 6.01 0.40 35.78
CA LYS F 103 4.63 0.59 35.34
C LYS F 103 4.28 2.04 34.96
N ALA F 104 3.35 2.17 34.03
CA ALA F 104 2.90 3.47 33.54
C ALA F 104 1.39 3.64 33.68
N TYR F 105 0.97 4.42 34.67
CA TYR F 105 -0.43 4.77 34.84
C TYR F 105 -0.74 6.04 34.05
N GLY F 106 -1.58 5.92 33.04
CA GLY F 106 -1.90 7.04 32.15
C GLY F 106 -3.30 7.58 32.33
N VAL F 107 -3.40 8.89 32.52
CA VAL F 107 -4.68 9.56 32.73
C VAL F 107 -4.95 10.55 31.62
N GLU F 108 -5.98 10.29 30.82
CA GLU F 108 -6.37 11.16 29.73
C GLU F 108 -7.86 11.52 29.85
N PHE F 109 -8.20 12.74 29.47
CA PHE F 109 -9.54 13.28 29.71
C PHE F 109 -10.55 13.02 28.61
N SER F 110 -10.24 13.50 27.40
CA SER F 110 -11.19 13.44 26.29
C SER F 110 -11.32 12.02 25.74
N PRO F 111 -12.55 11.49 25.67
CA PRO F 111 -12.85 10.14 25.19
C PRO F 111 -12.35 9.91 23.77
N ARG F 112 -12.51 10.92 22.92
CA ARG F 112 -12.08 10.88 21.53
C ARG F 112 -10.65 10.38 21.36
N VAL F 113 -9.83 10.60 22.39
CA VAL F 113 -8.41 10.27 22.34
C VAL F 113 -8.09 9.01 23.15
N VAL F 114 -8.81 8.80 24.26
CA VAL F 114 -8.58 7.66 25.15
C VAL F 114 -8.72 6.33 24.43
N ARG F 115 -9.73 6.23 23.56
CA ARG F 115 -9.97 5.01 22.80
C ARG F 115 -8.71 4.57 22.03
N GLU F 116 -7.94 5.55 21.54
CA GLU F 116 -6.65 5.28 20.89
C GLU F 116 -5.62 4.82 21.89
N LEU F 117 -5.61 5.45 23.06
CA LEU F 117 -4.71 5.08 24.15
C LEU F 117 -4.93 3.62 24.56
N LEU F 118 -6.20 3.21 24.58
CA LEU F 118 -6.57 1.84 24.91
C LEU F 118 -5.85 0.84 24.01
N LEU F 119 -5.96 1.04 22.69
CA LEU F 119 -5.32 0.16 21.71
C LEU F 119 -3.83 0.03 22.00
N VAL F 120 -3.18 1.14 22.34
CA VAL F 120 -1.76 1.16 22.69
C VAL F 120 -1.53 0.41 24.01
N ALA F 121 -2.39 0.68 24.99
CA ALA F 121 -2.27 0.07 26.31
C ALA F 121 -2.74 -1.39 26.34
N GLN F 122 -3.40 -1.82 25.26
CA GLN F 122 -3.85 -3.20 25.14
C GLN F 122 -2.66 -4.15 25.06
N ARG F 123 -1.81 -3.94 24.06
CA ARG F 123 -0.69 -4.83 23.78
C ARG F 123 0.46 -4.70 24.77
N ARG F 124 0.53 -3.56 25.44
CA ARG F 124 1.59 -3.30 26.42
C ARG F 124 1.04 -3.47 27.84
N PRO F 125 1.52 -4.50 28.55
CA PRO F 125 0.96 -4.86 29.86
C PRO F 125 1.54 -4.05 31.03
N ASN F 126 2.28 -2.98 30.71
CA ASN F 126 2.80 -2.08 31.73
C ASN F 126 2.12 -0.71 31.72
N ILE F 127 1.26 -0.48 30.74
CA ILE F 127 0.47 0.76 30.67
C ILE F 127 -0.94 0.52 31.19
N PHE F 128 -1.35 1.34 32.15
CA PHE F 128 -2.67 1.22 32.75
C PHE F 128 -3.45 2.50 32.47
N PRO F 129 -4.32 2.46 31.43
CA PRO F 129 -5.05 3.63 30.96
C PRO F 129 -6.21 4.00 31.86
N LEU F 130 -6.48 5.30 31.97
CA LEU F 130 -7.56 5.81 32.81
C LEU F 130 -8.21 7.05 32.21
N LEU F 131 -9.50 6.95 31.93
CA LEU F 131 -10.29 8.10 31.54
C LEU F 131 -10.65 8.83 32.83
N ALA F 132 -10.05 10.00 33.02
CA ALA F 132 -10.25 10.80 34.24
C ALA F 132 -9.79 12.25 34.11
N ASP F 133 -10.38 13.12 34.93
CA ASP F 133 -9.96 14.51 35.04
C ASP F 133 -8.82 14.60 36.05
N ALA F 134 -7.70 15.19 35.63
CA ALA F 134 -6.52 15.30 36.48
C ALA F 134 -6.72 16.26 37.67
N ARG F 135 -7.76 17.09 37.60
CA ARG F 135 -8.13 17.97 38.71
C ARG F 135 -8.74 17.21 39.88
N PHE F 136 -9.12 15.96 39.66
CA PHE F 136 -9.74 15.15 40.70
C PHE F 136 -9.02 13.81 40.89
N PRO F 137 -7.85 13.84 41.57
CA PRO F 137 -7.08 12.61 41.79
C PRO F 137 -7.83 11.59 42.65
N GLN F 138 -8.89 12.02 43.32
CA GLN F 138 -9.74 11.11 44.08
C GLN F 138 -10.35 10.04 43.17
N SER F 139 -10.62 10.42 41.92
CA SER F 139 -11.30 9.55 40.96
C SER F 139 -10.48 8.31 40.54
N TYR F 140 -9.17 8.40 40.66
CA TYR F 140 -8.30 7.26 40.36
C TYR F 140 -7.41 6.83 41.53
N LYS F 141 -7.58 7.51 42.66
CA LYS F 141 -6.92 7.15 43.92
C LYS F 141 -7.08 5.66 44.22
N SER F 142 -8.17 5.10 43.73
CA SER F 142 -8.57 3.72 44.02
C SER F 142 -7.95 2.71 43.06
N VAL F 143 -7.40 3.20 41.95
CA VAL F 143 -6.83 2.33 40.91
C VAL F 143 -5.31 2.35 40.87
N VAL F 144 -4.72 3.54 40.92
CA VAL F 144 -3.28 3.70 40.78
C VAL F 144 -2.47 3.32 42.02
N GLU F 145 -1.19 3.66 41.98
CA GLU F 145 -0.20 3.29 42.98
C GLU F 145 0.70 4.50 43.18
N ASN F 146 1.48 4.52 44.26
CA ASN F 146 2.49 5.57 44.43
C ASN F 146 3.67 5.41 43.46
N VAL F 147 3.95 6.48 42.73
CA VAL F 147 4.89 6.41 41.60
C VAL F 147 6.24 7.07 41.90
N ASP F 148 7.17 6.97 40.95
CA ASP F 148 8.52 7.52 41.08
C ASP F 148 8.72 8.81 40.29
N VAL F 149 7.98 8.96 39.19
CA VAL F 149 8.07 10.15 38.34
C VAL F 149 6.67 10.65 37.94
N LEU F 150 6.46 11.96 38.05
CA LEU F 150 5.21 12.57 37.69
C LEU F 150 5.38 13.38 36.40
N TYR F 151 4.84 12.85 35.29
CA TYR F 151 4.83 13.58 34.03
C TYR F 151 3.48 14.26 33.85
N VAL F 152 3.51 15.58 33.66
CA VAL F 152 2.28 16.38 33.58
C VAL F 152 2.28 17.25 32.31
N ASP F 153 1.36 16.95 31.41
CA ASP F 153 1.26 17.63 30.12
C ASP F 153 -0.22 17.86 29.79
N ILE F 154 -0.83 18.79 30.51
CA ILE F 154 -2.27 19.05 30.36
C ILE F 154 -2.50 20.37 29.65
N ALA F 155 -3.59 20.43 28.88
CA ALA F 155 -3.96 21.64 28.16
C ALA F 155 -4.77 22.58 29.06
N GLN F 156 -4.20 22.96 30.18
CA GLN F 156 -4.87 23.84 31.16
C GLN F 156 -4.03 25.08 31.51
N PRO F 157 -4.70 26.17 31.94
CA PRO F 157 -3.97 27.36 32.39
C PRO F 157 -3.33 27.19 33.77
N ASP F 158 -3.83 26.22 34.54
CA ASP F 158 -3.42 26.03 35.93
C ASP F 158 -2.69 24.71 36.18
N GLN F 159 -1.98 24.22 35.16
CA GLN F 159 -1.24 22.97 35.24
C GLN F 159 -0.38 22.86 36.50
N THR F 160 0.35 23.94 36.78
CA THR F 160 1.38 23.96 37.82
C THR F 160 0.88 23.41 39.15
N ASP F 161 -0.25 23.91 39.65
CA ASP F 161 -0.81 23.42 40.91
C ASP F 161 -1.83 22.27 40.76
N ILE F 162 -2.14 21.89 39.52
CA ILE F 162 -2.87 20.65 39.27
C ILE F 162 -1.90 19.48 39.49
N ALA F 163 -0.67 19.68 39.03
CA ALA F 163 0.41 18.71 39.21
C ALA F 163 0.80 18.62 40.68
N ILE F 164 1.00 19.76 41.33
CA ILE F 164 1.35 19.82 42.74
C ILE F 164 0.34 19.03 43.59
N TYR F 165 -0.94 19.26 43.32
CA TYR F 165 -2.02 18.53 43.98
C TYR F 165 -1.87 17.02 43.77
N ASN F 166 -1.65 16.63 42.52
CA ASN F 166 -1.43 15.23 42.17
C ASN F 166 -0.19 14.64 42.82
N ALA F 167 0.83 15.48 43.00
CA ALA F 167 2.12 15.03 43.53
C ALA F 167 2.01 14.61 44.99
N LYS F 168 1.40 15.45 45.82
CA LYS F 168 1.25 15.13 47.25
C LYS F 168 0.30 13.95 47.49
N PHE F 169 -0.37 13.51 46.42
CA PHE F 169 -1.15 12.28 46.44
C PHE F 169 -0.29 11.04 46.18
N PHE F 170 0.37 11.02 45.03
CA PHE F 170 0.98 9.78 44.51
C PHE F 170 2.51 9.78 44.39
N LEU F 171 3.12 10.96 44.25
CA LEU F 171 4.57 11.05 44.04
C LEU F 171 5.34 10.73 45.32
N LYS F 172 6.23 9.75 45.25
CA LYS F 172 7.08 9.37 46.38
C LYS F 172 7.97 10.50 46.85
N VAL F 173 8.34 10.47 48.13
CA VAL F 173 9.32 11.40 48.68
C VAL F 173 10.67 11.17 48.00
N ASN F 174 11.39 12.25 47.70
CA ASN F 174 12.64 12.19 46.91
C ASN F 174 12.42 11.83 45.44
N GLY F 175 11.17 11.88 45.01
CA GLY F 175 10.82 11.55 43.62
C GLY F 175 11.02 12.72 42.68
N ASP F 176 10.62 12.54 41.43
CA ASP F 176 10.82 13.55 40.40
C ASP F 176 9.55 13.91 39.65
N MET F 177 9.57 15.08 39.00
CA MET F 177 8.40 15.59 38.29
C MET F 177 8.78 16.34 37.02
N LEU F 178 8.17 15.94 35.91
CA LEU F 178 8.32 16.63 34.63
C LEU F 178 7.04 17.39 34.31
N LEU F 179 7.11 18.71 34.38
CA LEU F 179 5.96 19.56 34.08
C LEU F 179 6.11 20.18 32.71
N VAL F 180 4.98 20.40 32.03
CA VAL F 180 4.98 21.05 30.71
C VAL F 180 4.26 22.39 30.81
N ILE F 181 4.97 23.46 30.45
CA ILE F 181 4.47 24.83 30.60
C ILE F 181 4.49 25.58 29.27
N LYS F 182 3.41 26.30 28.98
CA LYS F 182 3.29 27.08 27.75
C LYS F 182 4.13 28.36 27.84
N ALA F 183 5.45 28.20 27.76
CA ALA F 183 6.40 29.30 27.95
C ALA F 183 6.72 30.02 26.65
N VAL F 188 11.28 34.88 24.00
CA VAL F 188 11.19 34.22 25.30
C VAL F 188 12.57 33.78 25.80
N THR F 189 13.49 33.53 24.86
CA THR F 189 14.85 33.11 25.21
C THR F 189 15.85 34.28 25.14
N LYS F 190 16.47 34.57 26.28
CA LYS F 190 17.52 35.58 26.36
C LYS F 190 18.72 35.05 27.15
N ASP F 191 19.35 35.89 27.95
CA ASP F 191 20.54 35.49 28.71
C ASP F 191 20.50 35.53 30.25
N PRO F 192 19.29 35.66 30.85
CA PRO F 192 19.18 35.16 32.23
C PRO F 192 19.21 33.62 32.25
N LYS F 193 18.60 33.00 33.26
CA LYS F 193 18.59 31.54 33.35
C LYS F 193 17.21 30.97 33.65
N GLU F 194 16.57 31.50 34.69
CA GLU F 194 15.26 31.03 35.13
C GLU F 194 14.45 32.16 35.81
N ILE F 195 14.96 33.38 35.67
CA ILE F 195 14.24 34.58 36.11
C ILE F 195 12.99 34.78 35.24
N TYR F 196 13.09 34.30 34.00
CA TYR F 196 11.99 34.39 33.04
C TYR F 196 10.82 33.48 33.46
N LYS F 197 11.15 32.32 34.02
CA LYS F 197 10.15 31.34 34.43
C LYS F 197 9.84 31.37 35.94
N THR F 198 10.02 32.53 36.58
CA THR F 198 9.82 32.67 38.02
C THR F 198 8.39 32.42 38.51
N GLU F 199 7.41 32.80 37.69
CA GLU F 199 5.99 32.62 38.02
C GLU F 199 5.65 31.17 38.38
N VAL F 200 6.15 30.25 37.55
CA VAL F 200 5.93 28.81 37.77
C VAL F 200 7.05 28.16 38.60
N GLU F 201 8.21 28.81 38.64
CA GLU F 201 9.35 28.34 39.43
C GLU F 201 9.12 28.54 40.93
N LYS F 202 8.72 29.74 41.31
CA LYS F 202 8.49 30.08 42.73
C LYS F 202 7.26 29.37 43.31
N LEU F 203 6.27 29.12 42.45
CA LEU F 203 5.05 28.43 42.85
C LEU F 203 5.37 27.00 43.33
N GLU F 204 6.40 26.41 42.73
CA GLU F 204 6.86 25.10 43.14
C GLU F 204 7.76 25.16 44.36
N ASN F 205 8.62 26.19 44.40
CA ASN F 205 9.59 26.35 45.49
C ASN F 205 8.99 26.41 46.89
N SER F 206 7.65 26.42 46.96
CA SER F 206 6.93 26.32 48.22
C SER F 206 7.03 24.90 48.82
N ASN F 207 7.20 23.91 47.95
CA ASN F 207 7.31 22.50 48.38
C ASN F 207 8.10 21.58 47.42
N PHE F 208 8.70 22.16 46.39
CA PHE F 208 9.47 21.41 45.40
C PHE F 208 10.90 21.94 45.25
N GLU F 209 11.70 21.25 44.45
CA GLU F 209 13.07 21.69 44.15
C GLU F 209 13.33 21.66 42.64
N THR F 210 13.65 22.82 42.09
CA THR F 210 13.93 22.96 40.66
C THR F 210 15.32 22.41 40.31
N ILE F 211 15.38 21.62 39.25
CA ILE F 211 16.65 21.08 38.75
C ILE F 211 17.00 21.67 37.37
N GLN F 212 16.08 21.51 36.42
CA GLN F 212 16.27 22.01 35.06
C GLN F 212 15.01 22.62 34.47
N ILE F 213 15.18 23.75 33.78
CA ILE F 213 14.13 24.31 32.95
C ILE F 213 14.62 24.29 31.52
N ILE F 214 13.85 23.68 30.63
CA ILE F 214 14.29 23.43 29.26
C ILE F 214 13.27 23.95 28.25
N ASN F 215 13.67 24.93 27.45
CA ASN F 215 12.82 25.48 26.39
C ASN F 215 12.90 24.58 25.16
N LEU F 216 11.76 24.06 24.73
CA LEU F 216 11.72 23.01 23.71
C LEU F 216 11.93 23.48 22.25
N ASP F 217 12.18 24.77 22.04
CA ASP F 217 12.43 25.30 20.70
C ASP F 217 13.68 24.70 20.07
N PRO F 218 13.60 24.30 18.79
CA PRO F 218 12.46 24.41 17.90
C PRO F 218 11.66 23.11 17.74
N TYR F 219 11.84 22.17 18.66
CA TYR F 219 11.09 20.90 18.61
C TYR F 219 9.62 21.09 18.96
N ASP F 220 9.35 21.99 19.91
CA ASP F 220 8.00 22.45 20.21
C ASP F 220 8.08 23.94 20.49
N LYS F 221 7.63 24.74 19.54
CA LYS F 221 7.83 26.20 19.59
C LYS F 221 6.92 26.94 20.59
N ASP F 222 6.34 26.19 21.52
CA ASP F 222 5.42 26.76 22.51
C ASP F 222 5.81 26.40 23.94
N HIS F 223 6.07 25.12 24.17
CA HIS F 223 6.16 24.59 25.52
C HIS F 223 7.58 24.49 26.05
N ALA F 224 7.69 24.33 27.36
CA ALA F 224 8.96 24.12 28.04
C ALA F 224 8.75 23.14 29.20
N ILE F 225 9.80 22.42 29.57
CA ILE F 225 9.70 21.41 30.64
C ILE F 225 10.50 21.80 31.88
N VAL F 226 9.91 21.56 33.04
CA VAL F 226 10.58 21.80 34.32
C VAL F 226 10.71 20.49 35.10
N LEU F 227 11.95 20.00 35.21
CA LEU F 227 12.26 18.83 36.01
C LEU F 227 12.38 19.23 37.47
N SER F 228 11.67 18.53 38.35
CA SER F 228 11.59 18.90 39.75
C SER F 228 11.69 17.71 40.70
N LYS F 229 12.36 17.93 41.83
CA LYS F 229 12.44 16.93 42.90
C LYS F 229 11.51 17.28 44.05
N TYR F 230 10.76 16.28 44.52
CA TYR F 230 9.81 16.47 45.60
C TYR F 230 10.48 16.24 46.96
N LYS F 231 10.36 17.21 47.87
CA LYS F 231 10.97 17.15 49.20
C LYS F 231 10.27 16.17 50.15
N ALA G 7 -37.54 -2.66 39.59
CA ALA G 7 -37.23 -2.99 38.16
C ALA G 7 -37.52 -1.82 37.25
N SER G 8 -36.61 -1.57 36.31
CA SER G 8 -36.71 -0.41 35.41
C SER G 8 -37.36 -0.73 34.05
N TYR G 9 -37.46 -2.02 33.72
CA TYR G 9 -38.10 -2.44 32.47
C TYR G 9 -39.62 -2.59 32.60
N VAL G 10 -40.13 -2.37 33.81
CA VAL G 10 -41.57 -2.38 34.06
C VAL G 10 -42.14 -1.00 33.74
N LYS G 11 -42.90 -0.92 32.64
CA LYS G 11 -43.47 0.33 32.16
C LYS G 11 -44.61 0.87 33.03
N PHE G 12 -45.46 -0.02 33.53
CA PHE G 12 -46.64 0.36 34.29
C PHE G 12 -46.88 -0.49 35.53
N GLU G 13 -47.54 0.10 36.53
CA GLU G 13 -47.89 -0.58 37.77
C GLU G 13 -49.02 -1.58 37.53
N VAL G 14 -48.83 -2.81 37.99
CA VAL G 14 -49.81 -3.88 37.81
C VAL G 14 -50.41 -4.31 39.16
N PRO G 15 -51.75 -4.18 39.31
CA PRO G 15 -52.45 -4.66 40.51
C PRO G 15 -52.41 -6.17 40.64
N GLN G 16 -52.51 -6.67 41.86
CA GLN G 16 -52.41 -8.09 42.16
C GLN G 16 -53.62 -8.90 41.70
N ASP G 17 -54.77 -8.25 41.57
CA ASP G 17 -55.99 -8.89 41.09
C ASP G 17 -55.90 -9.26 39.61
N LEU G 18 -55.38 -8.35 38.80
CA LEU G 18 -55.17 -8.59 37.38
C LEU G 18 -53.98 -9.53 37.15
N ALA G 19 -53.05 -9.53 38.10
CA ALA G 19 -51.87 -10.40 38.05
C ALA G 19 -52.24 -11.88 38.17
N ASP G 20 -53.19 -12.18 39.04
CA ASP G 20 -53.67 -13.54 39.23
C ASP G 20 -54.68 -13.96 38.17
N LYS G 21 -55.39 -12.98 37.60
CA LYS G 21 -56.32 -13.22 36.51
C LYS G 21 -55.59 -13.47 35.18
N VAL G 22 -54.36 -12.98 35.09
CA VAL G 22 -53.49 -13.28 33.95
C VAL G 22 -52.96 -14.71 34.04
N LEU G 23 -52.53 -15.10 35.24
CA LEU G 23 -52.03 -16.46 35.50
C LEU G 23 -53.07 -17.54 35.17
N GLU G 24 -54.33 -17.27 35.53
CA GLU G 24 -55.45 -18.19 35.28
C GLU G 24 -55.79 -18.30 33.79
N ALA G 25 -55.53 -17.22 33.04
CA ALA G 25 -55.79 -17.19 31.60
C ALA G 25 -54.81 -18.04 30.80
N VAL G 26 -53.59 -18.19 31.31
CA VAL G 26 -52.58 -19.04 30.67
C VAL G 26 -52.82 -20.51 31.01
N ARG G 27 -53.16 -20.79 32.28
CA ARG G 27 -53.43 -22.15 32.76
C ARG G 27 -54.54 -22.85 31.96
N LYS G 28 -55.58 -22.10 31.61
CA LYS G 28 -56.71 -22.61 30.83
C LYS G 28 -56.31 -22.96 29.40
N ALA G 29 -55.33 -22.23 28.86
CA ALA G 29 -54.89 -22.40 27.48
C ALA G 29 -53.89 -23.54 27.30
N LYS G 30 -53.53 -24.21 28.39
CA LYS G 30 -52.58 -25.32 28.35
C LYS G 30 -53.23 -26.67 28.03
N GLU G 31 -54.56 -26.71 28.13
CA GLU G 31 -55.31 -27.94 27.88
C GLU G 31 -56.53 -27.71 26.97
N SER G 32 -56.69 -26.48 26.49
CA SER G 32 -57.77 -26.13 25.57
C SER G 32 -57.26 -25.39 24.33
N GLY G 33 -56.10 -24.76 24.46
CA GLY G 33 -55.48 -24.03 23.35
C GLY G 33 -54.00 -24.37 23.19
N LYS G 34 -53.22 -23.39 22.74
CA LYS G 34 -51.78 -23.58 22.55
C LYS G 34 -51.00 -22.34 22.97
N ILE G 35 -50.01 -22.56 23.84
CA ILE G 35 -49.15 -21.47 24.33
C ILE G 35 -47.65 -21.78 24.13
N LYS G 36 -46.82 -20.75 24.15
CA LYS G 36 -45.38 -20.90 24.07
C LYS G 36 -44.71 -20.45 25.37
N LYS G 37 -43.77 -21.28 25.84
CA LYS G 37 -43.11 -21.08 27.13
C LYS G 37 -41.63 -20.81 26.98
N GLY G 38 -41.14 -19.75 27.63
CA GLY G 38 -39.72 -19.39 27.59
C GLY G 38 -39.43 -18.17 26.72
N THR G 39 -38.38 -17.44 27.09
CA THR G 39 -38.00 -16.18 26.44
C THR G 39 -37.75 -16.33 24.94
N ASN G 40 -37.03 -17.39 24.56
CA ASN G 40 -36.72 -17.68 23.16
C ASN G 40 -37.99 -17.82 22.30
N GLU G 41 -38.88 -18.72 22.70
CA GLU G 41 -40.12 -18.97 21.95
C GLU G 41 -41.07 -17.77 21.97
N THR G 42 -41.14 -17.09 23.10
CA THR G 42 -41.98 -15.90 23.27
C THR G 42 -41.62 -14.82 22.27
N THR G 43 -40.31 -14.61 22.08
CA THR G 43 -39.80 -13.64 21.12
C THR G 43 -40.08 -14.08 19.68
N LYS G 44 -40.04 -15.40 19.44
CA LYS G 44 -40.37 -15.97 18.13
C LYS G 44 -41.85 -15.82 17.78
N ALA G 45 -42.69 -15.73 18.80
CA ALA G 45 -44.13 -15.58 18.60
C ALA G 45 -44.51 -14.16 18.18
N VAL G 46 -43.87 -13.16 18.78
CA VAL G 46 -44.17 -11.76 18.51
C VAL G 46 -43.67 -11.32 17.13
N GLU G 47 -42.53 -11.86 16.71
CA GLU G 47 -41.94 -11.55 15.40
C GLU G 47 -42.82 -12.06 14.26
N ARG G 48 -43.36 -13.28 14.43
CA ARG G 48 -44.19 -13.91 13.42
C ARG G 48 -45.60 -13.33 13.36
N GLY G 49 -46.07 -12.79 14.48
CA GLY G 49 -47.39 -12.17 14.56
C GLY G 49 -48.47 -13.13 15.07
N GLN G 50 -48.05 -14.29 15.55
CA GLN G 50 -48.96 -15.31 16.06
C GLN G 50 -49.41 -15.04 17.49
N ALA G 51 -48.63 -14.22 18.20
CA ALA G 51 -48.90 -13.91 19.61
C ALA G 51 -50.08 -12.97 19.80
N LYS G 52 -50.85 -13.23 20.85
CA LYS G 52 -52.03 -12.41 21.20
C LYS G 52 -51.77 -11.62 22.47
N LEU G 53 -51.12 -12.27 23.45
CA LEU G 53 -50.78 -11.64 24.73
C LEU G 53 -49.43 -12.16 25.23
N VAL G 54 -48.61 -11.25 25.75
CA VAL G 54 -47.30 -11.59 26.26
C VAL G 54 -47.23 -11.38 27.78
N ILE G 55 -46.75 -12.39 28.49
CA ILE G 55 -46.62 -12.34 29.94
C ILE G 55 -45.15 -12.29 30.34
N ILE G 56 -44.78 -11.30 31.13
CA ILE G 56 -43.38 -11.06 31.52
C ILE G 56 -43.20 -11.13 33.03
N ALA G 57 -42.17 -11.85 33.48
CA ALA G 57 -41.85 -11.93 34.90
C ALA G 57 -41.11 -10.68 35.38
N GLU G 58 -41.41 -10.25 36.60
CA GLU G 58 -40.84 -9.02 37.16
C GLU G 58 -39.50 -9.23 37.86
N ASP G 59 -39.29 -10.43 38.39
CA ASP G 59 -38.09 -10.73 39.16
C ASP G 59 -37.05 -11.56 38.38
N VAL G 60 -36.62 -11.02 37.25
CA VAL G 60 -35.61 -11.67 36.41
C VAL G 60 -34.25 -11.00 36.62
N GLN G 61 -33.22 -11.80 36.86
CA GLN G 61 -31.86 -11.29 37.05
C GLN G 61 -30.83 -12.09 36.23
N PRO G 62 -30.05 -11.40 35.39
CA PRO G 62 -30.09 -9.95 35.12
C PRO G 62 -31.31 -9.54 34.28
N GLU G 63 -31.84 -8.36 34.59
CA GLU G 63 -33.09 -7.84 34.00
C GLU G 63 -33.11 -7.79 32.47
N GLU G 64 -31.92 -7.73 31.88
CA GLU G 64 -31.76 -7.44 30.45
C GLU G 64 -32.26 -8.50 29.48
N ILE G 65 -32.51 -9.72 29.99
CA ILE G 65 -32.90 -10.86 29.16
C ILE G 65 -34.26 -10.69 28.48
N VAL G 66 -35.16 -9.95 29.13
CA VAL G 66 -36.52 -9.75 28.62
C VAL G 66 -36.87 -8.30 28.26
N ALA G 67 -35.92 -7.39 28.50
CA ALA G 67 -36.13 -5.95 28.33
C ALA G 67 -36.41 -5.51 26.90
N HIS G 68 -36.18 -6.41 25.94
CA HIS G 68 -36.40 -6.12 24.53
C HIS G 68 -37.86 -6.30 24.11
N LEU G 69 -38.58 -7.15 24.85
CA LEU G 69 -39.96 -7.52 24.52
C LEU G 69 -40.96 -6.36 24.52
N PRO G 70 -40.97 -5.51 25.59
CA PRO G 70 -41.93 -4.41 25.64
C PRO G 70 -41.84 -3.42 24.46
N LEU G 71 -40.61 -3.18 23.97
CA LEU G 71 -40.40 -2.29 22.83
C LEU G 71 -40.52 -3.01 21.49
N LEU G 72 -40.64 -4.34 21.54
CA LEU G 72 -40.88 -5.16 20.36
C LEU G 72 -42.38 -5.33 20.15
N CYS G 73 -43.10 -5.51 21.26
CA CYS G 73 -44.55 -5.73 21.24
C CYS G 73 -45.32 -4.46 20.87
N ASP G 74 -44.73 -3.30 21.12
CA ASP G 74 -45.30 -2.02 20.73
C ASP G 74 -45.24 -1.81 19.22
N GLU G 75 -44.23 -2.41 18.60
CA GLU G 75 -44.00 -2.28 17.15
C GLU G 75 -44.97 -3.13 16.33
N LYS G 76 -45.28 -4.32 16.84
CA LYS G 76 -46.21 -5.23 16.16
C LYS G 76 -47.63 -5.18 16.74
N LYS G 77 -47.88 -4.15 17.56
CA LYS G 77 -49.20 -3.87 18.13
C LYS G 77 -49.83 -5.03 18.92
N ILE G 78 -49.06 -5.61 19.83
CA ILE G 78 -49.53 -6.69 20.69
C ILE G 78 -49.31 -6.30 22.17
N PRO G 79 -50.39 -6.30 22.97
CA PRO G 79 -50.30 -5.95 24.40
C PRO G 79 -49.51 -6.96 25.23
N TYR G 80 -49.07 -6.53 26.40
CA TYR G 80 -48.24 -7.34 27.30
C TYR G 80 -48.49 -7.01 28.76
N VAL G 81 -48.43 -8.03 29.62
CA VAL G 81 -48.69 -7.86 31.05
C VAL G 81 -47.57 -8.46 31.91
N TYR G 82 -47.33 -7.85 33.07
CA TYR G 82 -46.30 -8.32 34.00
C TYR G 82 -46.88 -9.18 35.12
N VAL G 83 -46.14 -10.21 35.52
CA VAL G 83 -46.46 -11.01 36.71
C VAL G 83 -45.38 -10.85 37.79
N SER G 84 -45.80 -10.82 39.04
CA SER G 84 -44.93 -10.50 40.18
C SER G 84 -43.84 -11.53 40.47
N SER G 85 -44.03 -12.76 40.01
CA SER G 85 -43.08 -13.84 40.30
C SER G 85 -42.80 -14.73 39.08
N LYS G 86 -41.57 -15.23 39.00
CA LYS G 86 -41.18 -16.15 37.93
C LYS G 86 -41.42 -17.62 38.31
N LYS G 87 -41.36 -17.89 39.61
CA LYS G 87 -41.63 -19.23 40.15
C LYS G 87 -43.12 -19.55 40.07
N ALA G 88 -43.96 -18.53 40.21
CA ALA G 88 -45.41 -18.66 40.11
C ALA G 88 -45.87 -18.75 38.65
N LEU G 89 -45.02 -18.30 37.73
CA LEU G 89 -45.31 -18.40 36.29
C LEU G 89 -44.80 -19.71 35.71
N GLY G 90 -43.74 -20.25 36.32
CA GLY G 90 -43.14 -21.51 35.88
C GLY G 90 -44.02 -22.72 36.15
N GLU G 91 -44.47 -22.84 37.39
CA GLU G 91 -45.35 -23.95 37.81
C GLU G 91 -46.75 -23.84 37.20
N ALA G 92 -47.16 -22.62 36.87
CA ALA G 92 -48.44 -22.39 36.19
C ALA G 92 -48.41 -22.91 34.76
N CYS G 93 -47.24 -22.86 34.14
CA CYS G 93 -47.05 -23.33 32.77
C CYS G 93 -46.77 -24.83 32.65
N GLY G 94 -47.03 -25.56 33.74
CA GLY G 94 -46.83 -27.01 33.78
C GLY G 94 -45.37 -27.41 33.74
N LEU G 95 -44.53 -26.62 34.42
CA LEU G 95 -43.09 -26.87 34.45
C LEU G 95 -42.58 -26.97 35.88
N GLN G 96 -41.39 -27.55 36.04
CA GLN G 96 -40.76 -27.71 37.35
C GLN G 96 -39.71 -26.62 37.60
N VAL G 97 -39.41 -25.84 36.56
CA VAL G 97 -38.48 -24.71 36.66
C VAL G 97 -39.21 -23.40 36.34
N ALA G 98 -38.57 -22.27 36.64
CA ALA G 98 -39.16 -20.95 36.42
C ALA G 98 -38.97 -20.43 34.99
N THR G 99 -39.97 -19.72 34.51
CA THR G 99 -39.93 -19.09 33.18
C THR G 99 -39.95 -17.56 33.28
N ALA G 100 -39.26 -16.91 32.34
CA ALA G 100 -39.15 -15.44 32.33
C ALA G 100 -40.28 -14.78 31.55
N SER G 101 -40.71 -15.41 30.45
CA SER G 101 -41.81 -14.89 29.65
C SER G 101 -42.62 -15.98 28.97
N ALA G 102 -43.91 -15.71 28.76
CA ALA G 102 -44.82 -16.63 28.10
C ALA G 102 -45.68 -15.90 27.07
N ALA G 103 -46.07 -16.61 26.02
CA ALA G 103 -46.91 -16.03 24.96
C ALA G 103 -48.10 -16.93 24.64
N ILE G 104 -49.22 -16.30 24.30
CA ILE G 104 -50.45 -17.03 23.98
C ILE G 104 -50.78 -16.89 22.48
N LEU G 105 -51.00 -18.02 21.83
CA LEU G 105 -51.35 -18.06 20.41
C LEU G 105 -52.83 -18.42 20.24
N GLU G 106 -53.27 -19.46 20.95
CA GLU G 106 -54.67 -19.88 20.96
C GLU G 106 -55.20 -19.84 22.39
N PRO G 107 -56.19 -18.96 22.66
CA PRO G 107 -56.72 -18.77 24.01
C PRO G 107 -57.51 -19.98 24.55
N GLY G 108 -58.27 -20.63 23.67
CA GLY G 108 -59.04 -21.83 24.04
C GLY G 108 -60.27 -21.50 24.88
N GLU G 109 -60.24 -21.92 26.15
CA GLU G 109 -61.32 -21.66 27.09
C GLU G 109 -61.16 -20.34 27.83
N ALA G 110 -60.09 -19.61 27.52
CA ALA G 110 -59.82 -18.32 28.13
C ALA G 110 -59.90 -17.18 27.10
N LYS G 111 -60.86 -17.29 26.17
CA LYS G 111 -61.08 -16.28 25.16
C LYS G 111 -61.70 -15.00 25.74
N ASP G 112 -62.68 -15.17 26.63
CA ASP G 112 -63.31 -14.04 27.31
C ASP G 112 -62.45 -13.48 28.45
N LEU G 113 -61.58 -14.33 28.99
CA LEU G 113 -60.68 -13.94 30.07
C LEU G 113 -59.51 -13.10 29.56
N VAL G 114 -59.05 -13.39 28.34
CA VAL G 114 -57.97 -12.62 27.70
C VAL G 114 -58.48 -11.27 27.20
N ASP G 115 -59.67 -11.26 26.61
CA ASP G 115 -60.30 -10.02 26.09
C ASP G 115 -60.58 -8.99 27.19
N GLU G 116 -60.72 -9.46 28.42
CA GLU G 116 -60.89 -8.58 29.57
C GLU G 116 -59.54 -8.00 30.02
N ILE G 117 -58.49 -8.81 29.91
CA ILE G 117 -57.13 -8.41 30.31
C ILE G 117 -56.56 -7.34 29.38
N ILE G 118 -56.72 -7.54 28.07
CA ILE G 118 -56.17 -6.63 27.06
C ILE G 118 -56.81 -5.23 27.10
N LYS G 119 -58.02 -5.14 27.63
CA LYS G 119 -58.76 -3.88 27.72
C LYS G 119 -58.60 -3.19 29.07
N ARG G 120 -58.00 -3.90 30.03
CA ARG G 120 -57.72 -3.34 31.36
C ARG G 120 -56.30 -2.76 31.45
N VAL G 121 -55.41 -3.25 30.60
CA VAL G 121 -54.01 -2.79 30.58
C VAL G 121 -53.82 -1.55 29.71
N ASN G 122 -54.72 -1.34 28.76
CA ASN G 122 -54.68 -0.17 27.87
C ASN G 122 -55.04 1.14 28.57
N GLU G 123 -55.68 1.02 29.73
CA GLU G 123 -56.11 2.18 30.51
C GLU G 123 -54.99 2.72 31.40
N ILE G 124 -54.20 1.81 31.96
CA ILE G 124 -53.07 2.17 32.83
C ILE G 124 -51.80 2.53 32.05
N LYS G 125 -51.83 2.31 30.73
CA LYS G 125 -50.73 2.71 29.86
C LYS G 125 -50.73 4.22 29.61
N GLY G 126 -51.84 4.73 29.08
CA GLY G 126 -51.97 6.15 28.77
C GLY G 126 -52.60 6.94 29.91
#